data_2KSD
#
_entry.id   2KSD
#
_cell.length_a   1.000
_cell.length_b   1.000
_cell.length_c   1.000
_cell.angle_alpha   90.00
_cell.angle_beta   90.00
_cell.angle_gamma   90.00
#
_symmetry.space_group_name_H-M   'P 1'
#
_entity_poly.entity_id   1
_entity_poly.type   'polypeptide(L)'
_entity_poly.pdbx_seq_one_letter_code
;MKQIRLLAQYYVDLMMKLGLVRFSMLLALALVVLAIVVQMAVTMVLHGQVESIDVIRSIFFGLLITPWAVYFLSVVVEQL
EESRQRLSRLVQKLEEMRERDLSLNVQLKDNIAQL
;
_entity_poly.pdbx_strand_id   A
#
# COMPACT_ATOMS: atom_id res chain seq x y z
N MET A 15 12.23 10.11 -16.46
CA MET A 15 11.60 9.90 -17.80
C MET A 15 10.59 8.74 -17.77
N MET A 16 11.08 7.52 -17.59
CA MET A 16 10.21 6.34 -17.54
C MET A 16 9.04 6.55 -16.58
N LYS A 17 7.83 6.41 -17.11
CA LYS A 17 6.62 6.58 -16.30
C LYS A 17 5.48 5.70 -16.84
N LEU A 18 4.40 5.62 -16.07
CA LEU A 18 3.24 4.82 -16.45
C LEU A 18 1.95 5.57 -16.15
N GLY A 19 1.55 5.57 -14.87
CA GLY A 19 0.35 6.28 -14.45
C GLY A 19 0.66 7.50 -13.59
N LEU A 20 1.80 7.46 -12.90
CA LEU A 20 2.24 8.55 -12.03
C LEU A 20 2.67 9.78 -12.83
N VAL A 21 1.74 10.33 -13.62
CA VAL A 21 2.03 11.52 -14.42
C VAL A 21 0.98 12.61 -14.21
N ARG A 22 -0.30 12.24 -14.33
CA ARG A 22 -1.40 13.19 -14.14
C ARG A 22 -2.65 12.47 -13.64
N PHE A 23 -2.93 12.58 -12.33
CA PHE A 23 -4.10 11.96 -11.70
C PHE A 23 -4.48 10.63 -12.38
N SER A 24 -3.59 9.64 -12.28
CA SER A 24 -3.84 8.34 -12.87
C SER A 24 -3.36 7.20 -11.94
N MET A 25 -3.04 6.03 -12.51
CA MET A 25 -2.56 4.88 -11.74
C MET A 25 -3.73 4.22 -10.98
N LEU A 26 -4.59 3.53 -11.73
CA LEU A 26 -5.76 2.86 -11.15
C LEU A 26 -5.37 1.55 -10.47
N LEU A 27 -4.61 0.71 -11.17
CA LEU A 27 -4.16 -0.59 -10.64
C LEU A 27 -3.65 -0.46 -9.20
N ALA A 28 -2.91 0.63 -8.93
CA ALA A 28 -2.37 0.87 -7.60
C ALA A 28 -3.42 0.64 -6.51
N LEU A 29 -4.64 1.13 -6.74
CA LEU A 29 -5.74 0.95 -5.79
C LEU A 29 -5.87 -0.51 -5.36
N ALA A 30 -5.74 -1.41 -6.33
CA ALA A 30 -5.81 -2.85 -6.06
C ALA A 30 -4.72 -3.26 -5.07
N LEU A 31 -3.53 -2.66 -5.23
CA LEU A 31 -2.42 -2.95 -4.33
C LEU A 31 -2.73 -2.44 -2.93
N VAL A 32 -3.30 -1.24 -2.85
CA VAL A 32 -3.68 -0.65 -1.57
C VAL A 32 -4.72 -1.54 -0.88
N VAL A 33 -5.80 -1.85 -1.59
CA VAL A 33 -6.85 -2.71 -1.06
C VAL A 33 -6.28 -4.07 -0.66
N LEU A 34 -5.52 -4.69 -1.58
CA LEU A 34 -4.89 -5.98 -1.31
C LEU A 34 -4.03 -5.89 -0.05
N ALA A 35 -3.17 -4.87 0.01
CA ALA A 35 -2.31 -4.67 1.17
C ALA A 35 -3.14 -4.57 2.44
N ILE A 36 -4.22 -3.77 2.38
CA ILE A 36 -5.12 -3.61 3.52
C ILE A 36 -5.67 -4.97 3.96
N VAL A 37 -6.22 -5.71 2.99
CA VAL A 37 -6.77 -7.05 3.27
C VAL A 37 -5.69 -7.95 3.89
N VAL A 38 -4.53 -8.02 3.23
CA VAL A 38 -3.41 -8.82 3.73
C VAL A 38 -3.06 -8.41 5.16
N GLN A 39 -2.91 -7.11 5.39
CA GLN A 39 -2.59 -6.59 6.72
C GLN A 39 -3.65 -7.04 7.73
N MET A 40 -4.92 -6.97 7.33
CA MET A 40 -6.02 -7.39 8.19
C MET A 40 -5.88 -8.88 8.54
N ALA A 41 -5.71 -9.70 7.50
CA ALA A 41 -5.52 -11.14 7.69
C ALA A 41 -4.33 -11.42 8.60
N VAL A 42 -3.17 -10.85 8.23
CA VAL A 42 -1.95 -11.02 9.02
C VAL A 42 -2.19 -10.59 10.48
N THR A 43 -2.82 -9.43 10.65
CA THR A 43 -3.13 -8.91 11.99
C THR A 43 -4.00 -9.92 12.76
N MET A 44 -5.03 -10.45 12.08
CA MET A 44 -5.93 -11.43 12.69
C MET A 44 -5.14 -12.67 13.10
N VAL A 45 -4.36 -13.21 12.16
CA VAL A 45 -3.54 -14.40 12.42
C VAL A 45 -2.56 -14.15 13.57
N LEU A 46 -1.83 -13.05 13.49
CA LEU A 46 -0.86 -12.68 14.53
C LEU A 46 -1.58 -12.07 15.74
N HIS A 47 -2.31 -12.92 16.46
CA HIS A 47 -3.07 -12.47 17.64
C HIS A 47 -2.14 -12.01 18.78
N GLY A 48 -1.44 -10.90 18.54
CA GLY A 48 -0.53 -10.36 19.55
C GLY A 48 -1.06 -9.08 20.18
N GLN A 49 -1.62 -9.20 21.38
CA GLN A 49 -2.18 -8.06 22.08
C GLN A 49 -1.09 -7.10 22.58
N VAL A 50 -1.02 -5.92 21.97
CA VAL A 50 -0.03 -4.90 22.36
C VAL A 50 -0.64 -3.49 22.30
N GLU A 51 -0.93 -3.02 21.09
CA GLU A 51 -1.52 -1.68 20.90
C GLU A 51 -2.24 -1.60 19.56
N SER A 52 -1.49 -1.72 18.47
CA SER A 52 -2.06 -1.65 17.12
C SER A 52 -0.99 -1.95 16.05
N ILE A 53 -0.71 -3.23 15.83
CA ILE A 53 0.28 -3.68 14.85
C ILE A 53 1.54 -2.80 14.85
N ASP A 54 2.10 -2.56 16.04
CA ASP A 54 3.30 -1.75 16.19
C ASP A 54 3.15 -0.37 15.52
N VAL A 55 2.10 0.36 15.91
CA VAL A 55 1.84 1.69 15.35
C VAL A 55 2.26 2.80 16.31
N ILE A 56 2.21 2.52 17.62
CA ILE A 56 2.58 3.49 18.66
C ILE A 56 2.04 4.89 18.35
N ARG A 57 0.70 5.04 18.49
CA ARG A 57 0.00 6.30 18.23
C ARG A 57 -0.29 6.48 16.73
N SER A 58 -1.48 7.01 16.42
CA SER A 58 -1.89 7.25 15.03
C SER A 58 -0.91 8.15 14.29
N ILE A 59 -0.67 9.35 14.83
CA ILE A 59 0.25 10.31 14.22
C ILE A 59 1.58 9.65 13.83
N PHE A 60 2.05 8.72 14.66
CA PHE A 60 3.30 8.01 14.40
C PHE A 60 3.29 7.38 13.01
N PHE A 61 2.13 6.86 12.59
CA PHE A 61 1.99 6.25 11.27
C PHE A 61 2.60 7.15 10.19
N GLY A 62 2.47 8.47 10.36
CA GLY A 62 3.04 9.41 9.42
C GLY A 62 4.49 9.09 9.08
N LEU A 63 5.28 8.76 10.10
CA LEU A 63 6.68 8.39 9.91
C LEU A 63 6.79 7.18 8.98
N LEU A 64 5.85 6.24 9.14
CA LEU A 64 5.81 5.05 8.30
C LEU A 64 5.63 5.42 6.83
N ILE A 65 5.06 6.59 6.57
CA ILE A 65 4.86 7.07 5.21
C ILE A 65 6.18 7.19 4.45
N THR A 66 7.29 7.36 5.18
CA THR A 66 8.61 7.47 4.54
C THR A 66 8.94 6.18 3.78
N PRO A 67 9.13 5.04 4.51
CA PRO A 67 9.42 3.75 3.87
C PRO A 67 8.28 3.31 2.95
N TRP A 68 7.04 3.53 3.40
CA TRP A 68 5.86 3.17 2.62
C TRP A 68 5.86 3.92 1.28
N ALA A 69 6.06 5.23 1.34
CA ALA A 69 6.11 6.05 0.13
C ALA A 69 7.23 5.58 -0.79
N VAL A 70 8.40 5.30 -0.20
CA VAL A 70 9.55 4.82 -0.98
C VAL A 70 9.23 3.50 -1.67
N TYR A 71 8.89 2.49 -0.88
CA TYR A 71 8.54 1.17 -1.43
C TYR A 71 7.39 1.28 -2.43
N PHE A 72 6.34 2.03 -2.03
CA PHE A 72 5.18 2.23 -2.90
C PHE A 72 5.59 2.88 -4.21
N LEU A 73 6.29 4.02 -4.12
CA LEU A 73 6.75 4.72 -5.33
C LEU A 73 7.45 3.75 -6.27
N SER A 74 8.37 2.95 -5.70
CA SER A 74 9.09 1.94 -6.48
C SER A 74 8.10 1.02 -7.18
N VAL A 75 7.14 0.48 -6.42
CA VAL A 75 6.10 -0.39 -6.97
C VAL A 75 5.36 0.33 -8.10
N VAL A 76 4.92 1.57 -7.82
CA VAL A 76 4.22 2.39 -8.82
C VAL A 76 5.08 2.57 -10.06
N VAL A 77 6.39 2.75 -9.86
CA VAL A 77 7.35 2.91 -10.96
C VAL A 77 7.40 1.64 -11.81
N GLU A 78 7.30 0.48 -11.14
CA GLU A 78 7.33 -0.81 -11.85
C GLU A 78 5.95 -1.15 -12.41
N GLN A 79 4.90 -0.80 -11.64
CA GLN A 79 3.51 -1.06 -12.03
C GLN A 79 3.23 -0.69 -13.49
N LEU A 80 3.12 -1.71 -14.34
CA LEU A 80 2.86 -1.51 -15.77
C LEU A 80 1.43 -1.00 -16.02
N GLU A 81 1.14 0.20 -15.53
CA GLU A 81 -0.18 0.81 -15.70
C GLU A 81 -0.20 1.86 -16.81
N GLU A 82 -1.29 1.91 -17.56
CA GLU A 82 -1.46 2.86 -18.66
C GLU A 82 -0.43 2.65 -19.77
N SER A 83 0.84 2.92 -19.47
CA SER A 83 1.91 2.75 -20.45
C SER A 83 2.98 1.79 -19.94
N ARG A 84 3.14 0.65 -20.62
CA ARG A 84 4.13 -0.35 -20.24
C ARG A 84 5.52 0.25 -20.02
N GLN A 85 6.06 0.07 -18.81
CA GLN A 85 7.38 0.59 -18.46
C GLN A 85 8.19 -0.44 -17.67
N ARG A 86 7.84 -0.65 -16.39
CA ARG A 86 8.54 -1.61 -15.53
C ARG A 86 10.03 -1.28 -15.42
N LEU A 87 10.38 -0.34 -14.54
CA LEU A 87 11.78 0.07 -14.36
C LEU A 87 12.20 0.01 -12.88
N SER A 88 12.16 -1.18 -12.30
CA SER A 88 12.56 -1.38 -10.90
C SER A 88 13.33 -2.70 -10.76
N ARG A 89 14.28 -2.72 -9.82
CA ARG A 89 15.10 -3.90 -9.60
C ARG A 89 15.40 -4.09 -8.12
N MET A 15 -3.50 13.49 -22.99
CA MET A 15 -3.63 12.04 -23.30
C MET A 15 -2.88 11.20 -22.27
N MET A 16 -3.51 10.11 -21.82
CA MET A 16 -2.91 9.22 -20.81
C MET A 16 -3.30 7.76 -21.03
N LYS A 17 -2.43 6.85 -20.58
CA LYS A 17 -2.66 5.41 -20.71
C LYS A 17 -1.58 4.62 -19.97
N LEU A 18 -1.96 3.95 -18.89
CA LEU A 18 -0.99 3.17 -18.10
C LEU A 18 -1.58 1.85 -17.61
N GLY A 19 -2.58 1.92 -16.73
CA GLY A 19 -3.20 0.71 -16.19
C GLY A 19 -3.83 -0.16 -17.27
N LEU A 20 -3.01 -1.03 -17.87
CA LEU A 20 -3.46 -1.93 -18.94
C LEU A 20 -4.47 -1.25 -19.89
N VAL A 21 -4.01 -0.16 -20.53
CA VAL A 21 -4.83 0.62 -21.47
C VAL A 21 -5.65 1.72 -20.78
N ARG A 22 -5.86 1.61 -19.46
CA ARG A 22 -6.63 2.62 -18.73
C ARG A 22 -5.75 3.79 -18.29
N PHE A 23 -6.40 4.86 -17.80
CA PHE A 23 -5.69 6.05 -17.34
C PHE A 23 -5.04 5.80 -15.98
N SER A 24 -3.75 6.15 -15.87
CA SER A 24 -2.99 5.97 -14.62
C SER A 24 -2.82 4.48 -14.30
N MET A 25 -2.11 4.20 -13.22
CA MET A 25 -1.86 2.82 -12.79
C MET A 25 -3.02 2.29 -11.94
N LEU A 26 -4.21 2.19 -12.55
CA LEU A 26 -5.40 1.70 -11.86
C LEU A 26 -5.12 0.40 -11.10
N LEU A 27 -4.34 -0.48 -11.72
CA LEU A 27 -3.97 -1.77 -11.11
C LEU A 27 -3.50 -1.60 -9.66
N ALA A 28 -2.75 -0.53 -9.39
CA ALA A 28 -2.25 -0.22 -8.05
C ALA A 28 -3.34 -0.36 -6.99
N LEU A 29 -4.56 0.07 -7.32
CA LEU A 29 -5.69 -0.02 -6.39
C LEU A 29 -5.77 -1.41 -5.74
N ALA A 30 -5.56 -2.44 -6.56
CA ALA A 30 -5.59 -3.82 -6.06
C ALA A 30 -4.51 -4.04 -5.01
N LEU A 31 -3.33 -3.45 -5.24
CA LEU A 31 -2.21 -3.56 -4.29
C LEU A 31 -2.57 -2.82 -3.01
N VAL A 32 -3.11 -1.61 -3.16
CA VAL A 32 -3.53 -0.81 -2.01
C VAL A 32 -4.57 -1.55 -1.18
N VAL A 33 -5.63 -2.02 -1.85
CA VAL A 33 -6.69 -2.77 -1.19
C VAL A 33 -6.14 -4.03 -0.52
N LEU A 34 -5.37 -4.82 -1.28
CA LEU A 34 -4.76 -6.03 -0.74
C LEU A 34 -3.93 -5.70 0.49
N ALA A 35 -3.10 -4.66 0.38
CA ALA A 35 -2.28 -4.21 1.50
C ALA A 35 -3.14 -3.92 2.72
N ILE A 36 -4.23 -3.17 2.50
CA ILE A 36 -5.16 -2.84 3.58
C ILE A 36 -5.76 -4.10 4.20
N VAL A 37 -6.26 -5.00 3.33
CA VAL A 37 -6.84 -6.26 3.80
C VAL A 37 -5.82 -7.05 4.62
N VAL A 38 -4.64 -7.27 4.04
CA VAL A 38 -3.56 -7.99 4.71
C VAL A 38 -3.25 -7.30 6.04
N GLN A 39 -3.11 -5.98 6.00
CA GLN A 39 -2.83 -5.18 7.19
C GLN A 39 -3.87 -5.47 8.28
N MET A 40 -5.14 -5.26 7.94
CA MET A 40 -6.25 -5.51 8.88
C MET A 40 -6.15 -6.92 9.47
N ALA A 41 -5.88 -7.90 8.60
CA ALA A 41 -5.74 -9.29 9.03
C ALA A 41 -4.57 -9.44 9.99
N VAL A 42 -3.42 -8.86 9.63
CA VAL A 42 -2.22 -8.92 10.47
C VAL A 42 -2.50 -8.31 11.84
N THR A 43 -3.06 -7.10 11.86
CA THR A 43 -3.39 -6.42 13.11
C THR A 43 -4.40 -7.24 13.91
N MET A 44 -5.49 -7.64 13.24
CA MET A 44 -6.55 -8.43 13.88
C MET A 44 -5.98 -9.67 14.59
N VAL A 45 -5.02 -10.35 13.95
CA VAL A 45 -4.42 -11.54 14.54
C VAL A 45 -3.36 -11.18 15.59
N LEU A 46 -2.55 -10.15 15.30
CA LEU A 46 -1.50 -9.71 16.23
C LEU A 46 -2.10 -8.78 17.30
N HIS A 47 -2.99 -9.33 18.11
CA HIS A 47 -3.65 -8.57 19.18
C HIS A 47 -3.04 -8.85 20.56
N GLY A 48 -2.73 -7.78 21.30
CA GLY A 48 -2.14 -7.92 22.63
C GLY A 48 -2.44 -6.74 23.53
N GLN A 49 -1.48 -6.37 24.38
CA GLN A 49 -1.66 -5.24 25.29
C GLN A 49 -1.60 -3.91 24.53
N VAL A 50 -2.77 -3.38 24.17
CA VAL A 50 -2.84 -2.12 23.41
C VAL A 50 -4.06 -1.28 23.81
N GLU A 51 -4.19 -0.11 23.19
CA GLU A 51 -5.29 0.81 23.46
C GLU A 51 -6.31 0.82 22.32
N SER A 52 -5.82 0.96 21.08
CA SER A 52 -6.68 0.99 19.89
C SER A 52 -7.60 -0.23 19.84
N ILE A 53 -7.01 -1.42 19.74
CA ILE A 53 -7.78 -2.66 19.68
C ILE A 53 -6.86 -3.89 19.69
N ASP A 54 -5.94 -3.96 18.73
CA ASP A 54 -5.02 -5.08 18.62
C ASP A 54 -3.58 -4.61 18.38
N VAL A 55 -3.37 -3.94 17.25
CA VAL A 55 -2.05 -3.43 16.87
C VAL A 55 -1.52 -2.38 17.87
N ILE A 56 -0.22 -2.42 18.12
CA ILE A 56 0.43 -1.48 19.05
C ILE A 56 0.75 -0.16 18.35
N ARG A 57 1.69 -0.21 17.40
CA ARG A 57 2.11 0.99 16.67
C ARG A 57 1.12 1.32 15.55
N SER A 58 -0.11 1.66 15.94
CA SER A 58 -1.16 2.00 14.96
C SER A 58 -0.79 3.30 14.22
N ILE A 59 -1.10 4.44 14.83
CA ILE A 59 -0.79 5.74 14.24
C ILE A 59 0.68 5.82 13.81
N PHE A 60 1.57 5.32 14.69
CA PHE A 60 3.01 5.31 14.40
C PHE A 60 3.31 4.69 13.04
N PHE A 61 2.51 3.69 12.65
CA PHE A 61 2.68 3.03 11.35
C PHE A 61 2.89 4.05 10.24
N GLY A 62 2.12 5.15 10.30
CA GLY A 62 2.23 6.22 9.32
C GLY A 62 3.67 6.55 8.99
N LEU A 63 4.52 6.64 10.02
CA LEU A 63 5.94 6.93 9.82
C LEU A 63 6.53 5.99 8.76
N LEU A 64 6.26 4.69 8.91
CA LEU A 64 6.74 3.70 7.96
C LEU A 64 6.15 3.94 6.57
N ILE A 65 4.95 4.53 6.53
CA ILE A 65 4.29 4.83 5.27
C ILE A 65 5.09 5.85 4.45
N THR A 66 5.91 6.68 5.13
CA THR A 66 6.74 7.66 4.43
C THR A 66 7.70 6.96 3.46
N PRO A 67 8.63 6.13 3.98
CA PRO A 67 9.58 5.39 3.14
C PRO A 67 8.87 4.37 2.25
N TRP A 68 7.90 3.65 2.83
CA TRP A 68 7.13 2.65 2.08
C TRP A 68 6.43 3.31 0.89
N ALA A 69 5.78 4.44 1.13
CA ALA A 69 5.09 5.17 0.05
C ALA A 69 6.08 5.62 -1.00
N VAL A 70 7.17 6.26 -0.56
CA VAL A 70 8.21 6.72 -1.49
C VAL A 70 8.71 5.56 -2.36
N TYR A 71 9.10 4.47 -1.71
CA TYR A 71 9.59 3.28 -2.42
C TYR A 71 8.48 2.73 -3.34
N PHE A 72 7.29 2.57 -2.77
CA PHE A 72 6.14 2.05 -3.52
C PHE A 72 5.88 2.91 -4.77
N LEU A 73 5.89 4.22 -4.60
CA LEU A 73 5.67 5.13 -5.73
C LEU A 73 6.73 4.90 -6.80
N SER A 74 8.00 4.91 -6.38
CA SER A 74 9.11 4.68 -7.31
C SER A 74 8.93 3.33 -8.02
N VAL A 75 8.62 2.29 -7.25
CA VAL A 75 8.41 0.95 -7.80
C VAL A 75 7.25 0.95 -8.80
N VAL A 76 6.07 1.38 -8.35
CA VAL A 76 4.89 1.44 -9.20
C VAL A 76 5.19 2.20 -10.49
N VAL A 77 5.89 3.34 -10.35
CA VAL A 77 6.28 4.16 -11.51
C VAL A 77 7.21 3.37 -12.43
N GLU A 78 8.32 2.88 -11.88
CA GLU A 78 9.28 2.09 -12.66
C GLU A 78 8.60 0.83 -13.21
N GLN A 79 7.67 0.28 -12.42
CA GLN A 79 6.92 -0.92 -12.79
C GLN A 79 6.18 -0.72 -14.12
N LEU A 80 5.22 0.21 -14.13
CA LEU A 80 4.43 0.53 -15.32
C LEU A 80 4.14 -0.71 -16.20
N GLU A 81 3.89 -1.85 -15.54
CA GLU A 81 3.59 -3.09 -16.25
C GLU A 81 2.61 -3.96 -15.46
N GLU A 82 3.09 -4.61 -14.39
CA GLU A 82 2.25 -5.46 -13.56
C GLU A 82 2.95 -5.85 -12.25
N SER A 83 2.15 -6.33 -11.29
CA SER A 83 2.69 -6.74 -9.99
C SER A 83 1.73 -7.71 -9.30
N ARG A 84 1.44 -8.84 -9.95
CA ARG A 84 0.52 -9.85 -9.43
C ARG A 84 1.22 -10.78 -8.43
N GLN A 85 2.53 -10.98 -8.58
CA GLN A 85 3.29 -11.86 -7.70
C GLN A 85 2.99 -11.58 -6.22
N ARG A 86 3.13 -10.32 -5.82
CA ARG A 86 2.88 -9.90 -4.44
C ARG A 86 2.65 -8.40 -4.34
N LEU A 87 3.71 -7.62 -4.59
CA LEU A 87 3.63 -6.16 -4.53
C LEU A 87 4.86 -5.52 -5.18
N SER A 88 6.04 -5.87 -4.70
CA SER A 88 7.29 -5.34 -5.24
C SER A 88 7.95 -6.34 -6.18
N ARG A 89 8.68 -5.83 -7.16
CA ARG A 89 9.39 -6.66 -8.12
C ARG A 89 10.86 -6.86 -7.72
N MET A 15 -7.60 -14.98 -17.37
CA MET A 15 -7.49 -13.63 -17.98
C MET A 15 -6.72 -12.68 -17.07
N MET A 16 -6.27 -11.56 -17.62
CA MET A 16 -5.51 -10.56 -16.86
C MET A 16 -6.39 -9.89 -15.80
N LYS A 17 -5.77 -9.42 -14.73
CA LYS A 17 -6.49 -8.76 -13.64
C LYS A 17 -6.36 -7.23 -13.76
N LEU A 18 -5.13 -6.73 -13.73
CA LEU A 18 -4.88 -5.30 -13.84
C LEU A 18 -5.03 -4.83 -15.29
N GLY A 19 -4.24 -5.46 -16.18
CA GLY A 19 -4.30 -5.12 -17.59
C GLY A 19 -3.62 -3.80 -17.91
N LEU A 20 -2.31 -3.72 -17.64
CA LEU A 20 -1.52 -2.50 -17.90
C LEU A 20 -1.41 -2.21 -19.40
N VAL A 21 -2.56 -2.04 -20.05
CA VAL A 21 -2.63 -1.74 -21.48
C VAL A 21 -3.84 -0.86 -21.77
N ARG A 22 -5.03 -1.35 -21.43
CA ARG A 22 -6.26 -0.60 -21.63
C ARG A 22 -6.50 0.37 -20.47
N PHE A 23 -6.07 -0.02 -19.27
CA PHE A 23 -6.22 0.81 -18.08
C PHE A 23 -4.98 0.75 -17.20
N SER A 24 -4.75 1.80 -16.41
CA SER A 24 -3.59 1.86 -15.52
C SER A 24 -3.75 3.01 -14.52
N MET A 25 -2.68 3.26 -13.73
CA MET A 25 -2.67 4.33 -12.73
C MET A 25 -3.71 4.09 -11.62
N LEU A 26 -4.99 4.13 -12.00
CA LEU A 26 -6.08 3.91 -11.04
C LEU A 26 -6.05 2.48 -10.49
N LEU A 27 -5.77 1.51 -11.37
CA LEU A 27 -5.70 0.10 -10.98
C LEU A 27 -4.86 -0.10 -9.73
N ALA A 28 -3.82 0.73 -9.56
CA ALA A 28 -2.94 0.65 -8.39
C ALA A 28 -3.76 0.61 -7.09
N LEU A 29 -4.90 1.31 -7.08
CA LEU A 29 -5.79 1.34 -5.90
C LEU A 29 -6.01 -0.08 -5.35
N ALA A 30 -6.21 -1.04 -6.26
CA ALA A 30 -6.42 -2.43 -5.87
C ALA A 30 -5.23 -2.92 -5.03
N LEU A 31 -4.02 -2.57 -5.46
CA LEU A 31 -2.80 -2.94 -4.74
C LEU A 31 -2.76 -2.22 -3.40
N VAL A 32 -3.15 -0.94 -3.40
CA VAL A 32 -3.20 -0.14 -2.17
C VAL A 32 -4.12 -0.82 -1.15
N VAL A 33 -5.34 -1.15 -1.60
CA VAL A 33 -6.31 -1.83 -0.74
C VAL A 33 -5.73 -3.16 -0.25
N LEU A 34 -5.20 -3.95 -1.19
CA LEU A 34 -4.59 -5.23 -0.86
C LEU A 34 -3.52 -5.05 0.21
N ALA A 35 -2.65 -4.06 0.03
CA ALA A 35 -1.60 -3.75 0.99
C ALA A 35 -2.20 -3.50 2.37
N ILE A 36 -3.24 -2.67 2.43
CA ILE A 36 -3.91 -2.36 3.69
C ILE A 36 -4.49 -3.64 4.31
N VAL A 37 -5.23 -4.40 3.51
CA VAL A 37 -5.83 -5.66 3.98
C VAL A 37 -4.74 -6.58 4.53
N VAL A 38 -3.68 -6.79 3.73
CA VAL A 38 -2.56 -7.63 4.15
C VAL A 38 -1.97 -7.09 5.45
N GLN A 39 -1.74 -5.78 5.49
CA GLN A 39 -1.21 -5.13 6.69
C GLN A 39 -2.09 -5.46 7.89
N MET A 40 -3.41 -5.26 7.72
CA MET A 40 -4.38 -5.56 8.78
C MET A 40 -4.21 -6.99 9.28
N ALA A 41 -4.22 -7.95 8.33
CA ALA A 41 -4.06 -9.36 8.66
C ALA A 41 -2.75 -9.58 9.41
N VAL A 42 -1.65 -9.02 8.89
CA VAL A 42 -0.34 -9.15 9.52
C VAL A 42 -0.38 -8.60 10.95
N THR A 43 -0.88 -7.37 11.10
CA THR A 43 -0.98 -6.74 12.42
C THR A 43 -1.86 -7.56 13.37
N MET A 44 -2.98 -8.07 12.84
CA MET A 44 -3.91 -8.86 13.65
C MET A 44 -3.32 -10.22 14.06
N VAL A 45 -2.65 -10.89 13.12
CA VAL A 45 -2.06 -12.20 13.39
C VAL A 45 -0.73 -12.12 14.16
N LEU A 46 0.14 -11.19 13.75
CA LEU A 46 1.45 -11.02 14.39
C LEU A 46 1.32 -10.44 15.81
N HIS A 47 0.91 -11.28 16.76
CA HIS A 47 0.75 -10.86 18.15
C HIS A 47 1.52 -11.77 19.10
N GLY A 48 1.91 -11.23 20.26
CA GLY A 48 2.65 -12.01 21.24
C GLY A 48 2.62 -11.41 22.63
N GLN A 49 3.23 -10.22 22.79
CA GLN A 49 3.26 -9.53 24.08
C GLN A 49 2.74 -8.11 23.95
N VAL A 50 3.53 -7.23 23.32
CA VAL A 50 3.15 -5.84 23.12
C VAL A 50 3.55 -5.36 21.73
N GLU A 51 2.59 -4.79 21.00
CA GLU A 51 2.84 -4.30 19.65
C GLU A 51 2.05 -3.01 19.39
N SER A 52 2.29 -2.39 18.22
CA SER A 52 1.61 -1.15 17.85
C SER A 52 1.89 -0.04 18.88
N ILE A 53 1.02 0.96 18.93
CA ILE A 53 1.16 2.07 19.87
C ILE A 53 -0.20 2.54 20.39
N ASP A 54 -0.36 2.51 21.71
CA ASP A 54 -1.61 2.91 22.36
C ASP A 54 -1.93 4.38 22.09
N VAL A 55 -3.23 4.71 22.14
CA VAL A 55 -3.71 6.08 21.93
C VAL A 55 -3.51 6.57 20.49
N ILE A 56 -2.25 6.72 20.07
CA ILE A 56 -1.94 7.21 18.73
C ILE A 56 -2.21 6.16 17.64
N ARG A 57 -3.49 5.78 17.50
CA ARG A 57 -3.89 4.80 16.48
C ARG A 57 -3.73 5.38 15.07
N SER A 58 -4.21 6.60 14.86
CA SER A 58 -4.12 7.27 13.57
C SER A 58 -2.66 7.63 13.26
N ILE A 59 -2.04 8.41 14.16
CA ILE A 59 -0.65 8.83 14.00
C ILE A 59 0.25 7.64 13.63
N PHE A 60 -0.03 6.47 14.21
CA PHE A 60 0.73 5.25 13.93
C PHE A 60 0.94 5.08 12.42
N PHE A 61 -0.09 5.43 11.63
CA PHE A 61 -0.02 5.33 10.17
C PHE A 61 1.29 5.91 9.64
N GLY A 62 1.75 7.00 10.25
CA GLY A 62 3.00 7.63 9.83
C GLY A 62 4.11 6.63 9.65
N LEU A 63 4.22 5.68 10.58
CA LEU A 63 5.24 4.63 10.51
C LEU A 63 5.10 3.88 9.18
N LEU A 64 3.86 3.58 8.81
CA LEU A 64 3.56 2.88 7.57
C LEU A 64 4.13 3.64 6.37
N ILE A 65 4.26 4.97 6.51
CA ILE A 65 4.80 5.80 5.43
C ILE A 65 6.16 5.29 4.96
N THR A 66 6.94 4.68 5.86
CA THR A 66 8.26 4.16 5.48
C THR A 66 8.10 3.03 4.45
N PRO A 67 7.53 1.87 4.85
CA PRO A 67 7.33 0.75 3.92
C PRO A 67 6.42 1.15 2.75
N TRP A 68 5.38 1.94 3.06
CA TRP A 68 4.46 2.42 2.05
C TRP A 68 5.19 3.25 1.00
N ALA A 69 6.03 4.18 1.46
CA ALA A 69 6.81 5.02 0.55
C ALA A 69 7.69 4.15 -0.34
N VAL A 70 8.37 3.17 0.26
CA VAL A 70 9.23 2.26 -0.48
C VAL A 70 8.41 1.47 -1.52
N TYR A 71 7.33 0.83 -1.06
CA TYR A 71 6.45 0.06 -1.95
C TYR A 71 5.89 0.94 -3.07
N PHE A 72 5.29 2.07 -2.68
CA PHE A 72 4.73 3.03 -3.63
C PHE A 72 5.80 3.47 -4.62
N LEU A 73 6.92 3.97 -4.10
CA LEU A 73 8.03 4.43 -4.93
C LEU A 73 8.40 3.35 -5.95
N SER A 74 8.62 2.13 -5.47
CA SER A 74 8.95 1.01 -6.34
C SER A 74 7.87 0.79 -7.39
N VAL A 75 6.64 0.59 -6.94
CA VAL A 75 5.50 0.38 -7.85
C VAL A 75 5.41 1.50 -8.88
N VAL A 76 5.63 2.75 -8.46
CA VAL A 76 5.59 3.89 -9.36
C VAL A 76 6.67 3.74 -10.43
N VAL A 77 7.88 3.42 -10.00
CA VAL A 77 9.00 3.22 -10.92
C VAL A 77 8.71 2.08 -11.89
N GLU A 78 8.07 1.01 -11.39
CA GLU A 78 7.71 -0.14 -12.21
C GLU A 78 6.52 0.17 -13.11
N GLN A 79 5.50 0.82 -12.54
CA GLN A 79 4.29 1.19 -13.28
C GLN A 79 4.57 2.33 -14.27
N LEU A 80 5.12 1.97 -15.44
CA LEU A 80 5.44 2.95 -16.50
C LEU A 80 4.41 4.09 -16.58
N GLU A 81 4.85 5.30 -16.22
CA GLU A 81 3.96 6.47 -16.25
C GLU A 81 4.78 7.77 -16.21
N GLU A 82 5.42 8.05 -15.07
CA GLU A 82 6.22 9.27 -14.90
C GLU A 82 5.42 10.52 -15.25
N SER A 83 4.14 10.54 -14.84
CA SER A 83 3.26 11.67 -15.11
C SER A 83 2.60 12.19 -13.83
N ARG A 84 1.45 12.86 -13.97
CA ARG A 84 0.72 13.41 -12.83
C ARG A 84 -0.62 12.69 -12.65
N GLN A 85 -0.56 11.37 -12.51
CA GLN A 85 -1.77 10.57 -12.32
C GLN A 85 -1.88 10.05 -10.88
N ARG A 86 -2.88 9.19 -10.62
CA ARG A 86 -3.11 8.64 -9.28
C ARG A 86 -2.01 7.63 -8.89
N LEU A 87 -0.75 8.09 -8.96
CA LEU A 87 0.42 7.28 -8.63
C LEU A 87 1.71 8.03 -8.99
N SER A 88 1.75 9.31 -8.63
CA SER A 88 2.91 10.17 -8.92
C SER A 88 4.07 9.91 -7.96
N ARG A 89 5.21 10.53 -8.24
CA ARG A 89 6.41 10.38 -7.41
C ARG A 89 6.21 11.02 -6.03
N MET A 15 7.46 16.94 -17.36
CA MET A 15 6.23 16.15 -17.06
C MET A 15 6.32 14.74 -17.65
N MET A 16 5.60 13.80 -17.03
CA MET A 16 5.60 12.41 -17.50
C MET A 16 4.22 11.78 -17.43
N LYS A 17 3.57 11.88 -16.26
CA LYS A 17 2.23 11.30 -16.05
C LYS A 17 2.30 9.77 -15.92
N LEU A 18 1.15 9.10 -16.03
CA LEU A 18 1.07 7.64 -15.92
C LEU A 18 1.30 7.16 -14.49
N GLY A 19 2.51 7.40 -13.98
CA GLY A 19 2.86 6.98 -12.62
C GLY A 19 1.98 7.62 -11.55
N LEU A 20 0.92 6.90 -11.16
CA LEU A 20 -0.02 7.36 -10.13
C LEU A 20 -0.55 8.77 -10.41
N VAL A 21 -1.58 8.87 -11.26
CA VAL A 21 -2.18 10.17 -11.58
C VAL A 21 -3.67 10.20 -11.22
N ARG A 22 -4.50 9.51 -12.02
CA ARG A 22 -5.95 9.46 -11.78
C ARG A 22 -6.62 8.50 -12.77
N PHE A 23 -6.36 8.70 -14.06
CA PHE A 23 -6.94 7.85 -15.09
C PHE A 23 -5.83 7.06 -15.82
N SER A 24 -4.82 6.63 -15.06
CA SER A 24 -3.70 5.88 -15.60
C SER A 24 -3.49 4.58 -14.82
N MET A 25 -2.76 4.68 -13.71
CA MET A 25 -2.47 3.53 -12.86
C MET A 25 -3.62 3.25 -11.89
N LEU A 26 -4.81 2.98 -12.44
CA LEU A 26 -5.98 2.68 -11.62
C LEU A 26 -5.73 1.47 -10.72
N LEU A 27 -5.10 0.43 -11.28
CA LEU A 27 -4.78 -0.79 -10.53
C LEU A 27 -4.14 -0.47 -9.18
N ALA A 28 -3.39 0.63 -9.13
CA ALA A 28 -2.72 1.08 -7.90
C ALA A 28 -3.66 1.01 -6.70
N LEU A 29 -4.90 1.49 -6.89
CA LEU A 29 -5.89 1.46 -5.82
C LEU A 29 -6.01 0.06 -5.21
N ALA A 30 -5.99 -0.96 -6.08
CA ALA A 30 -6.06 -2.35 -5.63
C ALA A 30 -4.82 -2.72 -4.81
N LEU A 31 -3.68 -2.12 -5.16
CA LEU A 31 -2.43 -2.38 -4.43
C LEU A 31 -2.51 -1.78 -3.03
N VAL A 32 -2.98 -0.54 -2.95
CA VAL A 32 -3.14 0.14 -1.66
C VAL A 32 -4.13 -0.65 -0.79
N VAL A 33 -5.28 -0.98 -1.37
CA VAL A 33 -6.30 -1.75 -0.65
C VAL A 33 -5.74 -3.11 -0.24
N LEU A 34 -5.11 -3.81 -1.20
CA LEU A 34 -4.51 -5.12 -0.93
C LEU A 34 -3.51 -5.01 0.22
N ALA A 35 -2.65 -3.99 0.17
CA ALA A 35 -1.67 -3.77 1.23
C ALA A 35 -2.39 -3.61 2.57
N ILE A 36 -3.41 -2.75 2.60
CA ILE A 36 -4.20 -2.53 3.81
C ILE A 36 -4.81 -3.85 4.30
N VAL A 37 -5.36 -4.63 3.35
CA VAL A 37 -5.94 -5.93 3.67
C VAL A 37 -4.88 -6.84 4.29
N VAL A 38 -3.74 -6.96 3.62
CA VAL A 38 -2.62 -7.76 4.11
C VAL A 38 -2.26 -7.31 5.52
N GLN A 39 -2.11 -5.99 5.69
CA GLN A 39 -1.79 -5.41 6.99
C GLN A 39 -2.80 -5.86 8.04
N MET A 40 -4.09 -5.64 7.74
CA MET A 40 -5.17 -6.04 8.65
C MET A 40 -5.06 -7.53 8.98
N ALA A 41 -4.93 -8.36 7.93
CA ALA A 41 -4.79 -9.80 8.11
C ALA A 41 -3.61 -10.11 9.04
N VAL A 42 -2.46 -9.49 8.76
CA VAL A 42 -1.27 -9.67 9.58
C VAL A 42 -1.57 -9.30 11.03
N THR A 43 -2.16 -8.13 11.23
CA THR A 43 -2.52 -7.66 12.59
C THR A 43 -3.41 -8.70 13.29
N MET A 44 -4.42 -9.18 12.58
CA MET A 44 -5.35 -10.17 13.14
C MET A 44 -4.62 -11.48 13.46
N VAL A 45 -3.80 -11.96 12.53
CA VAL A 45 -3.05 -13.20 12.71
C VAL A 45 -2.03 -13.07 13.85
N LEU A 46 -1.25 -11.99 13.84
CA LEU A 46 -0.24 -11.76 14.88
C LEU A 46 -0.89 -11.33 16.20
N HIS A 47 -1.77 -12.18 16.73
CA HIS A 47 -2.47 -11.90 17.98
C HIS A 47 -1.48 -11.74 19.14
N GLY A 48 -1.86 -10.92 20.13
CA GLY A 48 -1.01 -10.70 21.28
C GLY A 48 0.25 -9.90 20.96
N GLN A 49 1.08 -10.46 20.08
CA GLN A 49 2.34 -9.82 19.66
C GLN A 49 2.19 -8.31 19.48
N VAL A 50 1.25 -7.90 18.63
CA VAL A 50 1.02 -6.48 18.37
C VAL A 50 -0.42 -6.21 17.89
N GLU A 51 -1.39 -6.40 18.79
CA GLU A 51 -2.79 -6.17 18.45
C GLU A 51 -3.12 -4.68 18.48
N SER A 52 -2.83 -4.03 19.61
CA SER A 52 -3.09 -2.59 19.76
C SER A 52 -4.57 -2.25 19.57
N ILE A 53 -5.41 -2.75 20.47
CA ILE A 53 -6.85 -2.50 20.40
C ILE A 53 -7.23 -1.22 21.15
N ASP A 54 -6.52 -0.93 22.25
CA ASP A 54 -6.77 0.26 23.04
C ASP A 54 -5.76 1.37 22.69
N VAL A 55 -4.52 1.20 23.14
CA VAL A 55 -3.46 2.17 22.86
C VAL A 55 -2.94 2.00 21.43
N ILE A 56 -3.82 2.18 20.45
CA ILE A 56 -3.45 2.03 19.05
C ILE A 56 -2.68 3.25 18.53
N ARG A 57 -1.48 3.01 18.02
CA ARG A 57 -0.64 4.08 17.49
C ARG A 57 -1.10 4.50 16.10
N SER A 58 -2.28 5.12 16.05
CA SER A 58 -2.88 5.57 14.78
C SER A 58 -1.92 6.45 13.98
N ILE A 59 -1.75 7.71 14.42
CA ILE A 59 -0.87 8.66 13.75
C ILE A 59 0.47 8.03 13.40
N PHE A 60 1.00 7.21 14.32
CA PHE A 60 2.28 6.52 14.11
C PHE A 60 2.36 5.90 12.72
N PHE A 61 1.23 5.38 12.23
CA PHE A 61 1.17 4.76 10.90
C PHE A 61 1.94 5.59 9.87
N GLY A 62 1.70 6.92 9.88
CA GLY A 62 2.38 7.81 8.96
C GLY A 62 3.85 7.49 8.81
N LEU A 63 4.54 7.26 9.93
CA LEU A 63 5.96 6.91 9.92
C LEU A 63 6.19 5.72 8.98
N LEU A 64 5.37 4.69 9.15
CA LEU A 64 5.45 3.49 8.31
C LEU A 64 5.12 3.85 6.86
N ILE A 65 4.31 4.89 6.66
CA ILE A 65 3.95 5.34 5.32
C ILE A 65 5.17 5.85 4.57
N THR A 66 6.24 6.24 5.29
CA THR A 66 7.46 6.71 4.64
C THR A 66 8.07 5.60 3.78
N PRO A 67 8.50 4.48 4.41
CA PRO A 67 9.05 3.34 3.67
C PRO A 67 7.99 2.69 2.78
N TRP A 68 6.76 2.62 3.30
CA TRP A 68 5.63 2.06 2.56
C TRP A 68 5.44 2.82 1.24
N ALA A 69 5.43 4.15 1.33
CA ALA A 69 5.28 4.99 0.14
C ALA A 69 6.48 4.83 -0.78
N VAL A 70 7.69 4.78 -0.21
CA VAL A 70 8.91 4.60 -1.00
C VAL A 70 8.84 3.28 -1.78
N TYR A 71 8.47 2.21 -1.09
CA TYR A 71 8.34 0.90 -1.71
C TYR A 71 7.21 0.92 -2.76
N PHE A 72 6.03 1.37 -2.33
CA PHE A 72 4.88 1.47 -3.23
C PHE A 72 5.26 2.24 -4.50
N LEU A 73 5.83 3.43 -4.29
CA LEU A 73 6.28 4.29 -5.38
C LEU A 73 7.25 3.53 -6.28
N SER A 74 8.24 2.87 -5.67
CA SER A 74 9.22 2.08 -6.41
C SER A 74 8.51 1.12 -7.36
N VAL A 75 7.57 0.35 -6.82
CA VAL A 75 6.78 -0.57 -7.63
C VAL A 75 6.03 0.19 -8.71
N VAL A 76 5.34 1.27 -8.32
CA VAL A 76 4.61 2.10 -9.26
C VAL A 76 5.51 2.52 -10.43
N VAL A 77 6.72 2.99 -10.11
CA VAL A 77 7.69 3.40 -11.12
C VAL A 77 7.97 2.25 -12.09
N GLU A 78 8.30 1.09 -11.54
CA GLU A 78 8.58 -0.10 -12.37
C GLU A 78 7.32 -0.58 -13.09
N GLN A 79 6.18 -0.49 -12.41
CA GLN A 79 4.90 -0.92 -12.98
C GLN A 79 4.43 0.06 -14.06
N LEU A 80 4.37 1.35 -13.71
CA LEU A 80 3.95 2.41 -14.63
C LEU A 80 2.49 2.25 -15.04
N GLU A 81 2.20 1.21 -15.81
CA GLU A 81 0.85 0.92 -16.28
C GLU A 81 0.50 -0.55 -16.08
N GLU A 82 1.40 -1.44 -16.49
CA GLU A 82 1.19 -2.88 -16.36
C GLU A 82 2.51 -3.61 -16.08
N SER A 83 3.44 -3.52 -17.04
CA SER A 83 4.76 -4.16 -16.90
C SER A 83 4.65 -5.70 -17.03
N ARG A 84 3.93 -6.34 -16.11
CA ARG A 84 3.76 -7.80 -16.14
C ARG A 84 2.86 -8.28 -14.98
N GLN A 85 1.60 -7.83 -15.00
CA GLN A 85 0.63 -8.21 -13.96
C GLN A 85 1.21 -8.10 -12.55
N ARG A 86 1.51 -6.86 -12.14
CA ARG A 86 2.08 -6.59 -10.82
C ARG A 86 3.55 -7.00 -10.73
N LEU A 87 4.40 -6.08 -10.25
CA LEU A 87 5.83 -6.35 -10.10
C LEU A 87 6.11 -7.21 -8.86
N SER A 88 5.38 -6.94 -7.78
CA SER A 88 5.55 -7.69 -6.53
C SER A 88 4.26 -8.43 -6.15
N ARG A 89 4.21 -8.93 -4.92
CA ARG A 89 3.05 -9.66 -4.42
C ARG A 89 2.11 -8.75 -3.62
N MET A 15 -11.14 -9.50 -8.46
CA MET A 15 -10.69 -10.91 -8.32
C MET A 15 -9.16 -11.02 -8.44
N MET A 16 -8.64 -10.91 -9.67
CA MET A 16 -7.20 -11.01 -9.90
C MET A 16 -6.62 -9.68 -10.42
N LYS A 17 -5.32 -9.50 -10.25
CA LYS A 17 -4.63 -8.28 -10.71
C LYS A 17 -4.60 -8.23 -12.24
N LEU A 18 -5.54 -7.51 -12.83
CA LEU A 18 -5.62 -7.38 -14.28
C LEU A 18 -4.67 -6.29 -14.81
N GLY A 19 -3.36 -6.54 -14.71
CA GLY A 19 -2.37 -5.58 -15.19
C GLY A 19 -2.40 -5.44 -16.71
N LEU A 20 -3.51 -4.91 -17.22
CA LEU A 20 -3.69 -4.72 -18.67
C LEU A 20 -4.73 -3.64 -18.96
N VAL A 21 -5.83 -3.66 -18.19
CA VAL A 21 -6.92 -2.68 -18.37
C VAL A 21 -6.39 -1.25 -18.24
N ARG A 22 -6.91 -0.35 -19.07
CA ARG A 22 -6.49 1.05 -19.06
C ARG A 22 -7.02 1.78 -17.81
N PHE A 23 -6.59 1.31 -16.64
CA PHE A 23 -7.03 1.91 -15.38
C PHE A 23 -5.85 2.57 -14.65
N SER A 24 -5.18 3.49 -15.35
CA SER A 24 -4.03 4.22 -14.81
C SER A 24 -4.31 4.72 -13.39
N MET A 25 -3.35 4.51 -12.49
CA MET A 25 -3.48 4.93 -11.09
C MET A 25 -4.53 4.09 -10.35
N LEU A 26 -5.77 4.15 -10.83
CA LEU A 26 -6.87 3.38 -10.23
C LEU A 26 -6.48 1.92 -9.96
N LEU A 27 -5.92 1.26 -10.98
CA LEU A 27 -5.50 -0.13 -10.84
C LEU A 27 -4.61 -0.34 -9.61
N ALA A 28 -3.69 0.59 -9.37
CA ALA A 28 -2.78 0.50 -8.22
C ALA A 28 -3.56 0.39 -6.90
N LEU A 29 -4.74 1.02 -6.85
CA LEU A 29 -5.58 0.98 -5.66
C LEU A 29 -5.80 -0.47 -5.20
N ALA A 30 -5.85 -1.40 -6.16
CA ALA A 30 -6.01 -2.82 -5.85
C ALA A 30 -4.87 -3.31 -4.96
N LEU A 31 -3.65 -2.87 -5.28
CA LEU A 31 -2.47 -3.25 -4.52
C LEU A 31 -2.48 -2.56 -3.15
N VAL A 32 -2.79 -1.26 -3.16
CA VAL A 32 -2.86 -0.49 -1.91
C VAL A 32 -3.85 -1.15 -0.95
N VAL A 33 -5.08 -1.39 -1.45
CA VAL A 33 -6.10 -2.04 -0.65
C VAL A 33 -5.60 -3.41 -0.18
N LEU A 34 -5.01 -4.17 -1.11
CA LEU A 34 -4.45 -5.49 -0.78
C LEU A 34 -3.46 -5.37 0.38
N ALA A 35 -2.57 -4.39 0.30
CA ALA A 35 -1.58 -4.17 1.36
C ALA A 35 -2.28 -3.95 2.70
N ILE A 36 -3.29 -3.06 2.70
CA ILE A 36 -4.05 -2.78 3.92
C ILE A 36 -4.73 -4.06 4.43
N VAL A 37 -5.40 -4.78 3.52
CA VAL A 37 -6.07 -6.03 3.87
C VAL A 37 -5.07 -7.02 4.47
N VAL A 38 -3.94 -7.20 3.80
CA VAL A 38 -2.90 -8.11 4.28
C VAL A 38 -2.42 -7.65 5.66
N GLN A 39 -2.12 -6.35 5.78
CA GLN A 39 -1.67 -5.78 7.05
C GLN A 39 -2.67 -6.08 8.16
N MET A 40 -3.96 -5.85 7.88
CA MET A 40 -5.03 -6.11 8.84
C MET A 40 -5.10 -7.61 9.16
N ALA A 41 -5.12 -8.43 8.10
CA ALA A 41 -5.17 -9.88 8.26
C ALA A 41 -4.04 -10.37 9.17
N VAL A 42 -2.80 -10.02 8.81
CA VAL A 42 -1.63 -10.40 9.60
C VAL A 42 -1.81 -9.93 11.04
N THR A 43 -2.27 -8.69 11.19
CA THR A 43 -2.53 -8.11 12.52
C THR A 43 -3.54 -8.98 13.28
N MET A 44 -4.62 -9.37 12.59
CA MET A 44 -5.66 -10.21 13.18
C MET A 44 -5.07 -11.57 13.58
N VAL A 45 -4.27 -12.15 12.69
CA VAL A 45 -3.63 -13.44 12.95
C VAL A 45 -2.74 -13.36 14.21
N LEU A 46 -1.95 -12.28 14.30
CA LEU A 46 -1.07 -12.07 15.44
C LEU A 46 -1.87 -11.66 16.67
N HIS A 47 -1.56 -12.26 17.82
CA HIS A 47 -2.25 -11.95 19.09
C HIS A 47 -3.69 -12.47 19.06
N GLY A 48 -4.50 -11.99 18.11
CA GLY A 48 -5.88 -12.43 18.00
C GLY A 48 -6.85 -11.42 18.57
N GLN A 49 -6.48 -10.80 19.69
CA GLN A 49 -7.33 -9.80 20.35
C GLN A 49 -7.55 -8.57 19.47
N VAL A 50 -8.65 -7.86 19.70
CA VAL A 50 -8.98 -6.66 18.94
C VAL A 50 -8.38 -5.40 19.60
N GLU A 51 -7.10 -5.48 19.97
CA GLU A 51 -6.40 -4.36 20.61
C GLU A 51 -6.60 -3.06 19.83
N SER A 52 -6.62 -3.15 18.51
CA SER A 52 -6.82 -1.98 17.65
C SER A 52 -8.24 -1.96 17.07
N ILE A 53 -9.12 -1.17 17.69
CA ILE A 53 -10.51 -1.07 17.23
C ILE A 53 -10.58 -0.77 15.72
N ASP A 54 -9.75 0.18 15.28
CA ASP A 54 -9.70 0.55 13.87
C ASP A 54 -8.27 0.41 13.33
N VAL A 55 -7.36 1.24 13.82
CA VAL A 55 -5.96 1.21 13.40
C VAL A 55 -5.02 1.46 14.59
N ILE A 56 -4.01 0.62 14.73
CA ILE A 56 -3.05 0.74 15.83
C ILE A 56 -2.29 2.07 15.80
N ARG A 57 -2.84 3.06 16.53
CA ARG A 57 -2.24 4.39 16.61
C ARG A 57 -2.22 5.09 15.24
N SER A 58 -3.32 5.77 14.90
CA SER A 58 -3.43 6.48 13.62
C SER A 58 -2.15 7.26 13.30
N ILE A 59 -1.79 8.19 14.19
CA ILE A 59 -0.58 9.00 14.01
C ILE A 59 0.63 8.13 13.67
N PHE A 60 0.80 7.03 14.41
CA PHE A 60 1.91 6.11 14.18
C PHE A 60 1.96 5.65 12.73
N PHE A 61 0.79 5.48 12.10
CA PHE A 61 0.72 5.07 10.70
C PHE A 61 1.65 5.94 9.85
N GLY A 62 1.72 7.23 10.19
CA GLY A 62 2.58 8.16 9.47
C GLY A 62 3.99 7.63 9.30
N LEU A 63 4.49 6.89 10.30
CA LEU A 63 5.82 6.30 10.22
C LEU A 63 5.93 5.40 9.00
N LEU A 64 4.87 4.62 8.75
CA LEU A 64 4.82 3.73 7.60
C LEU A 64 5.03 4.49 6.29
N ILE A 65 4.74 5.80 6.30
CA ILE A 65 4.91 6.64 5.12
C ILE A 65 6.32 6.50 4.54
N THR A 66 7.32 6.27 5.41
CA THR A 66 8.70 6.12 4.93
C THR A 66 8.81 4.89 4.01
N PRO A 67 8.63 3.67 4.54
CA PRO A 67 8.68 2.44 3.73
C PRO A 67 7.61 2.44 2.63
N TRP A 68 6.43 2.97 2.97
CA TRP A 68 5.32 3.05 2.03
C TRP A 68 5.69 3.96 0.85
N ALA A 69 6.33 5.10 1.15
CA ALA A 69 6.75 6.03 0.10
C ALA A 69 7.77 5.35 -0.81
N VAL A 70 8.79 4.75 -0.20
CA VAL A 70 9.83 4.05 -0.96
C VAL A 70 9.20 2.94 -1.81
N TYR A 71 8.43 2.07 -1.17
CA TYR A 71 7.75 0.97 -1.85
C TYR A 71 6.87 1.52 -2.97
N PHE A 72 6.01 2.47 -2.63
CA PHE A 72 5.11 3.10 -3.61
C PHE A 72 5.88 3.66 -4.79
N LEU A 73 6.89 4.49 -4.52
CA LEU A 73 7.71 5.08 -5.58
C LEU A 73 8.26 3.99 -6.49
N SER A 74 8.85 2.95 -5.89
CA SER A 74 9.40 1.83 -6.65
C SER A 74 8.31 1.14 -7.47
N VAL A 75 7.32 0.57 -6.77
CA VAL A 75 6.20 -0.12 -7.43
C VAL A 75 5.61 0.72 -8.57
N VAL A 76 5.26 1.98 -8.25
CA VAL A 76 4.69 2.90 -9.24
C VAL A 76 5.59 2.96 -10.47
N VAL A 77 6.89 3.16 -10.25
CA VAL A 77 7.86 3.22 -11.35
C VAL A 77 7.86 1.90 -12.13
N GLU A 78 7.99 0.78 -11.40
CA GLU A 78 8.01 -0.54 -12.02
C GLU A 78 6.69 -0.82 -12.76
N GLN A 79 5.58 -0.39 -12.16
CA GLN A 79 4.25 -0.60 -12.75
C GLN A 79 4.05 0.24 -14.03
N LEU A 80 4.86 1.28 -14.21
CA LEU A 80 4.77 2.16 -15.39
C LEU A 80 3.44 2.93 -15.37
N GLU A 81 3.48 4.17 -14.90
CA GLU A 81 2.27 5.00 -14.82
C GLU A 81 2.38 6.23 -15.71
N GLU A 82 3.38 7.08 -15.45
CA GLU A 82 3.58 8.30 -16.23
C GLU A 82 4.33 8.02 -17.54
N SER A 83 5.65 7.88 -17.46
CA SER A 83 6.45 7.62 -18.66
C SER A 83 6.39 6.15 -19.09
N ARG A 84 7.08 5.83 -20.18
CA ARG A 84 7.11 4.47 -20.70
C ARG A 84 8.38 3.72 -20.29
N GLN A 85 8.55 3.52 -18.97
CA GLN A 85 9.72 2.79 -18.46
C GLN A 85 9.65 1.32 -18.89
N ARG A 86 8.46 0.74 -18.77
CA ARG A 86 8.21 -0.65 -19.15
C ARG A 86 8.90 -1.65 -18.22
N LEU A 87 8.26 -1.97 -17.10
CA LEU A 87 8.80 -2.94 -16.15
C LEU A 87 7.78 -4.06 -15.90
N SER A 88 6.75 -3.78 -15.10
CA SER A 88 5.73 -4.79 -14.82
C SER A 88 4.39 -4.43 -15.49
N ARG A 89 3.62 -3.54 -14.84
CA ARG A 89 2.31 -3.07 -15.33
C ARG A 89 1.18 -3.95 -14.81
N MET A 15 8.54 2.23 -21.75
CA MET A 15 7.34 1.67 -22.44
C MET A 15 6.19 2.68 -22.46
N MET A 16 5.38 2.65 -23.53
CA MET A 16 4.25 3.57 -23.66
C MET A 16 3.12 3.15 -22.73
N LYS A 17 3.19 3.61 -21.48
CA LYS A 17 2.20 3.30 -20.44
C LYS A 17 2.47 1.93 -19.81
N LEU A 18 2.49 1.88 -18.48
CA LEU A 18 2.74 0.64 -17.74
C LEU A 18 1.54 -0.29 -17.83
N GLY A 19 0.35 0.24 -17.50
CA GLY A 19 -0.87 -0.56 -17.55
C GLY A 19 -1.94 0.10 -18.41
N LEU A 20 -2.78 0.92 -17.79
CA LEU A 20 -3.85 1.63 -18.50
C LEU A 20 -3.49 3.10 -18.72
N VAL A 21 -3.34 3.84 -17.63
CA VAL A 21 -3.00 5.26 -17.67
C VAL A 21 -4.13 6.11 -18.26
N ARG A 22 -5.36 5.78 -17.88
CA ARG A 22 -6.54 6.53 -18.35
C ARG A 22 -6.93 7.60 -17.34
N PHE A 23 -6.90 7.23 -16.06
CA PHE A 23 -7.23 8.14 -14.96
C PHE A 23 -6.29 7.88 -13.78
N SER A 24 -5.07 8.41 -13.88
CA SER A 24 -4.05 8.23 -12.85
C SER A 24 -3.53 6.78 -12.83
N MET A 25 -2.64 6.48 -11.89
CA MET A 25 -2.09 5.13 -11.77
C MET A 25 -3.11 4.18 -11.13
N LEU A 26 -4.22 3.96 -11.83
CA LEU A 26 -5.30 3.09 -11.35
C LEU A 26 -4.80 1.72 -10.90
N LEU A 27 -3.93 1.10 -11.69
CA LEU A 27 -3.38 -0.22 -11.35
C LEU A 27 -2.89 -0.28 -9.91
N ALA A 28 -2.36 0.84 -9.39
CA ALA A 28 -1.88 0.91 -8.01
C ALA A 28 -2.92 0.38 -7.01
N LEU A 29 -4.21 0.53 -7.36
CA LEU A 29 -5.31 0.06 -6.51
C LEU A 29 -5.05 -1.36 -6.03
N ALA A 30 -4.52 -2.21 -6.91
CA ALA A 30 -4.22 -3.60 -6.56
C ALA A 30 -3.26 -3.66 -5.37
N LEU A 31 -2.26 -2.77 -5.38
CA LEU A 31 -1.27 -2.69 -4.29
C LEU A 31 -1.95 -2.17 -3.02
N VAL A 32 -2.76 -1.13 -3.16
CA VAL A 32 -3.48 -0.55 -2.04
C VAL A 32 -4.37 -1.59 -1.36
N VAL A 33 -5.19 -2.27 -2.16
CA VAL A 33 -6.08 -3.31 -1.64
C VAL A 33 -5.26 -4.40 -0.94
N LEU A 34 -4.25 -4.92 -1.64
CA LEU A 34 -3.38 -5.94 -1.07
C LEU A 34 -2.80 -5.46 0.25
N ALA A 35 -2.26 -4.24 0.26
CA ALA A 35 -1.68 -3.65 1.47
C ALA A 35 -2.72 -3.59 2.58
N ILE A 36 -3.89 -3.03 2.27
CA ILE A 36 -4.98 -2.93 3.25
C ILE A 36 -5.32 -4.32 3.80
N VAL A 37 -5.48 -5.29 2.91
CA VAL A 37 -5.78 -6.67 3.30
C VAL A 37 -4.69 -7.21 4.24
N VAL A 38 -3.43 -7.11 3.80
CA VAL A 38 -2.31 -7.57 4.59
C VAL A 38 -2.31 -6.90 5.96
N GLN A 39 -2.46 -5.57 5.98
CA GLN A 39 -2.50 -4.81 7.23
C GLN A 39 -3.63 -5.30 8.12
N MET A 40 -4.85 -5.32 7.59
CA MET A 40 -6.02 -5.78 8.34
C MET A 40 -5.77 -7.18 8.90
N ALA A 41 -5.26 -8.08 8.05
CA ALA A 41 -4.94 -9.44 8.46
C ALA A 41 -3.92 -9.44 9.60
N VAL A 42 -2.81 -8.72 9.41
CA VAL A 42 -1.77 -8.62 10.44
C VAL A 42 -2.35 -8.09 11.75
N THR A 43 -3.05 -6.96 11.66
CA THR A 43 -3.67 -6.35 12.84
C THR A 43 -4.66 -7.32 13.49
N MET A 44 -5.47 -7.99 12.67
CA MET A 44 -6.43 -8.96 13.17
C MET A 44 -5.76 -10.07 13.97
N VAL A 45 -4.69 -10.66 13.41
CA VAL A 45 -3.96 -11.72 14.09
C VAL A 45 -3.18 -11.18 15.30
N LEU A 46 -2.69 -9.94 15.18
CA LEU A 46 -1.94 -9.30 16.25
C LEU A 46 -2.87 -8.89 17.40
N HIS A 47 -3.15 -9.84 18.29
CA HIS A 47 -4.04 -9.62 19.43
C HIS A 47 -3.84 -8.23 20.06
N GLY A 48 -4.90 -7.41 20.01
CA GLY A 48 -4.84 -6.07 20.57
C GLY A 48 -6.22 -5.50 20.85
N GLN A 49 -6.99 -5.26 19.79
CA GLN A 49 -8.34 -4.70 19.92
C GLN A 49 -9.34 -5.54 19.11
N VAL A 50 -10.55 -5.71 19.67
CA VAL A 50 -11.61 -6.49 19.01
C VAL A 50 -11.83 -6.04 17.55
N GLU A 51 -11.97 -4.73 17.35
CA GLU A 51 -12.18 -4.18 16.01
C GLU A 51 -11.99 -2.67 16.00
N SER A 52 -10.82 -2.23 15.53
CA SER A 52 -10.50 -0.80 15.46
C SER A 52 -9.14 -0.59 14.81
N ILE A 53 -8.83 0.66 14.49
CA ILE A 53 -7.55 1.01 13.88
C ILE A 53 -6.46 1.29 14.93
N ASP A 54 -6.80 1.17 16.22
CA ASP A 54 -5.84 1.43 17.28
C ASP A 54 -5.57 0.19 18.16
N VAL A 55 -4.55 0.30 19.00
CA VAL A 55 -4.16 -0.78 19.92
C VAL A 55 -3.21 -0.27 21.00
N ILE A 56 -2.19 0.48 20.58
CA ILE A 56 -1.20 1.04 21.51
C ILE A 56 -0.44 2.22 20.89
N ARG A 57 0.00 2.07 19.64
CA ARG A 57 0.74 3.11 18.94
C ARG A 57 0.45 3.08 17.44
N SER A 58 -0.84 3.18 17.08
CA SER A 58 -1.26 3.15 15.68
C SER A 58 -0.72 4.36 14.89
N ILE A 59 -0.94 5.56 15.42
CA ILE A 59 -0.48 6.79 14.76
C ILE A 59 0.95 6.63 14.22
N PHE A 60 1.82 6.03 15.04
CA PHE A 60 3.22 5.81 14.66
C PHE A 60 3.33 5.21 13.25
N PHE A 61 2.39 4.34 12.90
CA PHE A 61 2.37 3.70 11.57
C PHE A 61 2.67 4.71 10.46
N GLY A 62 2.08 5.90 10.57
CA GLY A 62 2.31 6.95 9.58
C GLY A 62 3.77 7.05 9.16
N LEU A 63 4.67 7.04 10.15
CA LEU A 63 6.10 7.09 9.88
C LEU A 63 6.49 6.03 8.86
N LEU A 64 6.04 4.79 9.10
CA LEU A 64 6.31 3.68 8.19
C LEU A 64 5.68 3.93 6.83
N ILE A 65 4.59 4.70 6.81
CA ILE A 65 3.91 5.02 5.56
C ILE A 65 4.81 5.86 4.64
N THR A 66 5.79 6.57 5.21
CA THR A 66 6.72 7.37 4.40
C THR A 66 7.46 6.46 3.42
N PRO A 67 8.27 5.50 3.93
CA PRO A 67 8.99 4.56 3.08
C PRO A 67 8.02 3.68 2.30
N TRP A 68 6.92 3.30 2.96
CA TRP A 68 5.88 2.46 2.34
C TRP A 68 5.38 3.12 1.06
N ALA A 69 4.99 4.40 1.16
CA ALA A 69 4.49 5.15 0.01
C ALA A 69 5.58 5.31 -1.05
N VAL A 70 6.77 5.74 -0.63
CA VAL A 70 7.90 5.94 -1.55
C VAL A 70 8.18 4.64 -2.32
N TYR A 71 8.28 3.53 -1.59
CA TYR A 71 8.53 2.23 -2.20
C TYR A 71 7.36 1.79 -3.07
N PHE A 72 6.15 1.89 -2.53
CA PHE A 72 4.94 1.51 -3.27
C PHE A 72 4.84 2.28 -4.59
N LEU A 73 4.90 3.62 -4.50
CA LEU A 73 4.84 4.47 -5.68
C LEU A 73 5.93 4.10 -6.68
N SER A 74 7.16 4.01 -6.20
CA SER A 74 8.29 3.62 -7.06
C SER A 74 8.01 2.26 -7.72
N VAL A 75 7.60 1.29 -6.90
CA VAL A 75 7.28 -0.04 -7.38
C VAL A 75 6.20 0.04 -8.46
N VAL A 76 5.12 0.77 -8.17
CA VAL A 76 4.03 0.95 -9.12
C VAL A 76 4.57 1.53 -10.43
N VAL A 77 5.35 2.60 -10.32
CA VAL A 77 5.96 3.22 -11.50
C VAL A 77 6.72 2.17 -12.32
N GLU A 78 7.39 1.25 -11.62
CA GLU A 78 8.14 0.17 -12.28
C GLU A 78 7.28 -1.10 -12.46
N GLN A 79 5.96 -0.98 -12.21
CA GLN A 79 5.04 -2.11 -12.36
C GLN A 79 4.09 -1.88 -13.53
N LEU A 80 3.41 -2.94 -13.97
CA LEU A 80 2.48 -2.84 -15.10
C LEU A 80 1.04 -3.06 -14.64
N GLU A 81 0.75 -4.28 -14.18
CA GLU A 81 -0.59 -4.63 -13.72
C GLU A 81 -0.54 -5.36 -12.38
N GLU A 82 -1.48 -5.02 -11.50
CA GLU A 82 -1.56 -5.63 -10.16
C GLU A 82 -0.23 -5.48 -9.40
N SER A 83 -0.08 -6.26 -8.33
CA SER A 83 1.13 -6.23 -7.51
C SER A 83 1.81 -7.60 -7.47
N ARG A 84 1.00 -8.65 -7.36
CA ARG A 84 1.52 -10.03 -7.31
C ARG A 84 2.10 -10.45 -8.66
N GLN A 85 3.42 -10.29 -8.83
CA GLN A 85 4.12 -10.64 -10.07
C GLN A 85 3.86 -9.63 -11.18
N ARG A 86 4.91 -8.93 -11.61
CA ARG A 86 4.79 -7.93 -12.68
C ARG A 86 4.46 -8.56 -14.04
N LEU A 87 3.16 -8.64 -14.33
CA LEU A 87 2.70 -9.22 -15.60
C LEU A 87 1.35 -8.62 -16.00
N SER A 88 0.98 -8.78 -17.28
CA SER A 88 -0.28 -8.26 -17.80
C SER A 88 -0.27 -6.73 -17.88
N ARG A 89 -1.31 -6.17 -18.49
CA ARG A 89 -1.44 -4.72 -18.64
C ARG A 89 -2.72 -4.34 -19.40
N MET A 15 1.13 8.45 -21.24
CA MET A 15 2.38 7.78 -21.70
C MET A 15 3.20 7.26 -20.51
N MET A 16 3.41 5.95 -20.46
CA MET A 16 4.18 5.30 -19.38
C MET A 16 3.41 5.33 -18.06
N LYS A 17 3.06 6.54 -17.59
CA LYS A 17 2.33 6.70 -16.34
C LYS A 17 1.03 7.47 -16.56
N LEU A 18 0.05 6.79 -17.14
CA LEU A 18 -1.26 7.40 -17.41
C LEU A 18 -2.38 6.41 -17.09
N GLY A 19 -3.36 6.88 -16.31
CA GLY A 19 -4.48 6.04 -15.93
C GLY A 19 -5.28 5.54 -17.11
N LEU A 20 -5.12 4.25 -17.42
CA LEU A 20 -5.84 3.62 -18.54
C LEU A 20 -7.35 3.93 -18.44
N VAL A 21 -7.88 3.86 -17.23
CA VAL A 21 -9.29 4.14 -16.98
C VAL A 21 -9.44 5.30 -15.99
N ARG A 22 -9.36 6.53 -16.52
CA ARG A 22 -9.46 7.76 -15.70
C ARG A 22 -8.06 8.22 -15.25
N PHE A 23 -7.94 9.52 -14.98
CA PHE A 23 -6.67 10.12 -14.55
C PHE A 23 -6.07 9.38 -13.34
N SER A 24 -4.73 9.29 -13.32
CA SER A 24 -3.99 8.64 -12.23
C SER A 24 -4.01 7.11 -12.36
N MET A 25 -3.03 6.47 -11.73
CA MET A 25 -2.92 5.01 -11.77
C MET A 25 -3.97 4.34 -10.88
N LEU A 26 -5.22 4.33 -11.35
CA LEU A 26 -6.33 3.72 -10.62
C LEU A 26 -5.98 2.30 -10.16
N LEU A 27 -5.25 1.56 -11.00
CA LEU A 27 -4.83 0.19 -10.68
C LEU A 27 -4.24 0.07 -9.28
N ALA A 28 -3.52 1.12 -8.85
CA ALA A 28 -2.89 1.15 -7.53
C ALA A 28 -3.83 0.62 -6.43
N LEU A 29 -5.13 0.91 -6.57
CA LEU A 29 -6.13 0.45 -5.60
C LEU A 29 -5.97 -1.03 -5.29
N ALA A 30 -5.60 -1.82 -6.31
CA ALA A 30 -5.39 -3.26 -6.13
C ALA A 30 -4.30 -3.53 -5.09
N LEU A 31 -3.22 -2.74 -5.16
CA LEU A 31 -2.12 -2.87 -4.21
C LEU A 31 -2.57 -2.41 -2.82
N VAL A 32 -3.23 -1.25 -2.77
CA VAL A 32 -3.74 -0.70 -1.52
C VAL A 32 -4.66 -1.71 -0.84
N VAL A 33 -5.67 -2.18 -1.55
CA VAL A 33 -6.61 -3.16 -1.03
C VAL A 33 -5.86 -4.39 -0.53
N LEU A 34 -4.95 -4.91 -1.37
CA LEU A 34 -4.14 -6.08 -1.01
C LEU A 34 -3.39 -5.82 0.30
N ALA A 35 -2.72 -4.66 0.37
CA ALA A 35 -1.99 -4.28 1.58
C ALA A 35 -2.92 -4.28 2.79
N ILE A 36 -4.08 -3.63 2.64
CA ILE A 36 -5.07 -3.57 3.70
C ILE A 36 -5.46 -5.00 4.13
N VAL A 37 -5.76 -5.84 3.14
CA VAL A 37 -6.12 -7.23 3.39
C VAL A 37 -5.02 -7.93 4.16
N VAL A 38 -3.77 -7.75 3.70
CA VAL A 38 -2.61 -8.35 4.38
C VAL A 38 -2.55 -7.88 5.83
N GLN A 39 -2.64 -6.56 6.03
CA GLN A 39 -2.60 -5.98 7.38
C GLN A 39 -3.72 -6.57 8.24
N MET A 40 -4.93 -6.64 7.67
CA MET A 40 -6.08 -7.20 8.38
C MET A 40 -5.83 -8.66 8.74
N ALA A 41 -5.37 -9.43 7.75
CA ALA A 41 -5.06 -10.85 7.96
C ALA A 41 -4.02 -11.01 9.07
N VAL A 42 -2.89 -10.32 8.91
CA VAL A 42 -1.82 -10.37 9.91
C VAL A 42 -2.38 -10.00 11.29
N THR A 43 -3.19 -8.94 11.34
CA THR A 43 -3.80 -8.50 12.59
C THR A 43 -4.67 -9.60 13.20
N MET A 44 -5.42 -10.31 12.35
CA MET A 44 -6.29 -11.40 12.81
C MET A 44 -5.48 -12.60 13.31
N VAL A 45 -4.39 -12.92 12.63
CA VAL A 45 -3.55 -14.06 13.01
C VAL A 45 -2.62 -13.70 14.19
N LEU A 46 -2.22 -12.43 14.28
CA LEU A 46 -1.34 -11.98 15.36
C LEU A 46 -2.01 -12.12 16.73
N HIS A 47 -1.33 -12.78 17.66
CA HIS A 47 -1.85 -13.00 19.00
C HIS A 47 -2.22 -11.66 19.67
N GLY A 48 -1.43 -10.62 19.39
CA GLY A 48 -1.70 -9.31 19.95
C GLY A 48 -2.74 -8.54 19.16
N GLN A 49 -3.80 -8.11 19.83
CA GLN A 49 -4.89 -7.38 19.17
C GLN A 49 -4.38 -6.07 18.55
N VAL A 50 -4.27 -6.06 17.22
CA VAL A 50 -3.80 -4.90 16.46
C VAL A 50 -2.28 -4.74 16.52
N GLU A 51 -1.66 -4.59 15.35
CA GLU A 51 -0.21 -4.43 15.26
C GLU A 51 0.21 -3.02 15.71
N SER A 52 -0.12 -2.69 16.96
CA SER A 52 0.21 -1.37 17.54
C SER A 52 -0.26 -1.29 19.00
N ILE A 53 -0.01 -2.35 19.77
CA ILE A 53 -0.40 -2.41 21.17
C ILE A 53 0.51 -1.56 22.07
N ASP A 54 1.78 -1.44 21.70
CA ASP A 54 2.74 -0.65 22.47
C ASP A 54 2.42 0.84 22.41
N VAL A 55 2.37 1.39 21.20
CA VAL A 55 2.07 2.81 21.02
C VAL A 55 1.09 3.03 19.86
N ILE A 56 -0.21 2.96 20.17
CA ILE A 56 -1.26 3.15 19.16
C ILE A 56 -1.51 4.65 18.91
N ARG A 57 -0.88 5.17 17.86
CA ARG A 57 -1.03 6.59 17.51
C ARG A 57 -1.26 6.77 16.01
N SER A 58 -2.31 7.51 15.66
CA SER A 58 -2.65 7.79 14.26
C SER A 58 -1.47 8.44 13.53
N ILE A 59 -1.06 9.60 14.02
CA ILE A 59 0.07 10.33 13.44
C ILE A 59 1.29 9.42 13.27
N PHE A 60 1.53 8.56 14.26
CA PHE A 60 2.65 7.62 14.21
C PHE A 60 2.71 6.90 12.86
N PHE A 61 1.54 6.55 12.31
CA PHE A 61 1.46 5.88 11.02
C PHE A 61 2.35 6.57 9.97
N GLY A 62 2.43 7.91 10.06
CA GLY A 62 3.26 8.67 9.14
C GLY A 62 4.64 8.06 8.97
N LEU A 63 5.22 7.60 10.08
CA LEU A 63 6.54 6.96 10.04
C LEU A 63 6.55 5.82 9.02
N LEU A 64 5.49 5.00 9.06
CA LEU A 64 5.34 3.89 8.13
C LEU A 64 5.27 4.38 6.68
N ILE A 65 4.79 5.61 6.49
CA ILE A 65 4.69 6.21 5.17
C ILE A 65 6.07 6.36 4.52
N THR A 66 7.14 6.42 5.34
CA THR A 66 8.49 6.55 4.80
C THR A 66 8.83 5.34 3.92
N PRO A 67 8.90 4.12 4.50
CA PRO A 67 9.17 2.91 3.73
C PRO A 67 8.05 2.62 2.73
N TRP A 68 6.81 2.83 3.17
CA TRP A 68 5.63 2.62 2.33
C TRP A 68 5.72 3.46 1.06
N ALA A 69 5.99 4.76 1.23
CA ALA A 69 6.12 5.67 0.09
C ALA A 69 7.30 5.27 -0.80
N VAL A 70 8.44 4.98 -0.18
CA VAL A 70 9.63 4.57 -0.94
C VAL A 70 9.32 3.36 -1.83
N TYR A 71 8.75 2.33 -1.22
CA TYR A 71 8.38 1.11 -1.95
C TYR A 71 7.28 1.42 -2.97
N PHE A 72 6.20 2.07 -2.51
CA PHE A 72 5.09 2.44 -3.39
C PHE A 72 5.59 3.19 -4.62
N LEU A 73 6.33 4.28 -4.39
CA LEU A 73 6.87 5.08 -5.48
C LEU A 73 7.69 4.19 -6.44
N SER A 74 8.60 3.40 -5.87
CA SER A 74 9.42 2.48 -6.66
C SER A 74 8.55 1.58 -7.54
N VAL A 75 7.65 0.84 -6.91
CA VAL A 75 6.73 -0.06 -7.62
C VAL A 75 5.93 0.74 -8.67
N VAL A 76 5.40 1.89 -8.27
CA VAL A 76 4.65 2.77 -9.16
C VAL A 76 5.51 3.14 -10.36
N VAL A 77 6.79 3.44 -10.11
CA VAL A 77 7.73 3.79 -11.17
C VAL A 77 7.86 2.63 -12.16
N GLU A 78 7.95 1.41 -11.64
CA GLU A 78 8.05 0.22 -12.48
C GLU A 78 6.71 -0.12 -13.13
N GLN A 79 5.63 0.03 -12.35
CA GLN A 79 4.27 -0.25 -12.82
C GLN A 79 4.00 0.38 -14.20
N LEU A 80 3.93 -0.45 -15.24
CA LEU A 80 3.67 0.04 -16.59
C LEU A 80 2.19 0.41 -16.77
N GLU A 81 1.87 1.67 -16.49
CA GLU A 81 0.50 2.16 -16.61
C GLU A 81 -0.02 2.09 -18.04
N GLU A 82 -1.27 2.54 -18.24
CA GLU A 82 -1.92 2.53 -19.56
C GLU A 82 -2.22 1.10 -20.02
N SER A 83 -1.16 0.29 -20.10
CA SER A 83 -1.30 -1.11 -20.51
C SER A 83 -2.38 -1.82 -19.69
N ARG A 84 -3.22 -2.60 -20.36
CA ARG A 84 -4.30 -3.32 -19.68
C ARG A 84 -3.73 -4.49 -18.88
N GLN A 85 -2.91 -4.16 -17.86
CA GLN A 85 -2.28 -5.16 -17.00
C GLN A 85 -1.12 -5.86 -17.73
N ARG A 86 -0.01 -6.03 -17.03
CA ARG A 86 1.17 -6.67 -17.61
C ARG A 86 1.27 -8.15 -17.20
N LEU A 87 0.93 -8.46 -15.95
CA LEU A 87 0.97 -9.84 -15.44
C LEU A 87 0.20 -9.97 -14.12
N SER A 88 0.53 -9.12 -13.15
CA SER A 88 -0.12 -9.13 -11.85
C SER A 88 0.04 -7.78 -11.14
N ARG A 89 -0.27 -7.75 -9.85
CA ARG A 89 -0.17 -6.53 -9.05
C ARG A 89 0.24 -6.85 -7.60
N MET A 15 -10.27 7.33 -3.49
CA MET A 15 -9.00 7.47 -4.26
C MET A 15 -8.43 8.89 -4.17
N MET A 16 -7.20 9.01 -3.68
CA MET A 16 -6.54 10.31 -3.54
C MET A 16 -5.11 10.16 -3.02
N LYS A 17 -4.26 11.13 -3.35
CA LYS A 17 -2.86 11.12 -2.92
C LYS A 17 -2.09 9.95 -3.56
N LEU A 18 -2.09 9.90 -4.90
CA LEU A 18 -1.39 8.86 -5.63
C LEU A 18 0.02 9.31 -6.02
N GLY A 19 1.02 8.54 -5.60
CA GLY A 19 2.41 8.87 -5.91
C GLY A 19 2.76 8.71 -7.38
N LEU A 20 2.16 9.55 -8.22
CA LEU A 20 2.40 9.51 -9.66
C LEU A 20 2.07 10.85 -10.33
N VAL A 21 0.80 11.23 -10.31
CA VAL A 21 0.36 12.50 -10.90
C VAL A 21 -0.52 13.29 -9.92
N ARG A 22 -1.76 12.84 -9.72
CA ARG A 22 -2.69 13.50 -8.81
C ARG A 22 -4.01 12.73 -8.67
N PHE A 23 -4.63 12.40 -9.81
CA PHE A 23 -5.88 11.64 -9.82
C PHE A 23 -5.90 10.62 -10.95
N SER A 24 -4.75 9.96 -11.15
CA SER A 24 -4.61 8.97 -12.21
C SER A 24 -4.20 7.60 -11.65
N MET A 25 -4.14 6.59 -12.53
CA MET A 25 -3.78 5.23 -12.16
C MET A 25 -4.59 4.72 -10.96
N LEU A 26 -5.91 4.62 -11.15
CA LEU A 26 -6.80 4.14 -10.10
C LEU A 26 -6.50 2.68 -9.73
N LEU A 27 -6.10 1.89 -10.73
CA LEU A 27 -5.78 0.47 -10.50
C LEU A 27 -4.87 0.27 -9.28
N ALA A 28 -3.93 1.20 -9.07
CA ALA A 28 -3.00 1.13 -7.94
C ALA A 28 -3.75 0.87 -6.63
N LEU A 29 -4.97 1.41 -6.51
CA LEU A 29 -5.79 1.22 -5.31
C LEU A 29 -5.84 -0.25 -4.91
N ALA A 30 -5.85 -1.14 -5.90
CA ALA A 30 -5.89 -2.58 -5.64
C ALA A 30 -4.70 -2.99 -4.77
N LEU A 31 -3.52 -2.45 -5.09
CA LEU A 31 -2.31 -2.74 -4.33
C LEU A 31 -2.36 -2.06 -2.96
N VAL A 32 -2.74 -0.79 -2.94
CA VAL A 32 -2.85 -0.04 -1.69
C VAL A 32 -3.79 -0.76 -0.72
N VAL A 33 -5.01 -1.06 -1.21
CA VAL A 33 -6.00 -1.78 -0.40
C VAL A 33 -5.44 -3.13 0.03
N LEU A 34 -4.92 -3.90 -0.94
CA LEU A 34 -4.34 -5.21 -0.63
C LEU A 34 -3.32 -5.10 0.50
N ALA A 35 -2.41 -4.12 0.37
CA ALA A 35 -1.39 -3.89 1.40
C ALA A 35 -2.04 -3.69 2.77
N ILE A 36 -3.01 -2.77 2.84
CA ILE A 36 -3.73 -2.52 4.10
C ILE A 36 -4.39 -3.81 4.59
N VAL A 37 -5.04 -4.54 3.68
CA VAL A 37 -5.69 -5.80 4.02
C VAL A 37 -4.66 -6.76 4.61
N VAL A 38 -3.50 -6.85 3.97
CA VAL A 38 -2.42 -7.71 4.44
C VAL A 38 -1.97 -7.28 5.84
N GLN A 39 -1.76 -5.97 6.02
CA GLN A 39 -1.35 -5.43 7.32
C GLN A 39 -2.40 -5.76 8.39
N MET A 40 -3.67 -5.62 8.04
CA MET A 40 -4.77 -5.93 8.96
C MET A 40 -4.78 -7.43 9.27
N ALA A 41 -4.80 -8.26 8.23
CA ALA A 41 -4.79 -9.71 8.39
C ALA A 41 -3.61 -10.16 9.25
N VAL A 42 -2.40 -9.69 8.89
CA VAL A 42 -1.19 -10.03 9.65
C VAL A 42 -1.39 -9.66 11.11
N THR A 43 -1.86 -8.44 11.35
CA THR A 43 -2.12 -7.96 12.71
C THR A 43 -3.08 -8.91 13.42
N MET A 44 -4.21 -9.19 12.76
CA MET A 44 -5.23 -10.09 13.29
C MET A 44 -4.64 -11.45 13.64
N VAL A 45 -3.85 -12.00 12.72
CA VAL A 45 -3.21 -13.30 12.92
C VAL A 45 -2.23 -13.26 14.09
N LEU A 46 -1.33 -12.27 14.08
CA LEU A 46 -0.34 -12.11 15.14
C LEU A 46 -1.00 -11.85 16.50
N HIS A 47 -1.89 -10.85 16.54
CA HIS A 47 -2.60 -10.50 17.77
C HIS A 47 -3.82 -9.62 17.46
N GLY A 48 -4.80 -10.23 16.79
CA GLY A 48 -6.01 -9.50 16.43
C GLY A 48 -7.02 -9.41 17.56
N GLN A 49 -8.11 -10.17 17.44
CA GLN A 49 -9.18 -10.17 18.44
C GLN A 49 -9.67 -8.75 18.70
N VAL A 50 -10.30 -8.15 17.68
CA VAL A 50 -10.82 -6.78 17.74
C VAL A 50 -9.72 -5.76 17.41
N GLU A 51 -8.51 -5.99 17.93
CA GLU A 51 -7.37 -5.09 17.68
C GLU A 51 -7.57 -3.71 18.29
N SER A 52 -8.58 -2.98 17.82
CA SER A 52 -8.87 -1.64 18.32
C SER A 52 -10.23 -1.14 17.83
N ILE A 53 -11.13 -0.84 18.77
CA ILE A 53 -12.47 -0.35 18.43
C ILE A 53 -12.42 0.91 17.55
N ASP A 54 -11.43 1.77 17.79
CA ASP A 54 -11.28 3.00 17.02
C ASP A 54 -9.88 3.12 16.43
N VAL A 55 -9.63 4.17 15.65
CA VAL A 55 -8.32 4.41 15.04
C VAL A 55 -7.27 4.81 16.09
N ILE A 56 -7.07 3.94 17.08
CA ILE A 56 -6.12 4.19 18.16
C ILE A 56 -4.68 4.35 17.64
N ARG A 57 -4.32 3.60 16.59
CA ARG A 57 -2.98 3.67 16.02
C ARG A 57 -2.94 4.59 14.79
N SER A 58 -3.78 5.63 14.79
CA SER A 58 -3.82 6.57 13.67
C SER A 58 -2.43 7.15 13.37
N ILE A 59 -1.86 7.86 14.35
CA ILE A 59 -0.54 8.47 14.21
C ILE A 59 0.48 7.46 13.65
N PHE A 60 0.43 6.23 14.16
CA PHE A 60 1.35 5.17 13.71
C PHE A 60 1.41 5.10 12.18
N PHE A 61 0.24 5.26 11.53
CA PHE A 61 0.18 5.23 10.06
C PHE A 61 1.28 6.08 9.44
N GLY A 62 1.53 7.25 10.03
CA GLY A 62 2.57 8.14 9.54
C GLY A 62 3.88 7.42 9.28
N LEU A 63 4.28 6.55 10.23
CA LEU A 63 5.51 5.77 10.07
C LEU A 63 5.42 4.88 8.83
N LEU A 64 4.23 4.32 8.59
CA LEU A 64 4.01 3.47 7.42
C LEU A 64 4.28 4.24 6.13
N ILE A 65 4.20 5.58 6.19
CA ILE A 65 4.47 6.41 5.02
C ILE A 65 5.87 6.14 4.47
N THR A 66 6.82 5.81 5.36
CA THR A 66 8.19 5.51 4.92
C THR A 66 8.20 4.30 3.98
N PRO A 67 7.85 3.09 4.49
CA PRO A 67 7.81 1.88 3.66
C PRO A 67 6.79 2.00 2.52
N TRP A 68 5.65 2.63 2.82
CA TRP A 68 4.59 2.84 1.83
C TRP A 68 5.11 3.66 0.65
N ALA A 69 5.71 4.82 0.95
CA ALA A 69 6.27 5.69 -0.08
C ALA A 69 7.33 4.95 -0.88
N VAL A 70 8.26 4.29 -0.18
CA VAL A 70 9.32 3.53 -0.82
C VAL A 70 8.72 2.48 -1.76
N TYR A 71 7.83 1.64 -1.23
CA TYR A 71 7.17 0.60 -2.02
C TYR A 71 6.45 1.24 -3.21
N PHE A 72 5.64 2.26 -2.94
CA PHE A 72 4.91 2.98 -3.98
C PHE A 72 5.86 3.43 -5.07
N LEU A 73 6.92 4.14 -4.69
CA LEU A 73 7.92 4.62 -5.63
C LEU A 73 8.49 3.45 -6.45
N SER A 74 8.96 2.40 -5.76
CA SER A 74 9.49 1.22 -6.44
C SER A 74 8.45 0.72 -7.45
N VAL A 75 7.20 0.64 -7.01
CA VAL A 75 6.11 0.21 -7.88
C VAL A 75 6.01 1.13 -9.09
N VAL A 76 5.99 2.45 -8.83
CA VAL A 76 5.92 3.45 -9.90
C VAL A 76 7.01 3.18 -10.95
N VAL A 77 8.19 2.75 -10.47
CA VAL A 77 9.31 2.44 -11.35
C VAL A 77 9.04 1.16 -12.16
N GLU A 78 8.44 0.16 -11.51
CA GLU A 78 8.12 -1.11 -12.16
C GLU A 78 6.77 -1.09 -12.89
N GLN A 79 5.86 -0.24 -12.44
CA GLN A 79 4.53 -0.12 -13.03
C GLN A 79 4.51 0.99 -14.11
N LEU A 80 3.31 1.31 -14.59
CA LEU A 80 3.16 2.36 -15.61
C LEU A 80 3.02 3.74 -14.96
N GLU A 81 2.99 4.78 -15.78
CA GLU A 81 2.88 6.15 -15.29
C GLU A 81 1.43 6.64 -15.31
N GLU A 82 0.89 6.84 -16.52
CA GLU A 82 -0.50 7.31 -16.67
C GLU A 82 -1.13 6.80 -17.96
N SER A 83 -0.43 6.98 -19.08
CA SER A 83 -0.94 6.54 -20.39
C SER A 83 -0.82 5.02 -20.54
N ARG A 84 0.42 4.53 -20.65
CA ARG A 84 0.68 3.10 -20.80
C ARG A 84 2.16 2.83 -21.05
N GLN A 85 2.82 2.18 -20.09
CA GLN A 85 4.25 1.87 -20.21
C GLN A 85 4.62 0.62 -19.39
N ARG A 86 3.69 -0.33 -19.33
CA ARG A 86 3.91 -1.57 -18.57
C ARG A 86 2.75 -2.54 -18.75
N LEU A 87 3.00 -3.83 -18.49
CA LEU A 87 1.96 -4.86 -18.63
C LEU A 87 1.52 -5.36 -17.25
N SER A 88 0.21 -5.35 -17.01
CA SER A 88 -0.35 -5.81 -15.74
C SER A 88 -1.74 -6.43 -15.93
N ARG A 89 -2.27 -7.02 -14.85
CA ARG A 89 -3.58 -7.67 -14.90
C ARG A 89 -4.02 -8.13 -13.51
N MET A 15 -4.53 15.58 -1.78
CA MET A 15 -3.78 15.03 -2.95
C MET A 15 -2.34 14.68 -2.57
N MET A 16 -1.80 13.63 -3.18
CA MET A 16 -0.43 13.20 -2.89
C MET A 16 0.32 12.86 -4.19
N LYS A 17 1.64 13.05 -4.18
CA LYS A 17 2.47 12.79 -5.35
C LYS A 17 2.67 11.28 -5.56
N LEU A 18 1.58 10.57 -5.88
CA LEU A 18 1.63 9.13 -6.11
C LEU A 18 2.18 8.82 -7.52
N GLY A 19 3.42 9.23 -7.76
CA GLY A 19 4.05 8.99 -9.06
C GLY A 19 3.47 9.86 -10.16
N LEU A 20 2.24 9.56 -10.56
CA LEU A 20 1.55 10.32 -11.60
C LEU A 20 0.93 11.60 -11.02
N VAL A 21 0.99 12.69 -11.79
CA VAL A 21 0.43 13.98 -11.34
C VAL A 21 -1.07 13.89 -11.11
N ARG A 22 -1.76 13.04 -11.89
CA ARG A 22 -3.19 12.87 -11.76
C ARG A 22 -3.54 11.52 -11.12
N PHE A 23 -4.83 11.32 -10.83
CA PHE A 23 -5.30 10.08 -10.20
C PHE A 23 -5.18 8.88 -11.16
N SER A 24 -3.94 8.58 -11.55
CA SER A 24 -3.66 7.45 -12.45
C SER A 24 -3.15 6.25 -11.66
N MET A 25 -2.51 5.32 -12.35
CA MET A 25 -1.96 4.11 -11.72
C MET A 25 -3.04 3.36 -10.93
N LEU A 26 -4.24 3.26 -11.52
CA LEU A 26 -5.36 2.58 -10.89
C LEU A 26 -4.96 1.24 -10.24
N LEU A 27 -4.03 0.52 -10.90
CA LEU A 27 -3.55 -0.77 -10.39
C LEU A 27 -3.17 -0.69 -8.91
N ALA A 28 -2.61 0.47 -8.49
CA ALA A 28 -2.21 0.67 -7.10
C ALA A 28 -3.32 0.23 -6.13
N LEU A 29 -4.57 0.55 -6.47
CA LEU A 29 -5.73 0.18 -5.63
C LEU A 29 -5.66 -1.31 -5.25
N ALA A 30 -5.28 -2.15 -6.21
CA ALA A 30 -5.15 -3.59 -5.96
C ALA A 30 -4.10 -3.86 -4.89
N LEU A 31 -3.01 -3.10 -4.93
CA LEU A 31 -1.93 -3.25 -3.94
C LEU A 31 -2.41 -2.72 -2.59
N VAL A 32 -3.07 -1.57 -2.60
CA VAL A 32 -3.61 -0.97 -1.38
C VAL A 32 -4.57 -1.94 -0.71
N VAL A 33 -5.53 -2.45 -1.50
CA VAL A 33 -6.51 -3.41 -1.00
C VAL A 33 -5.79 -4.68 -0.52
N LEU A 34 -4.85 -5.17 -1.33
CA LEU A 34 -4.07 -6.37 -0.98
C LEU A 34 -3.42 -6.19 0.40
N ALA A 35 -2.71 -5.07 0.58
CA ALA A 35 -2.06 -4.76 1.85
C ALA A 35 -3.08 -4.75 2.99
N ILE A 36 -4.18 -4.02 2.80
CA ILE A 36 -5.24 -3.94 3.81
C ILE A 36 -5.74 -5.35 4.17
N VAL A 37 -6.10 -6.11 3.14
CA VAL A 37 -6.59 -7.48 3.34
C VAL A 37 -5.56 -8.33 4.10
N VAL A 38 -4.31 -8.30 3.61
CA VAL A 38 -3.23 -9.03 4.26
C VAL A 38 -3.10 -8.63 5.72
N GLN A 39 -3.05 -7.32 5.98
CA GLN A 39 -2.96 -6.79 7.34
C GLN A 39 -4.14 -7.27 8.18
N MET A 40 -5.35 -7.16 7.61
CA MET A 40 -6.56 -7.59 8.30
C MET A 40 -6.47 -9.07 8.64
N ALA A 41 -6.10 -9.89 7.65
CA ALA A 41 -5.95 -11.34 7.84
C ALA A 41 -4.93 -11.62 8.94
N VAL A 42 -3.72 -11.09 8.76
CA VAL A 42 -2.65 -11.29 9.74
C VAL A 42 -3.12 -10.88 11.14
N THR A 43 -3.77 -9.71 11.23
CA THR A 43 -4.29 -9.21 12.50
C THR A 43 -5.36 -10.17 13.06
N MET A 44 -6.25 -10.62 12.19
CA MET A 44 -7.33 -11.55 12.59
C MET A 44 -6.76 -12.88 13.08
N VAL A 45 -5.75 -13.41 12.37
CA VAL A 45 -5.15 -14.69 12.75
C VAL A 45 -4.23 -14.53 13.98
N LEU A 46 -3.70 -13.32 14.19
CA LEU A 46 -2.83 -13.05 15.33
C LEU A 46 -3.65 -12.71 16.58
N HIS A 47 -2.96 -12.37 17.67
CA HIS A 47 -3.63 -12.01 18.92
C HIS A 47 -4.73 -10.96 18.70
N GLY A 48 -4.41 -9.92 17.93
CA GLY A 48 -5.38 -8.88 17.65
C GLY A 48 -5.73 -8.04 18.87
N GLN A 49 -6.86 -8.35 19.50
CA GLN A 49 -7.33 -7.61 20.68
C GLN A 49 -7.75 -6.18 20.34
N VAL A 50 -6.83 -5.40 19.76
CA VAL A 50 -7.10 -4.02 19.37
C VAL A 50 -6.27 -3.60 18.16
N GLU A 51 -6.95 -3.27 17.05
CA GLU A 51 -6.28 -2.86 15.82
C GLU A 51 -5.61 -1.48 15.94
N SER A 52 -4.69 -1.36 16.90
CA SER A 52 -3.95 -0.11 17.13
C SER A 52 -4.91 1.05 17.48
N ILE A 53 -5.27 1.17 18.75
CA ILE A 53 -6.18 2.24 19.19
C ILE A 53 -5.42 3.37 19.89
N ASP A 54 -5.01 3.15 21.14
CA ASP A 54 -4.27 4.15 21.91
C ASP A 54 -2.81 3.75 22.12
N VAL A 55 -2.58 2.49 22.48
CA VAL A 55 -1.22 1.96 22.73
C VAL A 55 -0.19 2.53 21.75
N ILE A 56 -0.55 2.55 20.46
CA ILE A 56 0.36 3.08 19.43
C ILE A 56 0.04 4.54 19.13
N ARG A 57 1.09 5.37 19.06
CA ARG A 57 0.91 6.79 18.78
C ARG A 57 0.52 7.00 17.30
N SER A 58 -0.79 7.05 17.05
CA SER A 58 -1.34 7.24 15.70
C SER A 58 -0.43 8.09 14.81
N ILE A 59 -0.10 9.31 15.28
CA ILE A 59 0.77 10.23 14.53
C ILE A 59 2.01 9.52 13.96
N PHE A 60 2.53 8.54 14.71
CA PHE A 60 3.71 7.78 14.28
C PHE A 60 3.54 7.25 12.84
N PHE A 61 2.30 7.00 12.43
CA PHE A 61 2.02 6.50 11.08
C PHE A 61 2.80 7.31 10.04
N GLY A 62 2.85 8.63 10.23
CA GLY A 62 3.58 9.50 9.31
C GLY A 62 4.96 8.97 8.99
N LEU A 63 5.66 8.46 10.00
CA LEU A 63 6.99 7.88 9.82
C LEU A 63 6.94 6.76 8.78
N LEU A 64 5.89 5.93 8.87
CA LEU A 64 5.70 4.83 7.94
C LEU A 64 5.55 5.34 6.51
N ILE A 65 5.09 6.60 6.36
CA ILE A 65 4.92 7.19 5.04
C ILE A 65 6.25 7.26 4.29
N THR A 66 7.38 7.30 5.01
CA THR A 66 8.69 7.35 4.37
C THR A 66 8.90 6.10 3.52
N PRO A 67 8.97 4.90 4.15
CA PRO A 67 9.15 3.64 3.41
C PRO A 67 7.98 3.37 2.46
N TRP A 68 6.75 3.63 2.94
CA TRP A 68 5.56 3.43 2.13
C TRP A 68 5.62 4.28 0.86
N ALA A 69 5.97 5.56 1.01
CA ALA A 69 6.08 6.47 -0.12
C ALA A 69 7.18 6.02 -1.08
N VAL A 70 8.37 5.75 -0.53
CA VAL A 70 9.50 5.29 -1.34
C VAL A 70 9.13 4.03 -2.12
N TYR A 71 8.55 3.06 -1.40
CA TYR A 71 8.11 1.80 -2.01
C TYR A 71 7.04 2.06 -3.07
N PHE A 72 5.95 2.73 -2.65
CA PHE A 72 4.85 3.05 -3.55
C PHE A 72 5.36 3.76 -4.81
N LEU A 73 6.10 4.85 -4.63
CA LEU A 73 6.65 5.60 -5.76
C LEU A 73 7.44 4.65 -6.67
N SER A 74 8.30 3.83 -6.06
CA SER A 74 9.09 2.85 -6.80
C SER A 74 8.15 1.93 -7.58
N VAL A 75 7.14 1.40 -6.88
CA VAL A 75 6.14 0.53 -7.49
C VAL A 75 5.51 1.22 -8.71
N VAL A 76 5.13 2.50 -8.54
CA VAL A 76 4.55 3.28 -9.62
C VAL A 76 5.51 3.32 -10.83
N VAL A 77 6.80 3.53 -10.55
CA VAL A 77 7.81 3.56 -11.62
C VAL A 77 7.83 2.22 -12.37
N GLU A 78 7.81 1.12 -11.61
CA GLU A 78 7.80 -0.23 -12.20
C GLU A 78 6.36 -0.70 -12.47
N GLN A 79 5.39 0.20 -12.39
CA GLN A 79 3.99 -0.14 -12.62
C GLN A 79 3.47 0.51 -13.90
N LEU A 80 3.00 -0.33 -14.83
CA LEU A 80 2.48 0.17 -16.10
C LEU A 80 1.20 0.98 -15.89
N GLU A 81 1.14 2.16 -16.53
CA GLU A 81 -0.01 3.05 -16.42
C GLU A 81 -0.72 3.22 -17.76
N GLU A 82 -1.90 3.84 -17.73
CA GLU A 82 -2.68 4.06 -18.96
C GLU A 82 -2.47 5.48 -19.50
N SER A 83 -1.21 5.87 -19.67
CA SER A 83 -0.89 7.21 -20.18
C SER A 83 0.17 7.12 -21.29
N ARG A 84 1.33 6.58 -20.95
CA ARG A 84 2.44 6.45 -21.91
C ARG A 84 3.52 5.48 -21.40
N GLN A 85 3.12 4.48 -20.60
CA GLN A 85 4.06 3.50 -20.04
C GLN A 85 5.01 4.15 -19.04
N ARG A 86 5.78 3.31 -18.34
CA ARG A 86 6.74 3.81 -17.36
C ARG A 86 8.10 3.15 -17.56
N LEU A 87 8.46 2.18 -16.71
CA LEU A 87 9.74 1.49 -16.82
C LEU A 87 9.61 0.25 -17.71
N SER A 88 9.80 0.44 -19.02
CA SER A 88 9.70 -0.67 -20.00
C SER A 88 8.23 -0.97 -20.35
N ARG A 89 7.39 -1.15 -19.32
CA ARG A 89 5.97 -1.43 -19.54
C ARG A 89 5.10 -0.22 -19.22
N MET A 15 3.80 15.89 -19.47
CA MET A 15 3.01 14.62 -19.46
C MET A 15 3.17 13.89 -18.13
N MET A 16 2.24 12.97 -17.85
CA MET A 16 2.27 12.20 -16.60
C MET A 16 2.65 10.73 -16.88
N LYS A 17 2.79 9.96 -15.81
CA LYS A 17 3.15 8.53 -15.92
C LYS A 17 2.17 7.65 -15.13
N LEU A 18 1.80 6.52 -15.73
CA LEU A 18 0.87 5.59 -15.09
C LEU A 18 0.89 4.22 -15.79
N GLY A 19 0.38 3.20 -15.10
CA GLY A 19 0.34 1.85 -15.66
C GLY A 19 -0.81 1.63 -16.63
N LEU A 20 -1.44 0.46 -16.55
CA LEU A 20 -2.57 0.14 -17.43
C LEU A 20 -3.82 0.95 -17.06
N VAL A 21 -3.76 2.25 -17.32
CA VAL A 21 -4.88 3.15 -17.01
C VAL A 21 -4.91 4.35 -17.96
N ARG A 22 -5.82 5.30 -17.69
CA ARG A 22 -5.95 6.50 -18.51
C ARG A 22 -5.39 7.72 -17.79
N PHE A 23 -5.90 7.97 -16.58
CA PHE A 23 -5.45 9.12 -15.78
C PHE A 23 -5.13 8.69 -14.33
N SER A 24 -3.96 9.10 -13.84
CA SER A 24 -3.51 8.78 -12.48
C SER A 24 -3.09 7.32 -12.35
N MET A 25 -2.30 7.03 -11.31
CA MET A 25 -1.82 5.67 -11.06
C MET A 25 -2.88 4.85 -10.30
N LEU A 26 -3.98 4.54 -11.00
CA LEU A 26 -5.07 3.77 -10.40
C LEU A 26 -4.61 2.37 -9.97
N LEU A 27 -3.80 1.73 -10.82
CA LEU A 27 -3.28 0.38 -10.53
C LEU A 27 -2.83 0.25 -9.07
N ALA A 28 -2.21 1.30 -8.54
CA ALA A 28 -1.74 1.32 -7.15
C ALA A 28 -2.82 0.83 -6.17
N LEU A 29 -4.08 1.21 -6.44
CA LEU A 29 -5.21 0.80 -5.60
C LEU A 29 -5.17 -0.71 -5.28
N ALA A 30 -4.80 -1.51 -6.28
CA ALA A 30 -4.71 -2.96 -6.09
C ALA A 30 -3.74 -3.31 -4.96
N LEU A 31 -2.62 -2.59 -4.90
CA LEU A 31 -1.63 -2.81 -3.85
C LEU A 31 -2.15 -2.25 -2.53
N VAL A 32 -2.80 -1.09 -2.58
CA VAL A 32 -3.38 -0.48 -1.38
C VAL A 32 -4.35 -1.46 -0.73
N VAL A 33 -5.26 -2.00 -1.55
CA VAL A 33 -6.25 -2.98 -1.07
C VAL A 33 -5.54 -4.21 -0.53
N LEU A 34 -4.61 -4.76 -1.32
CA LEU A 34 -3.85 -5.93 -0.91
C LEU A 34 -3.16 -5.68 0.43
N ALA A 35 -2.54 -4.51 0.57
CA ALA A 35 -1.87 -4.14 1.81
C ALA A 35 -2.87 -4.15 2.98
N ILE A 36 -4.01 -3.49 2.78
CA ILE A 36 -5.06 -3.45 3.80
C ILE A 36 -5.50 -4.87 4.14
N VAL A 37 -5.69 -5.70 3.10
CA VAL A 37 -6.08 -7.09 3.27
C VAL A 37 -5.04 -7.84 4.11
N VAL A 38 -3.77 -7.70 3.72
CA VAL A 38 -2.66 -8.34 4.45
C VAL A 38 -2.67 -7.88 5.90
N GLN A 39 -2.78 -6.57 6.10
CA GLN A 39 -2.81 -5.98 7.44
C GLN A 39 -3.96 -6.59 8.24
N MET A 40 -5.17 -6.54 7.66
CA MET A 40 -6.36 -7.12 8.31
C MET A 40 -6.12 -8.60 8.60
N ALA A 41 -5.51 -9.30 7.66
CA ALA A 41 -5.20 -10.72 7.81
C ALA A 41 -4.32 -10.92 9.05
N VAL A 42 -3.27 -10.11 9.15
CA VAL A 42 -2.36 -10.17 10.31
C VAL A 42 -3.17 -9.96 11.59
N THR A 43 -4.02 -8.94 11.58
CA THR A 43 -4.89 -8.63 12.73
C THR A 43 -5.72 -9.85 13.10
N MET A 44 -6.40 -10.43 12.10
CA MET A 44 -7.23 -11.62 12.31
C MET A 44 -6.37 -12.78 12.85
N VAL A 45 -5.18 -12.95 12.27
CA VAL A 45 -4.27 -14.01 12.70
C VAL A 45 -3.83 -13.80 14.15
N LEU A 46 -3.53 -12.55 14.51
CA LEU A 46 -3.11 -12.22 15.87
C LEU A 46 -4.30 -12.24 16.84
N HIS A 47 -5.32 -11.42 16.54
CA HIS A 47 -6.51 -11.32 17.38
C HIS A 47 -6.16 -11.05 18.85
N GLY A 48 -5.27 -10.09 19.08
CA GLY A 48 -4.88 -9.74 20.45
C GLY A 48 -3.41 -10.01 20.74
N GLN A 49 -3.05 -9.96 22.02
CA GLN A 49 -1.67 -10.20 22.47
C GLN A 49 -0.71 -9.10 21.98
N VAL A 50 -0.49 -9.04 20.67
CA VAL A 50 0.39 -8.03 20.09
C VAL A 50 -0.22 -7.44 18.81
N GLU A 51 -0.81 -6.25 18.95
CA GLU A 51 -1.45 -5.58 17.81
C GLU A 51 -1.30 -4.05 17.94
N SER A 52 -2.01 -3.47 18.90
CA SER A 52 -1.96 -2.02 19.12
C SER A 52 -1.87 -1.71 20.62
N ILE A 53 -0.65 -1.82 21.16
CA ILE A 53 -0.43 -1.56 22.58
C ILE A 53 0.97 -0.95 22.83
N ASP A 54 1.26 -0.65 24.10
CA ASP A 54 2.55 -0.07 24.49
C ASP A 54 2.71 1.36 23.93
N VAL A 55 3.91 1.93 24.09
CA VAL A 55 4.18 3.29 23.62
C VAL A 55 4.47 3.30 22.11
N ILE A 56 3.45 2.98 21.30
CA ILE A 56 3.61 2.95 19.85
C ILE A 56 3.03 4.21 19.18
N ARG A 57 1.88 4.68 19.67
CA ARG A 57 1.23 5.88 19.13
C ARG A 57 0.87 5.70 17.65
N SER A 58 -0.24 4.99 17.38
CA SER A 58 -0.73 4.71 16.02
C SER A 58 -0.32 5.79 15.01
N ILE A 59 -0.57 7.06 15.35
CA ILE A 59 -0.23 8.20 14.49
C ILE A 59 1.16 8.04 13.86
N PHE A 60 2.09 7.46 14.62
CA PHE A 60 3.47 7.24 14.14
C PHE A 60 3.47 6.62 12.75
N PHE A 61 2.47 5.77 12.47
CA PHE A 61 2.35 5.13 11.16
C PHE A 61 2.56 6.13 10.03
N GLY A 62 2.03 7.35 10.22
CA GLY A 62 2.19 8.40 9.21
C GLY A 62 3.61 8.52 8.73
N LEU A 63 4.57 8.48 9.66
CA LEU A 63 5.99 8.56 9.31
C LEU A 63 6.35 7.45 8.33
N LEU A 64 5.79 6.25 8.55
CA LEU A 64 6.02 5.10 7.67
C LEU A 64 5.58 5.41 6.25
N ILE A 65 4.62 6.33 6.10
CA ILE A 65 4.12 6.72 4.78
C ILE A 65 5.26 7.23 3.89
N THR A 66 6.30 7.82 4.50
CA THR A 66 7.44 8.34 3.74
C THR A 66 8.12 7.19 2.98
N PRO A 67 8.75 6.23 3.69
CA PRO A 67 9.40 5.09 3.05
C PRO A 67 8.40 4.22 2.27
N TRP A 68 7.22 4.03 2.88
CA TRP A 68 6.15 3.24 2.25
C TRP A 68 5.78 3.82 0.90
N ALA A 69 5.47 5.12 0.87
CA ALA A 69 5.12 5.81 -0.36
C ALA A 69 6.26 5.74 -1.37
N VAL A 70 7.48 5.96 -0.90
CA VAL A 70 8.66 5.92 -1.76
C VAL A 70 8.80 4.53 -2.40
N TYR A 71 8.94 3.50 -1.55
CA TYR A 71 9.08 2.12 -2.03
C TYR A 71 7.88 1.72 -2.88
N PHE A 72 6.67 1.98 -2.38
CA PHE A 72 5.45 1.66 -3.11
C PHE A 72 5.41 2.36 -4.46
N LEU A 73 5.67 3.66 -4.45
CA LEU A 73 5.70 4.44 -5.69
C LEU A 73 6.63 3.80 -6.71
N SER A 74 7.83 3.44 -6.25
CA SER A 74 8.81 2.78 -7.12
C SER A 74 8.23 1.50 -7.69
N VAL A 75 7.66 0.67 -6.80
CA VAL A 75 7.04 -0.60 -7.22
C VAL A 75 5.94 -0.31 -8.24
N VAL A 76 5.07 0.66 -7.95
CA VAL A 76 3.98 1.06 -8.85
C VAL A 76 4.54 1.38 -10.23
N VAL A 77 5.67 2.08 -10.26
CA VAL A 77 6.32 2.44 -11.52
C VAL A 77 6.81 1.18 -12.25
N GLU A 78 7.43 0.27 -11.51
CA GLU A 78 7.94 -0.98 -12.09
C GLU A 78 6.80 -1.95 -12.43
N GLN A 79 5.76 -1.99 -11.58
CA GLN A 79 4.61 -2.86 -11.80
C GLN A 79 3.82 -2.45 -13.05
N LEU A 80 4.42 -2.65 -14.22
CA LEU A 80 3.80 -2.30 -15.50
C LEU A 80 2.44 -2.98 -15.67
N GLU A 81 2.43 -4.31 -15.63
CA GLU A 81 1.21 -5.11 -15.79
C GLU A 81 1.38 -6.51 -15.18
N GLU A 82 1.09 -6.62 -13.89
CA GLU A 82 1.22 -7.90 -13.16
C GLU A 82 2.69 -8.20 -12.83
N SER A 83 2.91 -9.07 -11.85
CA SER A 83 4.26 -9.44 -11.41
C SER A 83 4.91 -8.30 -10.62
N ARG A 84 5.70 -8.67 -9.61
CA ARG A 84 6.37 -7.68 -8.76
C ARG A 84 5.34 -6.89 -7.95
N GLN A 85 4.50 -7.61 -7.22
CA GLN A 85 3.44 -7.00 -6.42
C GLN A 85 3.95 -6.51 -5.06
N ARG A 86 4.89 -7.25 -4.46
CA ARG A 86 5.42 -6.86 -3.14
C ARG A 86 6.72 -6.08 -3.26
N LEU A 87 7.71 -6.67 -3.94
CA LEU A 87 9.03 -6.04 -4.10
C LEU A 87 9.71 -6.60 -5.35
N SER A 88 10.11 -7.86 -5.27
CA SER A 88 10.74 -8.55 -6.39
C SER A 88 9.70 -9.35 -7.15
N ARG A 89 8.77 -9.94 -6.39
CA ARG A 89 7.67 -10.73 -6.93
C ARG A 89 6.33 -10.09 -6.56
N MET A 15 -0.47 14.79 -15.16
CA MET A 15 0.36 14.86 -16.41
C MET A 15 1.71 14.15 -16.22
N MET A 16 2.54 14.17 -17.26
CA MET A 16 3.87 13.55 -17.23
C MET A 16 3.78 12.02 -17.19
N LYS A 17 3.21 11.46 -16.12
CA LYS A 17 3.08 10.01 -15.99
C LYS A 17 1.60 9.57 -16.06
N LEU A 18 0.81 10.00 -15.07
CA LEU A 18 -0.62 9.65 -15.01
C LEU A 18 -0.81 8.16 -14.69
N GLY A 19 -2.06 7.72 -14.66
CA GLY A 19 -2.37 6.32 -14.36
C GLY A 19 -3.85 6.01 -14.50
N LEU A 20 -4.36 6.19 -15.71
CA LEU A 20 -5.77 5.93 -16.03
C LEU A 20 -6.66 7.11 -15.66
N VAL A 21 -7.72 7.34 -16.45
CA VAL A 21 -8.65 8.43 -16.20
C VAL A 21 -9.66 8.07 -15.10
N ARG A 22 -9.14 7.85 -13.89
CA ARG A 22 -9.98 7.49 -12.74
C ARG A 22 -9.46 8.15 -11.45
N PHE A 23 -9.39 9.50 -11.48
CA PHE A 23 -8.91 10.29 -10.33
C PHE A 23 -7.40 10.14 -10.13
N SER A 24 -6.95 8.93 -9.83
CA SER A 24 -5.52 8.67 -9.61
C SER A 24 -5.06 7.42 -10.39
N MET A 25 -3.90 6.88 -10.04
CA MET A 25 -3.37 5.70 -10.68
C MET A 25 -4.25 4.48 -10.39
N LEU A 26 -5.19 4.18 -11.29
CA LEU A 26 -6.10 3.04 -11.10
C LEU A 26 -5.32 1.77 -10.74
N LEU A 27 -4.24 1.50 -11.47
CA LEU A 27 -3.41 0.33 -11.22
C LEU A 27 -2.94 0.28 -9.77
N ALA A 28 -2.61 1.45 -9.21
CA ALA A 28 -2.16 1.55 -7.83
C ALA A 28 -3.15 0.92 -6.86
N LEU A 29 -4.44 0.94 -7.21
CA LEU A 29 -5.48 0.34 -6.38
C LEU A 29 -5.09 -1.06 -5.94
N ALA A 30 -4.39 -1.79 -6.83
CA ALA A 30 -3.93 -3.15 -6.52
C ALA A 30 -3.03 -3.13 -5.29
N LEU A 31 -2.12 -2.17 -5.22
CA LEU A 31 -1.21 -2.04 -4.09
C LEU A 31 -2.00 -1.64 -2.84
N VAL A 32 -2.95 -0.72 -3.02
CA VAL A 32 -3.79 -0.27 -1.91
C VAL A 32 -4.55 -1.46 -1.32
N VAL A 33 -5.28 -2.17 -2.18
CA VAL A 33 -6.02 -3.36 -1.75
C VAL A 33 -5.09 -4.36 -1.09
N LEU A 34 -4.00 -4.70 -1.79
CA LEU A 34 -3.01 -5.63 -1.25
C LEU A 34 -2.54 -5.17 0.14
N ALA A 35 -2.21 -3.89 0.25
CA ALA A 35 -1.76 -3.31 1.52
C ALA A 35 -2.84 -3.47 2.59
N ILE A 36 -4.09 -3.14 2.22
CA ILE A 36 -5.22 -3.27 3.14
C ILE A 36 -5.32 -4.72 3.61
N VAL A 37 -5.30 -5.65 2.65
CA VAL A 37 -5.35 -7.07 2.96
C VAL A 37 -4.22 -7.45 3.92
N VAL A 38 -3.01 -6.97 3.62
CA VAL A 38 -1.85 -7.23 4.47
C VAL A 38 -2.11 -6.71 5.89
N GLN A 39 -2.52 -5.44 5.99
CA GLN A 39 -2.82 -4.83 7.29
C GLN A 39 -3.83 -5.67 8.08
N MET A 40 -4.88 -6.12 7.40
CA MET A 40 -5.91 -6.94 8.02
C MET A 40 -5.33 -8.30 8.44
N ALA A 41 -4.64 -8.96 7.51
CA ALA A 41 -4.03 -10.27 7.78
C ALA A 41 -3.09 -10.18 8.98
N VAL A 42 -2.14 -9.24 8.92
CA VAL A 42 -1.19 -9.03 10.01
C VAL A 42 -1.92 -8.77 11.32
N THR A 43 -2.93 -7.91 11.27
CA THR A 43 -3.74 -7.60 12.46
C THR A 43 -4.41 -8.86 12.99
N MET A 44 -4.99 -9.65 12.09
CA MET A 44 -5.66 -10.90 12.46
C MET A 44 -4.70 -11.85 13.18
N VAL A 45 -3.53 -12.10 12.59
CA VAL A 45 -2.55 -13.00 13.18
C VAL A 45 -1.94 -12.39 14.45
N LEU A 46 -1.72 -11.07 14.43
CA LEU A 46 -1.16 -10.37 15.58
C LEU A 46 -2.25 -10.09 16.62
N HIS A 47 -2.61 -11.13 17.38
CA HIS A 47 -3.66 -11.02 18.41
C HIS A 47 -5.06 -11.03 17.79
N GLY A 48 -5.31 -10.12 16.85
CA GLY A 48 -6.61 -10.05 16.21
C GLY A 48 -7.23 -8.66 16.26
N GLN A 49 -8.53 -8.60 16.57
CA GLN A 49 -9.26 -7.33 16.66
C GLN A 49 -9.42 -6.69 15.27
N VAL A 50 -10.05 -5.52 15.22
CA VAL A 50 -10.27 -4.82 13.94
C VAL A 50 -8.95 -4.29 13.36
N GLU A 51 -8.12 -3.70 14.21
CA GLU A 51 -6.82 -3.16 13.79
C GLU A 51 -5.95 -2.85 15.01
N SER A 52 -6.49 -2.09 15.95
CA SER A 52 -5.80 -1.74 17.18
C SER A 52 -6.56 -2.25 18.41
N ILE A 53 -5.86 -2.46 19.51
CA ILE A 53 -6.49 -2.96 20.73
C ILE A 53 -6.55 -1.89 21.84
N ASP A 54 -5.44 -1.17 22.03
CA ASP A 54 -5.38 -0.13 23.06
C ASP A 54 -4.11 0.72 22.90
N VAL A 55 -2.95 0.12 23.15
CA VAL A 55 -1.67 0.82 23.03
C VAL A 55 -1.35 1.15 21.58
N ILE A 56 -2.19 1.97 20.96
CA ILE A 56 -2.01 2.38 19.57
C ILE A 56 -1.93 3.90 19.44
N ARG A 57 -1.07 4.36 18.54
CA ARG A 57 -0.89 5.79 18.31
C ARG A 57 -1.07 6.14 16.83
N SER A 58 -2.25 6.69 16.50
CA SER A 58 -2.56 7.07 15.12
C SER A 58 -1.37 7.80 14.46
N ILE A 59 -0.82 8.78 15.16
CA ILE A 59 0.33 9.54 14.66
C ILE A 59 1.49 8.62 14.26
N PHE A 60 1.68 7.53 15.00
CA PHE A 60 2.75 6.56 14.70
C PHE A 60 2.65 6.08 13.25
N PHE A 61 1.41 5.99 12.73
CA PHE A 61 1.19 5.56 11.35
C PHE A 61 2.08 6.35 10.39
N GLY A 62 2.27 7.64 10.69
CA GLY A 62 3.12 8.48 9.86
C GLY A 62 4.44 7.83 9.53
N LEU A 63 5.04 7.16 10.52
CA LEU A 63 6.31 6.46 10.31
C LEU A 63 6.18 5.45 9.18
N LEU A 64 5.05 4.73 9.15
CA LEU A 64 4.77 3.75 8.11
C LEU A 64 4.79 4.38 6.73
N ILE A 65 4.51 5.70 6.67
CA ILE A 65 4.51 6.42 5.39
C ILE A 65 5.86 6.29 4.69
N THR A 66 6.95 6.13 5.46
CA THR A 66 8.28 5.99 4.86
C THR A 66 8.35 4.74 3.97
N PRO A 67 8.23 3.53 4.57
CA PRO A 67 8.27 2.28 3.81
C PRO A 67 7.11 2.20 2.80
N TRP A 68 5.93 2.67 3.22
CA TRP A 68 4.76 2.68 2.34
C TRP A 68 5.01 3.54 1.11
N ALA A 69 5.52 4.76 1.32
CA ALA A 69 5.82 5.66 0.22
C ALA A 69 6.83 5.02 -0.73
N VAL A 70 7.90 4.46 -0.17
CA VAL A 70 8.93 3.79 -0.97
C VAL A 70 8.32 2.64 -1.77
N TYR A 71 7.61 1.74 -1.08
CA TYR A 71 6.95 0.61 -1.73
C TYR A 71 6.00 1.09 -2.83
N PHE A 72 5.15 2.06 -2.48
CA PHE A 72 4.19 2.63 -3.43
C PHE A 72 4.90 3.23 -4.63
N LEU A 73 5.96 4.02 -4.37
CA LEU A 73 6.73 4.65 -5.43
C LEU A 73 7.29 3.59 -6.38
N SER A 74 7.97 2.59 -5.82
CA SER A 74 8.54 1.50 -6.62
C SER A 74 7.44 0.75 -7.37
N VAL A 75 6.40 0.32 -6.64
CA VAL A 75 5.27 -0.39 -7.24
C VAL A 75 4.67 0.43 -8.38
N VAL A 76 4.44 1.72 -8.14
CA VAL A 76 3.88 2.62 -9.16
C VAL A 76 4.75 2.59 -10.41
N VAL A 77 6.07 2.69 -10.23
CA VAL A 77 7.02 2.65 -11.34
C VAL A 77 6.85 1.36 -12.14
N GLU A 78 6.76 0.23 -11.43
CA GLU A 78 6.59 -1.07 -12.06
C GLU A 78 5.16 -1.27 -12.60
N GLN A 79 4.17 -0.93 -11.77
CA GLN A 79 2.76 -1.08 -12.14
C GLN A 79 2.43 -0.33 -13.44
N LEU A 80 2.71 0.98 -13.47
CA LEU A 80 2.42 1.80 -14.65
C LEU A 80 0.94 1.72 -15.05
N GLU A 81 0.64 2.04 -16.31
CA GLU A 81 -0.74 2.00 -16.81
C GLU A 81 -0.76 1.53 -18.28
N GLU A 82 -0.15 0.38 -18.54
CA GLU A 82 -0.09 -0.17 -19.89
C GLU A 82 0.09 -1.69 -19.86
N SER A 83 1.18 -2.15 -19.23
CA SER A 83 1.50 -3.58 -19.13
C SER A 83 0.26 -4.41 -18.76
N ARG A 84 -0.17 -5.27 -19.68
CA ARG A 84 -1.34 -6.12 -19.45
C ARG A 84 -0.96 -7.39 -18.68
N GLN A 85 -0.45 -7.21 -17.47
CA GLN A 85 -0.06 -8.35 -16.62
C GLN A 85 -0.78 -8.32 -15.27
N ARG A 86 -2.00 -7.77 -15.26
CA ARG A 86 -2.79 -7.68 -14.03
C ARG A 86 -3.91 -8.71 -14.03
N LEU A 87 -4.10 -9.37 -12.88
CA LEU A 87 -5.14 -10.39 -12.73
C LEU A 87 -6.50 -9.78 -12.37
N SER A 88 -6.50 -8.85 -11.40
CA SER A 88 -7.75 -8.21 -10.97
C SER A 88 -7.50 -7.01 -10.05
N ARG A 89 -7.24 -7.27 -8.77
CA ARG A 89 -6.98 -6.21 -7.80
C ARG A 89 -6.34 -6.75 -6.52
N MET A 15 12.35 15.46 -15.62
CA MET A 15 11.64 15.47 -14.32
C MET A 15 11.72 14.10 -13.62
N MET A 16 11.15 14.01 -12.42
CA MET A 16 11.16 12.76 -11.67
C MET A 16 9.74 12.30 -11.33
N LYS A 17 9.61 11.02 -10.98
CA LYS A 17 8.31 10.41 -10.62
C LYS A 17 7.43 10.20 -11.86
N LEU A 18 6.52 9.23 -11.77
CA LEU A 18 5.61 8.91 -12.87
C LEU A 18 4.24 8.46 -12.33
N GLY A 19 3.31 8.16 -13.25
CA GLY A 19 1.98 7.72 -12.85
C GLY A 19 1.00 8.86 -12.71
N LEU A 20 0.66 9.48 -13.85
CA LEU A 20 -0.28 10.60 -13.87
C LEU A 20 0.33 11.86 -13.25
N VAL A 21 -0.39 12.99 -13.34
CA VAL A 21 0.08 14.26 -12.79
C VAL A 21 -0.45 14.49 -11.37
N ARG A 22 -1.71 14.14 -11.14
CA ARG A 22 -2.33 14.32 -9.82
C ARG A 22 -3.25 13.15 -9.45
N PHE A 23 -4.14 12.77 -10.39
CA PHE A 23 -5.08 11.66 -10.16
C PHE A 23 -4.36 10.35 -9.82
N SER A 24 -3.09 10.24 -10.26
CA SER A 24 -2.29 9.03 -10.01
C SER A 24 -2.82 7.84 -10.81
N MET A 25 -2.41 6.63 -10.42
CA MET A 25 -2.84 5.42 -11.10
C MET A 25 -3.82 4.61 -10.25
N LEU A 26 -5.08 4.55 -10.68
CA LEU A 26 -6.12 3.82 -9.96
C LEU A 26 -5.71 2.37 -9.65
N LEU A 27 -5.10 1.70 -10.64
CA LEU A 27 -4.65 0.32 -10.47
C LEU A 27 -3.85 0.14 -9.18
N ALA A 28 -2.92 1.06 -8.92
CA ALA A 28 -2.09 1.01 -7.72
C ALA A 28 -2.94 0.84 -6.45
N LEU A 29 -4.14 1.45 -6.45
CA LEU A 29 -5.05 1.36 -5.31
C LEU A 29 -5.28 -0.10 -4.92
N ALA A 30 -5.36 -0.99 -5.92
CA ALA A 30 -5.54 -2.41 -5.68
C ALA A 30 -4.36 -2.98 -4.87
N LEU A 31 -3.16 -2.47 -5.15
CA LEU A 31 -1.96 -2.89 -4.43
C LEU A 31 -2.03 -2.40 -2.98
N VAL A 32 -2.31 -1.11 -2.83
CA VAL A 32 -2.44 -0.51 -1.49
C VAL A 32 -3.50 -1.25 -0.68
N VAL A 33 -4.67 -1.42 -1.30
CA VAL A 33 -5.78 -2.14 -0.66
C VAL A 33 -5.33 -3.54 -0.26
N LEU A 34 -4.77 -4.29 -1.22
CA LEU A 34 -4.28 -5.64 -0.94
C LEU A 34 -3.31 -5.61 0.23
N ALA A 35 -2.36 -4.67 0.19
CA ALA A 35 -1.38 -4.51 1.26
C ALA A 35 -2.08 -4.32 2.60
N ILE A 36 -3.02 -3.38 2.65
CA ILE A 36 -3.79 -3.12 3.86
C ILE A 36 -4.49 -4.40 4.31
N VAL A 37 -5.14 -5.09 3.35
CA VAL A 37 -5.83 -6.35 3.64
C VAL A 37 -4.85 -7.34 4.27
N VAL A 38 -3.67 -7.45 3.67
CA VAL A 38 -2.62 -8.35 4.18
C VAL A 38 -2.27 -7.96 5.62
N GLN A 39 -2.02 -6.66 5.84
CA GLN A 39 -1.69 -6.15 7.17
C GLN A 39 -2.80 -6.51 8.16
N MET A 40 -4.05 -6.34 7.74
CA MET A 40 -5.20 -6.66 8.58
C MET A 40 -5.22 -8.16 8.88
N ALA A 41 -5.12 -8.97 7.82
CA ALA A 41 -5.11 -10.42 7.95
C ALA A 41 -4.01 -10.87 8.91
N VAL A 42 -2.79 -10.38 8.68
CA VAL A 42 -1.65 -10.69 9.56
C VAL A 42 -2.00 -10.32 11.00
N THR A 43 -2.56 -9.13 11.18
CA THR A 43 -2.97 -8.66 12.50
C THR A 43 -3.97 -9.64 13.12
N MET A 44 -4.96 -10.04 12.31
CA MET A 44 -5.99 -10.99 12.74
C MET A 44 -5.36 -12.31 13.18
N VAL A 45 -4.51 -12.87 12.32
CA VAL A 45 -3.81 -14.13 12.61
C VAL A 45 -2.92 -14.00 13.83
N LEU A 46 -2.20 -12.88 13.93
CA LEU A 46 -1.29 -12.61 15.04
C LEU A 46 -2.06 -12.46 16.36
N HIS A 47 -3.08 -11.60 16.34
CA HIS A 47 -3.88 -11.35 17.54
C HIS A 47 -5.39 -11.35 17.23
N GLY A 48 -5.80 -10.46 16.33
CA GLY A 48 -7.21 -10.36 15.97
C GLY A 48 -7.53 -9.16 15.11
N GLN A 49 -8.76 -9.08 14.62
CA GLN A 49 -9.20 -7.96 13.77
C GLN A 49 -9.42 -6.68 14.59
N VAL A 50 -8.32 -6.11 15.10
CA VAL A 50 -8.38 -4.89 15.91
C VAL A 50 -7.23 -3.94 15.58
N GLU A 51 -7.58 -2.69 15.28
CA GLU A 51 -6.56 -1.67 14.96
C GLU A 51 -5.91 -1.14 16.24
N SER A 52 -4.94 -1.91 16.76
CA SER A 52 -4.23 -1.55 17.99
C SER A 52 -5.10 -1.77 19.22
N ILE A 53 -4.49 -1.70 20.41
CA ILE A 53 -5.22 -1.90 21.65
C ILE A 53 -4.95 -0.76 22.65
N ASP A 54 -6.02 -0.04 23.00
CA ASP A 54 -5.93 1.07 23.96
C ASP A 54 -4.78 2.02 23.65
N VAL A 55 -4.67 2.44 22.38
CA VAL A 55 -3.60 3.35 21.97
C VAL A 55 -3.95 4.05 20.65
N ILE A 56 -4.40 5.30 20.74
CA ILE A 56 -4.75 6.08 19.56
C ILE A 56 -3.51 6.61 18.83
N ARG A 57 -2.72 5.68 18.28
CA ARG A 57 -1.49 6.06 17.57
C ARG A 57 -1.80 6.40 16.10
N SER A 58 -2.61 7.43 15.89
CA SER A 58 -2.97 7.88 14.55
C SER A 58 -1.77 8.50 13.84
N ILE A 59 -1.34 9.67 14.32
CA ILE A 59 -0.19 10.38 13.74
C ILE A 59 1.00 9.43 13.52
N PHE A 60 1.20 8.50 14.46
CA PHE A 60 2.28 7.52 14.37
C PHE A 60 2.31 6.86 12.98
N PHE A 61 1.13 6.70 12.36
CA PHE A 61 1.03 6.11 11.03
C PHE A 61 2.03 6.74 10.06
N GLY A 62 2.32 8.03 10.25
CA GLY A 62 3.28 8.72 9.40
C GLY A 62 4.53 7.90 9.14
N LEU A 63 5.02 7.23 10.18
CA LEU A 63 6.22 6.38 10.03
C LEU A 63 6.01 5.35 8.91
N LEU A 64 4.83 4.73 8.91
CA LEU A 64 4.47 3.74 7.89
C LEU A 64 4.51 4.36 6.49
N ILE A 65 4.32 5.69 6.43
CA ILE A 65 4.35 6.39 5.15
C ILE A 65 5.72 6.25 4.46
N THR A 66 6.79 6.10 5.26
CA THR A 66 8.13 5.94 4.68
C THR A 66 8.19 4.67 3.81
N PRO A 67 7.99 3.47 4.41
CA PRO A 67 8.01 2.22 3.64
C PRO A 67 6.89 2.19 2.59
N TRP A 68 5.70 2.70 2.97
CA TRP A 68 4.57 2.76 2.06
C TRP A 68 4.91 3.57 0.81
N ALA A 69 5.48 4.77 1.04
CA ALA A 69 5.88 5.64 -0.07
C ALA A 69 7.00 5.01 -0.88
N VAL A 70 8.03 4.49 -0.20
CA VAL A 70 9.15 3.84 -0.88
C VAL A 70 8.66 2.69 -1.77
N TYR A 71 7.82 1.82 -1.20
CA TYR A 71 7.27 0.70 -1.95
C TYR A 71 6.36 1.20 -3.07
N PHE A 72 5.37 2.02 -2.69
CA PHE A 72 4.42 2.59 -3.66
C PHE A 72 5.17 3.22 -4.84
N LEU A 73 6.16 4.07 -4.54
CA LEU A 73 6.95 4.73 -5.57
C LEU A 73 7.63 3.69 -6.45
N SER A 74 8.30 2.72 -5.82
CA SER A 74 8.97 1.64 -6.55
C SER A 74 7.99 0.95 -7.48
N VAL A 75 6.83 0.57 -6.92
CA VAL A 75 5.78 -0.07 -7.70
C VAL A 75 5.36 0.84 -8.85
N VAL A 76 5.07 2.11 -8.55
CA VAL A 76 4.70 3.10 -9.56
C VAL A 76 5.70 3.10 -10.72
N VAL A 77 6.98 2.95 -10.39
CA VAL A 77 8.03 2.94 -11.41
C VAL A 77 7.96 1.69 -12.29
N GLU A 78 7.92 0.51 -11.67
CA GLU A 78 7.86 -0.75 -12.43
C GLU A 78 6.44 -1.11 -12.88
N GLN A 79 5.45 -0.81 -12.04
CA GLN A 79 4.05 -1.12 -12.35
C GLN A 79 3.50 -0.22 -13.47
N LEU A 80 4.08 -0.37 -14.66
CA LEU A 80 3.66 0.42 -15.83
C LEU A 80 2.73 -0.39 -16.73
N GLU A 81 3.07 -1.65 -16.98
CA GLU A 81 2.26 -2.52 -17.83
C GLU A 81 1.67 -3.70 -17.05
N GLU A 82 0.35 -3.71 -16.90
CA GLU A 82 -0.34 -4.78 -16.19
C GLU A 82 -1.47 -5.38 -17.04
N SER A 83 -1.61 -6.69 -17.00
CA SER A 83 -2.65 -7.40 -17.75
C SER A 83 -2.71 -8.89 -17.38
N ARG A 84 -2.51 -9.18 -16.08
CA ARG A 84 -2.54 -10.56 -15.59
C ARG A 84 -2.28 -10.62 -14.08
N GLN A 85 -1.24 -9.92 -13.62
CA GLN A 85 -0.88 -9.89 -12.20
C GLN A 85 0.37 -9.04 -11.97
N ARG A 86 1.46 -9.39 -12.65
CA ARG A 86 2.74 -8.67 -12.53
C ARG A 86 3.25 -8.68 -11.08
N LEU A 87 4.31 -7.90 -10.81
CA LEU A 87 4.90 -7.81 -9.48
C LEU A 87 5.20 -6.36 -9.12
N SER A 88 5.63 -6.13 -7.86
CA SER A 88 5.94 -4.78 -7.40
C SER A 88 7.45 -4.52 -7.39
N ARG A 89 8.22 -5.42 -6.78
CA ARG A 89 9.68 -5.26 -6.71
C ARG A 89 10.34 -6.59 -6.32
N MET A 15 4.28 13.33 -0.62
CA MET A 15 2.92 12.73 -0.43
C MET A 15 2.37 12.17 -1.74
N MET A 16 1.27 11.42 -1.66
CA MET A 16 0.65 10.83 -2.85
C MET A 16 -0.87 10.71 -2.67
N LYS A 17 -1.31 9.65 -1.98
CA LYS A 17 -2.74 9.42 -1.71
C LYS A 17 -3.47 8.89 -2.97
N LEU A 18 -4.05 7.70 -2.85
CA LEU A 18 -4.80 7.08 -3.95
C LEU A 18 -3.91 6.81 -5.17
N GLY A 19 -4.54 6.56 -6.32
CA GLY A 19 -3.79 6.30 -7.54
C GLY A 19 -3.18 7.56 -8.13
N LEU A 20 -1.85 7.65 -8.07
CA LEU A 20 -1.13 8.82 -8.59
C LEU A 20 -1.25 10.02 -7.64
N VAL A 21 -2.48 10.51 -7.45
CA VAL A 21 -2.73 11.64 -6.54
C VAL A 21 -4.22 11.88 -6.33
N ARG A 22 -5.01 11.84 -7.40
CA ARG A 22 -6.45 12.06 -7.29
C ARG A 22 -7.22 11.30 -8.38
N PHE A 23 -7.19 9.97 -8.30
CA PHE A 23 -7.88 9.10 -9.25
C PHE A 23 -7.27 9.20 -10.66
N SER A 24 -6.05 8.66 -10.80
CA SER A 24 -5.34 8.68 -12.09
C SER A 24 -4.74 7.31 -12.39
N MET A 25 -3.89 6.82 -11.49
CA MET A 25 -3.24 5.52 -11.66
C MET A 25 -4.10 4.39 -11.10
N LEU A 26 -4.55 3.49 -11.97
CA LEU A 26 -5.40 2.37 -11.56
C LEU A 26 -4.65 1.36 -10.67
N LEU A 27 -3.55 0.80 -11.20
CA LEU A 27 -2.74 -0.18 -10.47
C LEU A 27 -2.60 0.14 -8.98
N ALA A 28 -2.39 1.41 -8.65
CA ALA A 28 -2.26 1.85 -7.26
C ALA A 28 -3.34 1.22 -6.38
N LEU A 29 -4.57 1.18 -6.88
CA LEU A 29 -5.69 0.58 -6.15
C LEU A 29 -5.33 -0.81 -5.64
N ALA A 30 -4.69 -1.61 -6.51
CA ALA A 30 -4.26 -2.95 -6.13
C ALA A 30 -3.27 -2.90 -4.97
N LEU A 31 -2.43 -1.86 -4.96
CA LEU A 31 -1.46 -1.68 -3.88
C LEU A 31 -2.20 -1.44 -2.56
N VAL A 32 -3.19 -0.54 -2.61
CA VAL A 32 -4.02 -0.24 -1.45
C VAL A 32 -4.75 -1.50 -0.99
N VAL A 33 -5.37 -2.20 -1.94
CA VAL A 33 -6.09 -3.43 -1.65
C VAL A 33 -5.14 -4.43 -0.98
N LEU A 34 -3.97 -4.65 -1.60
CA LEU A 34 -2.97 -5.55 -1.06
C LEU A 34 -2.58 -5.12 0.36
N ALA A 35 -2.27 -3.83 0.52
CA ALA A 35 -1.90 -3.28 1.83
C ALA A 35 -3.01 -3.58 2.86
N ILE A 36 -4.25 -3.29 2.48
CA ILE A 36 -5.40 -3.55 3.36
C ILE A 36 -5.47 -5.03 3.71
N VAL A 37 -5.40 -5.88 2.68
CA VAL A 37 -5.43 -7.33 2.88
C VAL A 37 -4.33 -7.75 3.85
N VAL A 38 -3.11 -7.23 3.62
CA VAL A 38 -1.97 -7.53 4.49
C VAL A 38 -2.30 -7.18 5.95
N GLN A 39 -2.75 -5.94 6.17
CA GLN A 39 -3.11 -5.50 7.51
C GLN A 39 -4.21 -6.37 8.09
N MET A 40 -5.21 -6.71 7.26
CA MET A 40 -6.31 -7.56 7.69
C MET A 40 -5.76 -8.92 8.16
N ALA A 41 -4.94 -9.54 7.32
CA ALA A 41 -4.33 -10.82 7.66
C ALA A 41 -3.50 -10.71 8.93
N VAL A 42 -2.57 -9.74 8.95
CA VAL A 42 -1.72 -9.51 10.12
C VAL A 42 -2.58 -9.32 11.38
N THR A 43 -3.61 -8.49 11.27
CA THR A 43 -4.52 -8.25 12.38
C THR A 43 -5.21 -9.54 12.82
N MET A 44 -5.75 -10.28 11.86
CA MET A 44 -6.42 -11.56 12.13
C MET A 44 -5.45 -12.53 12.79
N VAL A 45 -4.21 -12.58 12.30
CA VAL A 45 -3.18 -13.47 12.84
C VAL A 45 -2.79 -13.04 14.26
N LEU A 46 -2.85 -11.72 14.52
CA LEU A 46 -2.51 -11.18 15.84
C LEU A 46 -3.40 -11.76 16.94
N HIS A 47 -2.91 -11.70 18.18
CA HIS A 47 -3.65 -12.23 19.33
C HIS A 47 -5.00 -11.52 19.51
N GLY A 48 -5.07 -10.24 19.15
CA GLY A 48 -6.31 -9.48 19.29
C GLY A 48 -6.26 -8.13 18.59
N GLN A 49 -7.31 -7.33 18.78
CA GLN A 49 -7.40 -6.00 18.17
C GLN A 49 -8.60 -5.22 18.69
N VAL A 50 -8.34 -4.09 19.35
CA VAL A 50 -9.42 -3.25 19.89
C VAL A 50 -9.18 -1.78 19.57
N GLU A 51 -8.17 -1.18 20.23
CA GLU A 51 -7.84 0.22 20.01
C GLU A 51 -6.49 0.37 19.30
N SER A 52 -6.50 0.99 18.12
CA SER A 52 -5.27 1.18 17.34
C SER A 52 -5.48 2.18 16.20
N ILE A 53 -6.12 3.31 16.52
CA ILE A 53 -6.38 4.35 15.51
C ILE A 53 -6.73 5.70 16.16
N ASP A 54 -7.64 5.69 17.14
CA ASP A 54 -8.06 6.92 17.82
C ASP A 54 -6.86 7.66 18.44
N VAL A 55 -6.30 7.08 19.50
CA VAL A 55 -5.14 7.69 20.18
C VAL A 55 -4.08 6.64 20.54
N ILE A 56 -4.08 5.50 19.84
CA ILE A 56 -3.11 4.44 20.10
C ILE A 56 -2.02 4.41 19.03
N ARG A 57 -1.03 5.30 19.18
CA ARG A 57 0.09 5.40 18.24
C ARG A 57 -0.38 5.71 16.81
N SER A 58 -1.43 6.52 16.68
CA SER A 58 -1.97 6.89 15.37
C SER A 58 -0.91 7.59 14.53
N ILE A 59 -0.47 8.77 14.98
CA ILE A 59 0.56 9.54 14.27
C ILE A 59 1.73 8.66 13.82
N PHE A 60 2.08 7.65 14.63
CA PHE A 60 3.16 6.74 14.33
C PHE A 60 3.08 6.23 12.88
N PHE A 61 1.87 5.87 12.44
CA PHE A 61 1.66 5.38 11.07
C PHE A 61 2.35 6.30 10.06
N GLY A 62 2.25 7.62 10.29
CA GLY A 62 2.88 8.58 9.41
C GLY A 62 4.33 8.22 9.10
N LEU A 63 5.08 7.80 10.12
CA LEU A 63 6.46 7.39 9.93
C LEU A 63 6.54 6.28 8.89
N LEU A 64 5.60 5.34 8.96
CA LEU A 64 5.54 4.23 8.01
C LEU A 64 5.32 4.75 6.59
N ILE A 65 4.69 5.93 6.48
CA ILE A 65 4.44 6.53 5.17
C ILE A 65 5.75 6.74 4.41
N THR A 66 6.87 6.88 5.14
CA THR A 66 8.18 7.06 4.50
C THR A 66 8.52 5.83 3.67
N PRO A 67 8.73 4.65 4.31
CA PRO A 67 9.02 3.41 3.58
C PRO A 67 7.83 2.99 2.70
N TRP A 68 6.62 3.18 3.23
CA TRP A 68 5.40 2.86 2.49
C TRP A 68 5.35 3.64 1.18
N ALA A 69 5.62 4.94 1.24
CA ALA A 69 5.62 5.80 0.06
C ALA A 69 6.71 5.36 -0.91
N VAL A 70 7.92 5.14 -0.38
CA VAL A 70 9.05 4.68 -1.20
C VAL A 70 8.68 3.39 -1.94
N TYR A 71 8.23 2.39 -1.18
CA TYR A 71 7.82 1.11 -1.76
C TYR A 71 6.68 1.31 -2.75
N PHE A 72 5.63 2.02 -2.30
CA PHE A 72 4.47 2.30 -3.14
C PHE A 72 4.89 2.91 -4.47
N LEU A 73 5.61 4.03 -4.41
CA LEU A 73 6.09 4.70 -5.62
C LEU A 73 6.82 3.70 -6.52
N SER A 74 7.75 2.95 -5.94
CA SER A 74 8.49 1.93 -6.68
C SER A 74 7.56 0.94 -7.35
N VAL A 75 6.60 0.41 -6.57
CA VAL A 75 5.63 -0.55 -7.10
C VAL A 75 4.80 0.08 -8.22
N VAL A 76 4.23 1.25 -7.95
CA VAL A 76 3.43 1.97 -8.96
C VAL A 76 4.25 2.17 -10.23
N VAL A 77 5.50 2.65 -10.06
CA VAL A 77 6.40 2.86 -11.20
C VAL A 77 6.63 1.54 -11.93
N GLU A 78 7.05 0.52 -11.19
CA GLU A 78 7.27 -0.81 -11.76
C GLU A 78 6.00 -1.33 -12.41
N GLN A 79 4.86 -1.09 -11.76
CA GLN A 79 3.55 -1.50 -12.25
C GLN A 79 3.30 -0.88 -13.64
N LEU A 80 2.98 0.42 -13.66
CA LEU A 80 2.72 1.17 -14.91
C LEU A 80 2.05 0.33 -16.01
N GLU A 81 1.18 -0.59 -15.61
CA GLU A 81 0.46 -1.45 -16.56
C GLU A 81 -1.00 -1.63 -16.15
N GLU A 82 -1.89 -0.85 -16.75
CA GLU A 82 -3.32 -0.94 -16.45
C GLU A 82 -3.89 -2.29 -16.88
N SER A 83 -3.48 -3.34 -16.18
CA SER A 83 -3.90 -4.70 -16.46
C SER A 83 -5.30 -4.99 -15.93
N ARG A 84 -5.73 -6.24 -16.06
CA ARG A 84 -7.04 -6.66 -15.59
C ARG A 84 -7.09 -6.81 -14.08
N GLN A 85 -6.16 -7.60 -13.54
CA GLN A 85 -6.08 -7.84 -12.09
C GLN A 85 -4.84 -8.68 -11.74
N ARG A 86 -4.38 -8.54 -10.49
CA ARG A 86 -3.20 -9.28 -9.99
C ARG A 86 -2.15 -9.51 -11.10
N LEU A 87 -1.44 -8.44 -11.45
CA LEU A 87 -0.41 -8.50 -12.49
C LEU A 87 0.91 -9.03 -11.92
N SER A 88 1.41 -8.36 -10.88
CA SER A 88 2.66 -8.79 -10.22
C SER A 88 2.42 -10.00 -9.32
N ARG A 89 3.45 -10.79 -9.12
CA ARG A 89 3.35 -11.98 -8.27
C ARG A 89 4.73 -12.43 -7.77
N MET A 15 -4.22 16.61 -4.71
CA MET A 15 -5.02 16.28 -5.93
C MET A 15 -4.18 16.46 -7.20
N MET A 16 -4.36 15.56 -8.17
CA MET A 16 -3.62 15.60 -9.44
C MET A 16 -2.16 15.18 -9.24
N LYS A 17 -1.46 14.92 -10.34
CA LYS A 17 -0.05 14.51 -10.31
C LYS A 17 0.12 13.12 -9.69
N LEU A 18 -0.85 12.23 -9.93
CA LEU A 18 -0.80 10.87 -9.40
C LEU A 18 -0.36 9.88 -10.48
N GLY A 19 0.89 9.41 -10.38
CA GLY A 19 1.42 8.47 -11.35
C GLY A 19 1.62 9.10 -12.72
N LEU A 20 0.54 9.19 -13.49
CA LEU A 20 0.60 9.78 -14.83
C LEU A 20 0.18 11.25 -14.80
N VAL A 21 -1.12 11.51 -14.69
CA VAL A 21 -1.64 12.90 -14.66
C VAL A 21 -2.46 13.17 -13.40
N ARG A 22 -3.47 12.34 -13.15
CA ARG A 22 -4.33 12.49 -11.97
C ARG A 22 -5.05 11.20 -11.63
N PHE A 23 -5.82 10.67 -12.59
CA PHE A 23 -6.55 9.42 -12.40
C PHE A 23 -6.04 8.35 -13.37
N SER A 24 -5.04 7.59 -12.92
CA SER A 24 -4.46 6.55 -13.75
C SER A 24 -3.84 5.45 -12.89
N MET A 25 -3.46 4.33 -13.51
CA MET A 25 -2.86 3.20 -12.80
C MET A 25 -3.79 2.68 -11.70
N LEU A 26 -5.07 2.51 -12.03
CA LEU A 26 -6.07 2.01 -11.08
C LEU A 26 -5.54 0.84 -10.25
N LEU A 27 -4.77 -0.04 -10.91
CA LEU A 27 -4.18 -1.21 -10.24
C LEU A 27 -3.57 -0.84 -8.89
N ALA A 28 -2.93 0.33 -8.83
CA ALA A 28 -2.33 0.81 -7.59
C ALA A 28 -3.30 0.67 -6.42
N LEU A 29 -4.53 1.13 -6.62
CA LEU A 29 -5.58 1.02 -5.60
C LEU A 29 -5.67 -0.42 -5.07
N ALA A 30 -5.56 -1.38 -5.99
CA ALA A 30 -5.61 -2.80 -5.63
C ALA A 30 -4.42 -3.17 -4.74
N LEU A 31 -3.26 -2.56 -5.02
CA LEU A 31 -2.06 -2.82 -4.21
C LEU A 31 -2.27 -2.28 -2.80
N VAL A 32 -2.71 -1.03 -2.71
CA VAL A 32 -2.99 -0.40 -1.41
C VAL A 32 -4.06 -1.22 -0.67
N VAL A 33 -5.16 -1.51 -1.35
CA VAL A 33 -6.24 -2.30 -0.76
C VAL A 33 -5.71 -3.65 -0.28
N LEU A 34 -4.99 -4.36 -1.16
CA LEU A 34 -4.41 -5.65 -0.81
C LEU A 34 -3.53 -5.49 0.43
N ALA A 35 -2.68 -4.45 0.43
CA ALA A 35 -1.81 -4.16 1.57
C ALA A 35 -2.65 -4.00 2.83
N ILE A 36 -3.72 -3.18 2.72
CA ILE A 36 -4.63 -2.97 3.84
C ILE A 36 -5.18 -4.30 4.34
N VAL A 37 -5.65 -5.12 3.40
CA VAL A 37 -6.18 -6.44 3.72
C VAL A 37 -5.12 -7.27 4.45
N VAL A 38 -3.89 -7.26 3.91
CA VAL A 38 -2.78 -7.98 4.53
C VAL A 38 -2.57 -7.51 5.97
N GLN A 39 -2.46 -6.19 6.15
CA GLN A 39 -2.29 -5.60 7.47
C GLN A 39 -3.43 -6.04 8.39
N MET A 40 -4.66 -5.88 7.90
CA MET A 40 -5.86 -6.27 8.66
C MET A 40 -5.73 -7.73 9.09
N ALA A 41 -5.42 -8.61 8.14
CA ALA A 41 -5.24 -10.03 8.44
C ALA A 41 -4.17 -10.22 9.52
N VAL A 42 -3.06 -9.49 9.37
CA VAL A 42 -1.97 -9.54 10.35
C VAL A 42 -2.49 -9.22 11.75
N THR A 43 -3.27 -8.15 11.88
CA THR A 43 -3.84 -7.76 13.17
C THR A 43 -4.78 -8.85 13.70
N MET A 44 -5.56 -9.46 12.80
CA MET A 44 -6.50 -10.51 13.18
C MET A 44 -5.77 -11.76 13.67
N VAL A 45 -4.78 -12.23 12.91
CA VAL A 45 -4.02 -13.43 13.29
C VAL A 45 -3.05 -13.15 14.45
N LEU A 46 -2.39 -12.00 14.40
CA LEU A 46 -1.44 -11.61 15.45
C LEU A 46 -2.18 -10.95 16.62
N HIS A 47 -2.81 -11.76 17.45
CA HIS A 47 -3.56 -11.27 18.61
C HIS A 47 -4.89 -10.64 18.18
N GLY A 48 -5.87 -11.50 17.90
CA GLY A 48 -7.19 -11.02 17.47
C GLY A 48 -7.89 -10.15 18.51
N GLN A 49 -7.50 -10.27 19.77
CA GLN A 49 -8.09 -9.47 20.85
C GLN A 49 -7.51 -8.06 20.86
N VAL A 50 -8.31 -7.10 21.31
CA VAL A 50 -7.89 -5.68 21.39
C VAL A 50 -7.97 -5.01 20.01
N GLU A 51 -8.46 -3.78 19.99
CA GLU A 51 -8.60 -3.01 18.75
C GLU A 51 -7.36 -3.12 17.85
N SER A 52 -6.18 -3.06 18.48
CA SER A 52 -4.93 -3.15 17.74
C SER A 52 -3.88 -3.92 18.54
N ILE A 53 -4.29 -5.06 19.10
CA ILE A 53 -3.40 -5.90 19.91
C ILE A 53 -3.04 -5.23 21.23
N ASP A 54 -2.43 -4.04 21.15
CA ASP A 54 -2.04 -3.29 22.35
C ASP A 54 -2.22 -1.79 22.14
N VAL A 55 -1.72 -0.99 23.09
CA VAL A 55 -1.84 0.47 23.02
C VAL A 55 -0.94 1.05 21.92
N ILE A 56 -1.31 0.78 20.67
CA ILE A 56 -0.55 1.27 19.52
C ILE A 56 -1.00 2.69 19.11
N ARG A 57 -0.08 3.46 18.55
CA ARG A 57 -0.39 4.82 18.13
C ARG A 57 -0.88 4.87 16.68
N SER A 58 -2.01 5.51 16.45
CA SER A 58 -2.59 5.64 15.11
C SER A 58 -1.62 6.38 14.17
N ILE A 59 -1.38 7.65 14.48
CA ILE A 59 -0.47 8.47 13.68
C ILE A 59 0.88 7.78 13.46
N PHE A 60 1.28 6.94 14.43
CA PHE A 60 2.55 6.20 14.33
C PHE A 60 2.67 5.50 12.98
N PHE A 61 1.56 4.94 12.49
CA PHE A 61 1.54 4.27 11.19
C PHE A 61 2.15 5.17 10.11
N GLY A 62 1.91 6.48 10.24
CA GLY A 62 2.45 7.44 9.29
C GLY A 62 3.91 7.20 8.98
N LEU A 63 4.69 6.84 10.01
CA LEU A 63 6.11 6.55 9.81
C LEU A 63 6.28 5.49 8.71
N LEU A 64 5.46 4.44 8.79
CA LEU A 64 5.49 3.36 7.80
C LEU A 64 5.19 3.88 6.40
N ILE A 65 4.42 4.99 6.31
CA ILE A 65 4.09 5.58 5.03
C ILE A 65 5.34 6.10 4.31
N THR A 66 6.37 6.46 5.07
CA THR A 66 7.62 6.95 4.47
C THR A 66 8.22 5.88 3.55
N PRO A 67 8.63 4.72 4.11
CA PRO A 67 9.18 3.61 3.32
C PRO A 67 8.17 3.10 2.31
N TRP A 68 6.90 2.96 2.74
CA TRP A 68 5.83 2.50 1.87
C TRP A 68 5.71 3.41 0.65
N ALA A 69 5.78 4.72 0.88
CA ALA A 69 5.70 5.69 -0.21
C ALA A 69 6.87 5.51 -1.17
N VAL A 70 8.09 5.44 -0.62
CA VAL A 70 9.29 5.25 -1.42
C VAL A 70 9.19 3.96 -2.25
N TYR A 71 8.77 2.87 -1.59
CA TYR A 71 8.64 1.58 -2.26
C TYR A 71 7.51 1.62 -3.32
N PHE A 72 6.32 2.05 -2.89
CA PHE A 72 5.18 2.16 -3.80
C PHE A 72 5.50 3.06 -4.99
N LEU A 73 6.10 4.21 -4.72
CA LEU A 73 6.49 5.16 -5.77
C LEU A 73 7.43 4.48 -6.76
N SER A 74 8.49 3.86 -6.23
CA SER A 74 9.46 3.13 -7.05
C SER A 74 8.73 2.07 -7.88
N VAL A 75 7.87 1.31 -7.20
CA VAL A 75 7.07 0.27 -7.87
C VAL A 75 6.25 0.89 -8.99
N VAL A 76 5.55 1.99 -8.69
CA VAL A 76 4.74 2.70 -9.69
C VAL A 76 5.59 3.11 -10.88
N VAL A 77 6.78 3.67 -10.61
CA VAL A 77 7.69 4.10 -11.67
C VAL A 77 8.02 2.94 -12.59
N GLU A 78 8.30 1.77 -11.99
CA GLU A 78 8.62 0.57 -12.76
C GLU A 78 7.34 -0.10 -13.29
N GLN A 79 6.30 -0.10 -12.47
CA GLN A 79 5.01 -0.69 -12.83
C GLN A 79 4.18 0.26 -13.71
N LEU A 80 4.66 0.51 -14.91
CA LEU A 80 3.95 1.40 -15.84
C LEU A 80 2.69 0.73 -16.37
N GLU A 81 1.68 0.61 -15.51
CA GLU A 81 0.40 -0.03 -15.86
C GLU A 81 0.55 -1.53 -16.04
N GLU A 82 1.40 -1.93 -16.98
CA GLU A 82 1.66 -3.35 -17.27
C GLU A 82 0.46 -4.01 -17.93
N SER A 83 -0.68 -4.05 -17.23
CA SER A 83 -1.90 -4.64 -17.78
C SER A 83 -3.09 -4.48 -16.82
N ARG A 84 -4.23 -5.03 -17.22
CA ARG A 84 -5.45 -4.95 -16.41
C ARG A 84 -5.44 -5.95 -15.25
N GLN A 85 -4.65 -5.62 -14.21
CA GLN A 85 -4.54 -6.47 -13.03
C GLN A 85 -3.88 -7.82 -13.37
N ARG A 86 -2.66 -7.76 -13.89
CA ARG A 86 -1.92 -8.97 -14.27
C ARG A 86 -1.11 -9.53 -13.09
N LEU A 87 -0.18 -8.73 -12.57
CA LEU A 87 0.66 -9.15 -11.45
C LEU A 87 0.88 -8.02 -10.45
N SER A 88 1.25 -8.38 -9.21
CA SER A 88 1.48 -7.40 -8.16
C SER A 88 2.94 -6.92 -8.16
N ARG A 89 3.29 -6.08 -7.17
CA ARG A 89 4.64 -5.55 -7.05
C ARG A 89 5.04 -5.38 -5.59
N MET A 15 -17.91 2.37 -10.59
CA MET A 15 -17.30 3.73 -10.54
C MET A 15 -16.74 4.15 -11.90
N MET A 16 -16.20 5.37 -11.96
CA MET A 16 -15.63 5.88 -13.21
C MET A 16 -14.26 5.24 -13.50
N LYS A 17 -13.78 5.39 -14.74
CA LYS A 17 -12.50 4.83 -15.14
C LYS A 17 -11.36 5.82 -14.90
N LEU A 18 -10.27 5.34 -14.30
CA LEU A 18 -9.11 6.17 -14.00
C LEU A 18 -7.92 5.81 -14.90
N GLY A 19 -7.55 4.53 -14.92
CA GLY A 19 -6.43 4.09 -15.75
C GLY A 19 -6.77 4.08 -17.23
N LEU A 20 -6.26 5.09 -17.95
CA LEU A 20 -6.49 5.24 -19.39
C LEU A 20 -6.43 3.89 -20.14
N VAL A 21 -5.30 3.19 -20.01
CA VAL A 21 -5.13 1.91 -20.69
C VAL A 21 -5.44 0.73 -19.77
N ARG A 22 -6.58 0.08 -20.00
CA ARG A 22 -7.02 -1.07 -19.20
C ARG A 22 -6.94 -0.78 -17.70
N PHE A 23 -7.34 0.42 -17.28
CA PHE A 23 -7.32 0.82 -15.88
C PHE A 23 -5.91 0.74 -15.28
N SER A 24 -4.90 1.07 -16.09
CA SER A 24 -3.49 1.04 -15.63
C SER A 24 -3.33 1.72 -14.27
N MET A 25 -3.58 3.03 -14.21
CA MET A 25 -3.46 3.77 -12.96
C MET A 25 -4.39 3.21 -11.90
N LEU A 26 -5.68 3.06 -12.26
CA LEU A 26 -6.68 2.51 -11.34
C LEU A 26 -6.20 1.22 -10.70
N LEU A 27 -5.52 0.37 -11.49
CA LEU A 27 -5.00 -0.90 -10.98
C LEU A 27 -4.28 -0.72 -9.64
N ALA A 28 -3.61 0.43 -9.46
CA ALA A 28 -2.92 0.73 -8.20
C ALA A 28 -3.83 0.49 -6.99
N LEU A 29 -5.11 0.84 -7.13
CA LEU A 29 -6.08 0.65 -6.05
C LEU A 29 -6.00 -0.77 -5.49
N ALA A 30 -5.84 -1.75 -6.39
CA ALA A 30 -5.72 -3.15 -5.98
C ALA A 30 -4.52 -3.34 -5.07
N LEU A 31 -3.42 -2.64 -5.37
CA LEU A 31 -2.22 -2.71 -4.56
C LEU A 31 -2.51 -2.14 -3.17
N VAL A 32 -3.19 -1.00 -3.16
CA VAL A 32 -3.58 -0.36 -1.90
C VAL A 32 -4.46 -1.32 -1.10
N VAL A 33 -5.45 -1.93 -1.78
CA VAL A 33 -6.34 -2.90 -1.14
C VAL A 33 -5.52 -4.03 -0.53
N LEU A 34 -4.60 -4.58 -1.32
CA LEU A 34 -3.72 -5.65 -0.85
C LEU A 34 -2.95 -5.17 0.38
N ALA A 35 -2.40 -3.96 0.29
CA ALA A 35 -1.66 -3.36 1.41
C ALA A 35 -2.55 -3.32 2.65
N ILE A 36 -3.79 -2.84 2.48
CA ILE A 36 -4.76 -2.78 3.57
C ILE A 36 -4.99 -4.18 4.13
N VAL A 37 -5.20 -5.15 3.23
CA VAL A 37 -5.39 -6.54 3.62
C VAL A 37 -4.21 -7.02 4.45
N VAL A 38 -3.00 -6.71 3.99
CA VAL A 38 -1.77 -7.10 4.69
C VAL A 38 -1.74 -6.46 6.09
N GLN A 39 -1.95 -5.14 6.13
CA GLN A 39 -1.96 -4.41 7.40
C GLN A 39 -2.99 -5.00 8.36
N MET A 40 -4.20 -5.25 7.86
CA MET A 40 -5.27 -5.83 8.66
C MET A 40 -4.89 -7.23 9.13
N ALA A 41 -4.47 -8.08 8.18
CA ALA A 41 -4.06 -9.45 8.49
C ALA A 41 -3.01 -9.46 9.59
N VAL A 42 -1.96 -8.64 9.42
CA VAL A 42 -0.89 -8.55 10.42
C VAL A 42 -1.43 -8.01 11.75
N THR A 43 -2.17 -6.91 11.67
CA THR A 43 -2.75 -6.28 12.86
C THR A 43 -3.62 -7.28 13.64
N MET A 44 -4.34 -8.14 12.91
CA MET A 44 -5.22 -9.14 13.53
C MET A 44 -4.43 -10.35 14.03
N VAL A 45 -3.56 -10.89 13.18
CA VAL A 45 -2.75 -12.07 13.52
C VAL A 45 -1.78 -11.77 14.68
N LEU A 46 -1.13 -10.61 14.63
CA LEU A 46 -0.18 -10.22 15.67
C LEU A 46 -0.92 -9.77 16.94
N HIS A 47 -0.17 -9.38 17.97
CA HIS A 47 -0.77 -8.93 19.22
C HIS A 47 -1.37 -7.53 19.08
N GLY A 48 -2.38 -7.41 18.22
CA GLY A 48 -3.04 -6.13 17.99
C GLY A 48 -3.93 -5.73 19.15
N GLN A 49 -4.98 -6.50 19.40
CA GLN A 49 -5.92 -6.23 20.49
C GLN A 49 -6.79 -5.00 20.18
N VAL A 50 -7.80 -4.77 21.03
CA VAL A 50 -8.70 -3.63 20.85
C VAL A 50 -8.07 -2.35 21.41
N GLU A 51 -7.08 -1.83 20.68
CA GLU A 51 -6.38 -0.62 21.08
C GLU A 51 -6.44 0.46 19.99
N SER A 52 -6.14 0.06 18.75
CA SER A 52 -6.14 0.99 17.61
C SER A 52 -7.44 1.80 17.55
N ILE A 53 -7.37 2.99 16.94
CA ILE A 53 -8.53 3.88 16.81
C ILE A 53 -8.78 4.64 18.12
N ASP A 54 -8.81 3.91 19.25
CA ASP A 54 -9.02 4.53 20.56
C ASP A 54 -7.68 4.98 21.15
N VAL A 55 -6.70 4.07 21.15
CA VAL A 55 -5.37 4.37 21.67
C VAL A 55 -4.56 5.18 20.65
N ILE A 56 -3.41 5.72 21.08
CA ILE A 56 -2.55 6.50 20.20
C ILE A 56 -1.93 5.64 19.10
N ARG A 57 -2.77 5.12 18.21
CA ARG A 57 -2.31 4.26 17.12
C ARG A 57 -2.36 4.97 15.75
N SER A 58 -3.25 5.96 15.61
CA SER A 58 -3.36 6.71 14.35
C SER A 58 -2.00 7.20 13.87
N ILE A 59 -1.32 7.98 14.72
CA ILE A 59 0.01 8.49 14.40
C ILE A 59 0.95 7.36 13.96
N PHE A 60 0.81 6.20 14.61
CA PHE A 60 1.63 5.04 14.28
C PHE A 60 1.62 4.76 12.78
N PHE A 61 0.45 4.96 12.14
CA PHE A 61 0.33 4.75 10.70
C PHE A 61 1.45 5.46 9.94
N GLY A 62 1.83 6.64 10.42
CA GLY A 62 2.91 7.40 9.80
C GLY A 62 4.14 6.55 9.52
N LEU A 63 4.50 5.67 10.47
CA LEU A 63 5.65 4.80 10.30
C LEU A 63 5.46 3.92 9.05
N LEU A 64 4.22 3.46 8.84
CA LEU A 64 3.89 2.65 7.67
C LEU A 64 4.20 3.39 6.37
N ILE A 65 4.21 4.73 6.43
CA ILE A 65 4.51 5.55 5.25
C ILE A 65 5.92 5.28 4.73
N THR A 66 6.83 4.85 5.61
CA THR A 66 8.20 4.56 5.19
C THR A 66 8.21 3.45 4.13
N PRO A 67 7.81 2.21 4.50
CA PRO A 67 7.76 1.09 3.54
C PRO A 67 6.76 1.35 2.42
N TRP A 68 5.61 1.95 2.78
CA TRP A 68 4.57 2.28 1.81
C TRP A 68 5.10 3.22 0.74
N ALA A 69 5.75 4.31 1.17
CA ALA A 69 6.32 5.28 0.25
C ALA A 69 7.39 4.64 -0.62
N VAL A 70 8.29 3.87 0.00
CA VAL A 70 9.34 3.17 -0.74
C VAL A 70 8.74 2.25 -1.79
N TYR A 71 7.83 1.36 -1.35
CA TYR A 71 7.16 0.42 -2.25
C TYR A 71 6.41 1.17 -3.35
N PHE A 72 5.51 2.07 -2.94
CA PHE A 72 4.72 2.86 -3.88
C PHE A 72 5.62 3.59 -4.88
N LEU A 73 6.63 4.30 -4.37
CA LEU A 73 7.57 5.02 -5.22
C LEU A 73 8.18 4.07 -6.25
N SER A 74 8.64 2.91 -5.78
CA SER A 74 9.20 1.89 -6.66
C SER A 74 8.18 1.51 -7.72
N VAL A 75 6.96 1.19 -7.25
CA VAL A 75 5.87 0.84 -8.15
C VAL A 75 5.65 1.95 -9.18
N VAL A 76 5.72 3.21 -8.72
CA VAL A 76 5.56 4.36 -9.60
C VAL A 76 6.65 4.37 -10.67
N VAL A 77 7.91 4.23 -10.24
CA VAL A 77 9.04 4.19 -11.16
C VAL A 77 8.82 3.12 -12.23
N GLU A 78 8.28 1.98 -11.80
CA GLU A 78 7.99 0.86 -12.71
C GLU A 78 6.69 1.13 -13.49
N GLN A 79 5.63 1.51 -12.77
CA GLN A 79 4.34 1.81 -13.39
C GLN A 79 4.47 2.91 -14.43
N LEU A 80 4.33 2.54 -15.71
CA LEU A 80 4.44 3.49 -16.82
C LEU A 80 3.32 4.54 -16.77
N GLU A 81 3.37 5.40 -15.74
CA GLU A 81 2.38 6.45 -15.53
C GLU A 81 2.87 7.46 -14.50
N GLU A 82 2.05 8.48 -14.22
CA GLU A 82 2.41 9.50 -13.23
C GLU A 82 2.32 8.94 -11.80
N SER A 83 1.09 8.85 -11.27
CA SER A 83 0.86 8.33 -9.90
C SER A 83 1.54 9.19 -8.84
N ARG A 84 2.87 9.26 -8.92
CA ARG A 84 3.69 10.06 -8.01
C ARG A 84 4.78 10.77 -8.81
N GLN A 85 4.34 11.67 -9.70
CA GLN A 85 5.24 12.41 -10.59
C GLN A 85 5.76 11.51 -11.70
N ARG A 86 5.65 11.97 -12.95
CA ARG A 86 6.11 11.19 -14.10
C ARG A 86 7.63 10.96 -14.06
N LEU A 87 8.05 9.94 -13.32
CA LEU A 87 9.47 9.61 -13.18
C LEU A 87 9.73 8.14 -13.47
N SER A 88 9.89 7.80 -14.75
CA SER A 88 10.16 6.43 -15.16
C SER A 88 11.60 6.26 -15.65
N ARG A 89 12.37 5.44 -14.95
CA ARG A 89 13.77 5.19 -15.29
C ARG A 89 14.30 3.96 -14.57
N MET A 15 10.23 8.20 -20.77
CA MET A 15 9.31 9.11 -21.53
C MET A 15 7.84 8.87 -21.14
N MET A 16 7.40 7.61 -21.22
CA MET A 16 6.02 7.25 -20.87
C MET A 16 5.76 7.50 -19.39
N LYS A 17 4.50 7.75 -19.04
CA LYS A 17 4.11 8.00 -17.65
C LYS A 17 2.59 7.88 -17.45
N LEU A 18 2.12 6.67 -17.20
CA LEU A 18 0.69 6.43 -16.99
C LEU A 18 0.46 5.09 -16.26
N GLY A 19 -0.76 4.90 -15.75
CA GLY A 19 -1.09 3.67 -15.04
C GLY A 19 -2.12 2.81 -15.77
N LEU A 20 -3.25 3.43 -16.12
CA LEU A 20 -4.32 2.72 -16.82
C LEU A 20 -4.49 3.24 -18.24
N VAL A 21 -4.76 4.54 -18.38
CA VAL A 21 -4.94 5.16 -19.71
C VAL A 21 -4.56 6.64 -19.71
N ARG A 22 -5.50 7.52 -19.32
CA ARG A 22 -5.25 8.96 -19.30
C ARG A 22 -5.90 9.65 -18.09
N PHE A 23 -5.64 9.13 -16.89
CA PHE A 23 -6.19 9.71 -15.66
C PHE A 23 -5.42 9.27 -14.42
N SER A 24 -4.10 9.45 -14.45
CA SER A 24 -3.23 9.08 -13.32
C SER A 24 -3.10 7.56 -13.20
N MET A 25 -2.26 7.11 -12.26
CA MET A 25 -2.04 5.68 -12.05
C MET A 25 -2.91 5.14 -10.91
N LEU A 26 -4.23 5.15 -11.13
CA LEU A 26 -5.18 4.65 -10.11
C LEU A 26 -4.90 3.19 -9.74
N LEU A 27 -4.30 2.43 -10.66
CA LEU A 27 -3.98 1.02 -10.42
C LEU A 27 -3.29 0.80 -9.07
N ALA A 28 -2.43 1.75 -8.68
CA ALA A 28 -1.69 1.67 -7.42
C ALA A 28 -2.62 1.39 -6.22
N LEU A 29 -3.82 1.97 -6.25
CA LEU A 29 -4.80 1.77 -5.17
C LEU A 29 -4.98 0.27 -4.88
N ALA A 30 -4.96 -0.55 -5.93
CA ALA A 30 -5.10 -2.00 -5.79
C ALA A 30 -4.00 -2.54 -4.88
N LEU A 31 -2.79 -1.99 -5.04
CA LEU A 31 -1.65 -2.40 -4.21
C LEU A 31 -1.88 -1.94 -2.78
N VAL A 32 -2.34 -0.68 -2.62
CA VAL A 32 -2.64 -0.14 -1.30
C VAL A 32 -3.64 -1.04 -0.58
N VAL A 33 -4.75 -1.35 -1.27
CA VAL A 33 -5.78 -2.21 -0.71
C VAL A 33 -5.17 -3.57 -0.32
N LEU A 34 -4.44 -4.17 -1.25
CA LEU A 34 -3.77 -5.46 -0.98
C LEU A 34 -2.89 -5.35 0.26
N ALA A 35 -2.07 -4.30 0.31
CA ALA A 35 -1.18 -4.06 1.44
C ALA A 35 -1.98 -4.01 2.75
N ILE A 36 -3.04 -3.20 2.77
CA ILE A 36 -3.90 -3.06 3.95
C ILE A 36 -4.49 -4.43 4.31
N VAL A 37 -5.03 -5.13 3.31
CA VAL A 37 -5.63 -6.45 3.52
C VAL A 37 -4.61 -7.40 4.15
N VAL A 38 -3.42 -7.49 3.54
CA VAL A 38 -2.36 -8.36 4.06
C VAL A 38 -1.97 -7.95 5.47
N GLN A 39 -1.73 -6.64 5.66
CA GLN A 39 -1.37 -6.11 6.98
C GLN A 39 -2.43 -6.48 8.02
N MET A 40 -3.70 -6.31 7.66
CA MET A 40 -4.81 -6.63 8.54
C MET A 40 -4.85 -8.13 8.83
N ALA A 41 -4.86 -8.93 7.76
CA ALA A 41 -4.89 -10.39 7.90
C ALA A 41 -3.75 -10.89 8.78
N VAL A 42 -2.52 -10.49 8.44
CA VAL A 42 -1.34 -10.88 9.22
C VAL A 42 -1.52 -10.46 10.69
N THR A 43 -1.99 -9.24 10.90
CA THR A 43 -2.23 -8.72 12.25
C THR A 43 -3.28 -9.57 12.96
N MET A 44 -4.34 -9.92 12.24
CA MET A 44 -5.41 -10.76 12.80
C MET A 44 -4.86 -12.12 13.22
N VAL A 45 -4.05 -12.73 12.35
CA VAL A 45 -3.43 -14.03 12.63
C VAL A 45 -2.47 -13.90 13.82
N LEU A 46 -1.62 -12.88 13.78
CA LEU A 46 -0.66 -12.63 14.86
C LEU A 46 -1.39 -12.41 16.18
N HIS A 47 -1.15 -13.29 17.14
CA HIS A 47 -1.80 -13.19 18.46
C HIS A 47 -1.27 -11.98 19.23
N GLY A 48 -1.64 -10.79 18.77
CA GLY A 48 -1.20 -9.55 19.40
C GLY A 48 -1.05 -8.42 18.40
N GLN A 49 -1.75 -7.31 18.64
CA GLN A 49 -1.69 -6.15 17.75
C GLN A 49 -0.29 -5.53 17.73
N VAL A 50 0.06 -4.91 16.60
CA VAL A 50 1.38 -4.27 16.45
C VAL A 50 1.53 -3.04 17.34
N GLU A 51 1.51 -3.25 18.66
CA GLU A 51 1.65 -2.17 19.64
C GLU A 51 0.48 -1.18 19.56
N SER A 52 -0.70 -1.68 19.20
CA SER A 52 -1.89 -0.84 19.08
C SER A 52 -3.18 -1.65 19.28
N ILE A 53 -3.75 -1.58 20.47
CA ILE A 53 -4.98 -2.32 20.78
C ILE A 53 -6.12 -1.39 21.22
N ASP A 54 -5.86 -0.55 22.23
CA ASP A 54 -6.88 0.37 22.73
C ASP A 54 -6.51 1.84 22.43
N VAL A 55 -5.77 2.06 21.34
CA VAL A 55 -5.35 3.41 20.96
C VAL A 55 -5.27 3.56 19.43
N ILE A 56 -5.85 4.66 18.93
CA ILE A 56 -5.83 4.94 17.48
C ILE A 56 -4.44 5.36 17.02
N ARG A 57 -3.86 6.34 17.72
CA ARG A 57 -2.52 6.85 17.39
C ARG A 57 -2.41 7.22 15.89
N SER A 58 -3.40 7.97 15.39
CA SER A 58 -3.41 8.40 13.98
C SER A 58 -2.03 8.90 13.54
N ILE A 59 -1.46 9.83 14.32
CA ILE A 59 -0.14 10.39 14.02
C ILE A 59 0.88 9.29 13.76
N PHE A 60 0.81 8.21 14.55
CA PHE A 60 1.73 7.07 14.39
C PHE A 60 1.77 6.59 12.94
N PHE A 61 0.61 6.61 12.27
CA PHE A 61 0.52 6.19 10.86
C PHE A 61 1.60 6.86 10.02
N GLY A 62 1.95 8.11 10.37
CA GLY A 62 2.99 8.84 9.65
C GLY A 62 4.22 7.98 9.36
N LEU A 63 4.61 7.15 10.33
CA LEU A 63 5.76 6.26 10.16
C LEU A 63 5.58 5.38 8.93
N LEU A 64 4.37 4.84 8.76
CA LEU A 64 4.05 3.98 7.61
C LEU A 64 4.42 4.67 6.29
N ILE A 65 4.45 6.00 6.28
CA ILE A 65 4.78 6.77 5.09
C ILE A 65 6.08 6.28 4.44
N THR A 66 7.08 5.89 5.26
CA THR A 66 8.35 5.41 4.72
C THR A 66 8.15 4.14 3.87
N PRO A 67 7.72 3.02 4.50
CA PRO A 67 7.48 1.76 3.78
C PRO A 67 6.44 1.92 2.68
N TRP A 68 5.39 2.70 2.98
CA TRP A 68 4.32 2.94 2.01
C TRP A 68 4.86 3.70 0.79
N ALA A 69 5.62 4.77 1.04
CA ALA A 69 6.22 5.55 -0.04
C ALA A 69 7.10 4.66 -0.91
N VAL A 70 7.96 3.86 -0.26
CA VAL A 70 8.85 2.95 -0.98
C VAL A 70 8.04 1.97 -1.84
N TYR A 71 7.10 1.26 -1.21
CA TYR A 71 6.25 0.30 -1.94
C TYR A 71 5.50 0.99 -3.08
N PHE A 72 4.87 2.12 -2.77
CA PHE A 72 4.12 2.88 -3.76
C PHE A 72 5.03 3.30 -4.91
N LEU A 73 6.21 3.83 -4.60
CA LEU A 73 7.17 4.26 -5.61
C LEU A 73 7.62 3.08 -6.46
N SER A 74 8.14 2.04 -5.81
CA SER A 74 8.62 0.84 -6.51
C SER A 74 7.50 0.24 -7.37
N VAL A 75 6.34 -0.02 -6.75
CA VAL A 75 5.20 -0.56 -7.46
C VAL A 75 4.80 0.37 -8.60
N VAL A 76 4.76 1.68 -8.32
CA VAL A 76 4.43 2.68 -9.34
C VAL A 76 5.37 2.51 -10.53
N VAL A 77 6.66 2.36 -10.23
CA VAL A 77 7.67 2.14 -11.28
C VAL A 77 7.26 0.96 -12.15
N GLU A 78 6.98 -0.17 -11.50
CA GLU A 78 6.53 -1.38 -12.22
C GLU A 78 5.17 -1.12 -12.88
N GLN A 79 4.25 -0.50 -12.13
CA GLN A 79 2.92 -0.17 -12.62
C GLN A 79 2.99 0.78 -13.82
N LEU A 80 3.91 1.74 -13.77
CA LEU A 80 4.11 2.70 -14.86
C LEU A 80 4.28 1.96 -16.18
N GLU A 81 5.10 0.91 -16.17
CA GLU A 81 5.35 0.11 -17.37
C GLU A 81 4.21 -0.87 -17.61
N GLU A 82 3.72 -1.51 -16.53
CA GLU A 82 2.62 -2.47 -16.61
C GLU A 82 2.99 -3.68 -17.49
N SER A 83 1.97 -4.46 -17.89
CA SER A 83 2.18 -5.65 -18.73
C SER A 83 3.36 -6.51 -18.25
N ARG A 84 3.35 -6.85 -16.95
CA ARG A 84 4.42 -7.68 -16.37
C ARG A 84 3.86 -9.01 -15.87
N GLN A 85 2.99 -8.95 -14.85
CA GLN A 85 2.38 -10.15 -14.26
C GLN A 85 1.07 -9.80 -13.55
N ARG A 86 1.18 -9.27 -12.32
CA ARG A 86 0.01 -8.88 -11.53
C ARG A 86 0.44 -8.32 -10.17
N LEU A 87 -0.25 -7.27 -9.71
CA LEU A 87 0.06 -6.63 -8.44
C LEU A 87 -1.11 -6.73 -7.45
N SER A 88 -2.33 -6.53 -7.95
CA SER A 88 -3.53 -6.60 -7.12
C SER A 88 -4.80 -6.47 -7.96
N ARG A 89 -4.84 -5.43 -8.82
CA ARG A 89 -5.97 -5.18 -9.72
C ARG A 89 -7.10 -4.43 -9.00
N MET A 15 8.85 9.76 -21.71
CA MET A 15 8.11 8.94 -20.71
C MET A 15 9.07 8.02 -19.94
N MET A 16 8.85 7.88 -18.63
CA MET A 16 9.69 7.03 -17.77
C MET A 16 9.29 7.17 -16.30
N LYS A 17 9.24 6.04 -15.60
CA LYS A 17 8.89 6.02 -14.17
C LYS A 17 7.52 6.69 -13.92
N LEU A 18 6.45 5.95 -14.18
CA LEU A 18 5.09 6.46 -14.00
C LEU A 18 4.06 5.34 -14.17
N GLY A 19 4.04 4.74 -15.35
CA GLY A 19 3.09 3.67 -15.64
C GLY A 19 2.52 3.75 -17.04
N LEU A 20 1.55 2.88 -17.35
CA LEU A 20 0.93 2.87 -18.67
C LEU A 20 -0.60 2.79 -18.58
N VAL A 21 -1.16 3.22 -17.45
CA VAL A 21 -2.60 3.20 -17.24
C VAL A 21 -3.14 4.59 -16.87
N ARG A 22 -3.48 5.37 -17.90
CA ARG A 22 -4.00 6.72 -17.70
C ARG A 22 -2.98 7.59 -16.95
N PHE A 23 -3.46 8.56 -16.17
CA PHE A 23 -2.58 9.45 -15.41
C PHE A 23 -2.58 9.12 -13.91
N SER A 24 -3.76 8.77 -13.38
CA SER A 24 -3.92 8.44 -11.96
C SER A 24 -3.34 7.06 -11.60
N MET A 25 -3.03 6.23 -12.61
CA MET A 25 -2.48 4.90 -12.37
C MET A 25 -3.38 4.08 -11.43
N LEU A 26 -4.67 4.03 -11.77
CA LEU A 26 -5.68 3.30 -10.98
C LEU A 26 -5.15 1.97 -10.44
N LEU A 27 -4.37 1.25 -11.25
CA LEU A 27 -3.78 -0.04 -10.86
C LEU A 27 -3.24 0.00 -9.42
N ALA A 28 -2.61 1.12 -9.05
CA ALA A 28 -2.06 1.30 -7.71
C ALA A 28 -3.05 0.88 -6.62
N LEU A 29 -4.35 1.11 -6.86
CA LEU A 29 -5.40 0.75 -5.91
C LEU A 29 -5.25 -0.71 -5.48
N ALA A 30 -4.87 -1.57 -6.43
CA ALA A 30 -4.67 -2.99 -6.15
C ALA A 30 -3.59 -3.15 -5.08
N LEU A 31 -2.54 -2.34 -5.18
CA LEU A 31 -1.45 -2.35 -4.20
C LEU A 31 -1.96 -1.93 -2.83
N VAL A 32 -2.62 -0.77 -2.80
CA VAL A 32 -3.20 -0.24 -1.57
C VAL A 32 -4.09 -1.28 -0.90
N VAL A 33 -5.03 -1.82 -1.69
CA VAL A 33 -5.95 -2.85 -1.20
C VAL A 33 -5.17 -4.07 -0.73
N LEU A 34 -4.24 -4.55 -1.56
CA LEU A 34 -3.42 -5.71 -1.21
C LEU A 34 -2.75 -5.49 0.15
N ALA A 35 -2.16 -4.31 0.32
CA ALA A 35 -1.50 -3.95 1.58
C ALA A 35 -2.48 -4.07 2.74
N ILE A 36 -3.66 -3.45 2.58
CA ILE A 36 -4.70 -3.49 3.60
C ILE A 36 -5.13 -4.93 3.90
N VAL A 37 -5.36 -5.70 2.84
CA VAL A 37 -5.77 -7.11 2.98
C VAL A 37 -4.69 -7.91 3.73
N VAL A 38 -3.45 -7.81 3.26
CA VAL A 38 -2.34 -8.50 3.89
C VAL A 38 -2.20 -8.10 5.36
N GLN A 39 -2.23 -6.79 5.62
CA GLN A 39 -2.12 -6.28 6.99
C GLN A 39 -3.28 -6.80 7.84
N MET A 40 -4.51 -6.56 7.38
CA MET A 40 -5.71 -7.04 8.08
C MET A 40 -5.60 -8.53 8.37
N ALA A 41 -5.25 -9.31 7.35
CA ALA A 41 -5.08 -10.76 7.49
C ALA A 41 -4.11 -11.06 8.63
N VAL A 42 -2.93 -10.43 8.59
CA VAL A 42 -1.93 -10.60 9.63
C VAL A 42 -2.51 -10.22 11.00
N THR A 43 -3.22 -9.08 11.02
CA THR A 43 -3.85 -8.59 12.25
C THR A 43 -4.81 -9.64 12.81
N MET A 44 -5.63 -10.22 11.94
CA MET A 44 -6.59 -11.25 12.35
C MET A 44 -5.87 -12.50 12.87
N VAL A 45 -4.77 -12.86 12.21
CA VAL A 45 -3.98 -14.04 12.59
C VAL A 45 -3.25 -13.80 13.92
N LEU A 46 -2.66 -12.61 14.08
CA LEU A 46 -1.93 -12.27 15.30
C LEU A 46 -2.89 -11.92 16.44
N HIS A 47 -2.38 -11.98 17.68
CA HIS A 47 -3.21 -11.69 18.85
C HIS A 47 -2.54 -10.66 19.77
N GLY A 48 -2.79 -9.37 19.51
CA GLY A 48 -2.22 -8.32 20.33
C GLY A 48 -0.85 -7.86 19.86
N GLN A 49 -0.81 -7.02 18.83
CA GLN A 49 0.43 -6.49 18.28
C GLN A 49 0.18 -5.65 17.03
N VAL A 50 -0.10 -6.32 15.90
CA VAL A 50 -0.35 -5.62 14.64
C VAL A 50 -1.77 -5.04 14.60
N GLU A 51 -2.05 -4.10 15.50
CA GLU A 51 -3.35 -3.45 15.59
C GLU A 51 -3.26 -2.08 16.27
N SER A 52 -4.40 -1.39 16.38
CA SER A 52 -4.46 -0.07 17.01
C SER A 52 -4.20 -0.17 18.53
N ILE A 53 -2.94 -0.43 18.87
CA ILE A 53 -2.54 -0.55 20.28
C ILE A 53 -1.03 -0.38 20.44
N ASP A 54 -0.25 -1.12 19.65
CA ASP A 54 1.22 -1.05 19.71
C ASP A 54 1.73 0.24 19.05
N VAL A 55 1.14 0.59 17.91
CA VAL A 55 1.52 1.81 17.18
C VAL A 55 1.12 3.06 17.98
N ILE A 56 2.01 3.46 18.90
CA ILE A 56 1.75 4.63 19.74
C ILE A 56 1.62 5.91 18.92
N ARG A 57 0.54 6.66 19.16
CA ARG A 57 0.27 7.92 18.46
C ARG A 57 -0.13 7.68 17.00
N SER A 58 -1.41 7.94 16.69
CA SER A 58 -1.93 7.77 15.33
C SER A 58 -1.04 8.45 14.31
N ILE A 59 -0.75 9.74 14.53
CA ILE A 59 0.12 10.52 13.63
C ILE A 59 1.44 9.79 13.37
N PHE A 60 1.95 9.10 14.40
CA PHE A 60 3.21 8.35 14.29
C PHE A 60 3.21 7.47 13.03
N PHE A 61 2.04 6.98 12.64
CA PHE A 61 1.90 6.13 11.45
C PHE A 61 2.72 6.69 10.29
N GLY A 62 2.66 8.01 10.11
CA GLY A 62 3.42 8.67 9.05
C GLY A 62 4.82 8.12 8.91
N LEU A 63 5.48 7.84 10.04
CA LEU A 63 6.83 7.27 10.01
C LEU A 63 6.85 6.05 9.08
N LEU A 64 5.94 5.12 9.32
CA LEU A 64 5.82 3.92 8.48
C LEU A 64 5.41 4.30 7.05
N ILE A 65 4.75 5.45 6.91
CA ILE A 65 4.33 5.94 5.61
C ILE A 65 5.54 6.32 4.75
N THR A 66 6.68 6.60 5.39
CA THR A 66 7.89 6.95 4.65
C THR A 66 8.32 5.78 3.76
N PRO A 67 8.64 4.61 4.37
CA PRO A 67 9.01 3.41 3.61
C PRO A 67 7.85 2.90 2.76
N TRP A 68 6.64 2.92 3.33
CA TRP A 68 5.45 2.48 2.60
C TRP A 68 5.25 3.33 1.34
N ALA A 69 5.33 4.65 1.49
CA ALA A 69 5.18 5.56 0.36
C ALA A 69 6.24 5.28 -0.69
N VAL A 70 7.50 5.24 -0.27
CA VAL A 70 8.61 4.96 -1.19
C VAL A 70 8.39 3.63 -1.91
N TYR A 71 8.10 2.58 -1.14
CA TYR A 71 7.85 1.25 -1.70
C TYR A 71 6.66 1.30 -2.67
N PHE A 72 5.54 1.83 -2.20
CA PHE A 72 4.33 1.96 -3.02
C PHE A 72 4.65 2.70 -4.31
N LEU A 73 5.40 3.80 -4.19
CA LEU A 73 5.81 4.59 -5.33
C LEU A 73 6.59 3.72 -6.32
N SER A 74 7.64 3.07 -5.83
CA SER A 74 8.45 2.19 -6.67
C SER A 74 7.60 1.11 -7.33
N VAL A 75 6.90 0.32 -6.52
CA VAL A 75 6.04 -0.75 -7.02
C VAL A 75 5.08 -0.23 -8.10
N VAL A 76 4.41 0.89 -7.82
CA VAL A 76 3.46 1.47 -8.78
C VAL A 76 4.18 1.97 -10.02
N VAL A 77 5.30 2.68 -9.83
CA VAL A 77 6.10 3.20 -10.93
C VAL A 77 6.62 2.08 -11.82
N GLU A 78 7.02 0.97 -11.19
CA GLU A 78 7.54 -0.18 -11.92
C GLU A 78 6.39 -1.02 -12.48
N GLN A 79 5.30 -1.15 -11.70
CA GLN A 79 4.13 -1.90 -12.12
C GLN A 79 3.59 -1.40 -13.46
N LEU A 80 3.44 -2.32 -14.42
CA LEU A 80 2.94 -1.98 -15.75
C LEU A 80 1.45 -2.30 -15.87
N GLU A 81 0.95 -2.39 -17.10
CA GLU A 81 -0.47 -2.70 -17.34
C GLU A 81 -0.78 -4.17 -17.04
N GLU A 82 -0.58 -4.57 -15.79
CA GLU A 82 -0.85 -5.94 -15.37
C GLU A 82 -2.03 -5.98 -14.39
N SER A 83 -1.80 -5.48 -13.17
CA SER A 83 -2.85 -5.43 -12.15
C SER A 83 -3.27 -6.83 -11.68
N ARG A 84 -4.44 -6.91 -11.05
CA ARG A 84 -4.98 -8.17 -10.52
C ARG A 84 -4.01 -8.78 -9.51
N GLN A 85 -3.77 -8.06 -8.42
CA GLN A 85 -2.86 -8.52 -7.37
C GLN A 85 -1.42 -8.59 -7.89
N ARG A 86 -0.57 -9.34 -7.18
CA ARG A 86 0.84 -9.49 -7.58
C ARG A 86 1.61 -8.17 -7.46
N LEU A 87 2.92 -8.23 -7.70
CA LEU A 87 3.79 -7.05 -7.61
C LEU A 87 3.35 -6.06 -6.52
N SER A 88 3.43 -6.50 -5.27
CA SER A 88 3.06 -5.69 -4.12
C SER A 88 3.95 -6.00 -2.93
N ARG A 89 5.01 -5.21 -2.78
CA ARG A 89 5.99 -5.39 -1.68
C ARG A 89 7.05 -6.42 -2.06
N MET A 15 -3.56 18.37 -8.58
CA MET A 15 -2.52 19.21 -7.91
C MET A 15 -1.12 18.64 -8.14
N MET A 16 -0.85 17.46 -7.57
CA MET A 16 0.46 16.82 -7.71
C MET A 16 0.31 15.36 -8.15
N LYS A 17 1.44 14.72 -8.48
CA LYS A 17 1.44 13.31 -8.90
C LYS A 17 2.36 12.49 -8.01
N LEU A 18 1.82 11.43 -7.42
CA LEU A 18 2.61 10.56 -6.53
C LEU A 18 2.23 9.08 -6.73
N GLY A 19 1.05 8.70 -6.25
CA GLY A 19 0.60 7.33 -6.37
C GLY A 19 -0.91 7.20 -6.29
N LEU A 20 -1.50 6.50 -7.27
CA LEU A 20 -2.95 6.28 -7.34
C LEU A 20 -3.74 7.59 -7.27
N VAL A 21 -5.08 7.48 -7.20
CA VAL A 21 -5.97 8.65 -7.13
C VAL A 21 -6.04 9.40 -8.46
N ARG A 22 -7.26 9.52 -9.02
CA ARG A 22 -7.48 10.20 -10.29
C ARG A 22 -6.90 9.40 -11.47
N PHE A 23 -7.51 9.55 -12.64
CA PHE A 23 -7.05 8.83 -13.83
C PHE A 23 -5.54 9.02 -14.02
N SER A 24 -4.79 7.97 -13.69
CA SER A 24 -3.33 7.99 -13.80
C SER A 24 -2.74 6.63 -13.40
N MET A 25 -2.98 6.23 -12.15
CA MET A 25 -2.51 4.96 -11.64
C MET A 25 -3.62 4.24 -10.86
N LEU A 26 -4.03 3.08 -11.38
CA LEU A 26 -5.10 2.31 -10.74
C LEU A 26 -4.58 0.99 -10.16
N LEU A 27 -3.59 0.38 -10.83
CA LEU A 27 -3.00 -0.89 -10.39
C LEU A 27 -2.78 -0.91 -8.87
N ALA A 28 -2.29 0.20 -8.32
CA ALA A 28 -2.04 0.34 -6.89
C ALA A 28 -3.14 -0.33 -6.05
N LEU A 29 -4.40 -0.15 -6.48
CA LEU A 29 -5.56 -0.74 -5.78
C LEU A 29 -5.27 -2.18 -5.36
N ALA A 30 -4.60 -2.94 -6.22
CA ALA A 30 -4.26 -4.33 -5.93
C ALA A 30 -3.38 -4.43 -4.67
N LEU A 31 -2.35 -3.59 -4.60
CA LEU A 31 -1.46 -3.58 -3.44
C LEU A 31 -2.20 -3.08 -2.20
N VAL A 32 -2.91 -1.96 -2.35
CA VAL A 32 -3.68 -1.39 -1.24
C VAL A 32 -4.67 -2.42 -0.68
N VAL A 33 -5.49 -2.97 -1.57
CA VAL A 33 -6.48 -3.99 -1.18
C VAL A 33 -5.79 -5.17 -0.49
N LEU A 34 -4.81 -5.76 -1.18
CA LEU A 34 -4.07 -6.90 -0.62
C LEU A 34 -3.51 -6.57 0.77
N ALA A 35 -2.80 -5.45 0.86
CA ALA A 35 -2.22 -5.00 2.13
C ALA A 35 -3.29 -4.85 3.22
N ILE A 36 -4.33 -4.07 2.93
CA ILE A 36 -5.41 -3.85 3.89
C ILE A 36 -6.05 -5.17 4.31
N VAL A 37 -6.46 -5.98 3.32
CA VAL A 37 -7.09 -7.27 3.59
C VAL A 37 -6.18 -8.18 4.42
N VAL A 38 -4.95 -8.41 3.93
CA VAL A 38 -4.00 -9.26 4.63
C VAL A 38 -3.76 -8.76 6.06
N GLN A 39 -3.47 -7.46 6.19
CA GLN A 39 -3.23 -6.86 7.50
C GLN A 39 -4.43 -7.06 8.42
N MET A 40 -5.61 -6.65 7.96
CA MET A 40 -6.84 -6.79 8.74
C MET A 40 -7.03 -8.23 9.21
N ALA A 41 -7.00 -9.17 8.25
CA ALA A 41 -7.16 -10.58 8.56
C ALA A 41 -6.10 -11.05 9.56
N VAL A 42 -4.82 -10.80 9.25
CA VAL A 42 -3.71 -11.20 10.11
C VAL A 42 -3.89 -10.62 11.52
N THR A 43 -4.01 -9.31 11.63
CA THR A 43 -4.18 -8.64 12.93
C THR A 43 -5.44 -9.15 13.64
N MET A 44 -6.53 -9.31 12.90
CA MET A 44 -7.79 -9.81 13.48
C MET A 44 -7.62 -11.22 14.04
N VAL A 45 -7.00 -12.10 13.24
CA VAL A 45 -6.78 -13.50 13.66
C VAL A 45 -5.74 -13.59 14.79
N LEU A 46 -4.69 -12.77 14.69
CA LEU A 46 -3.63 -12.77 15.71
C LEU A 46 -4.17 -12.33 17.07
N HIS A 47 -3.99 -13.19 18.08
CA HIS A 47 -4.46 -12.89 19.43
C HIS A 47 -3.50 -13.47 20.48
N GLY A 48 -3.48 -12.86 21.65
CA GLY A 48 -2.59 -13.31 22.72
C GLY A 48 -1.17 -12.78 22.55
N GLN A 49 -0.57 -13.05 21.39
CA GLN A 49 0.80 -12.59 21.10
C GLN A 49 0.83 -11.08 20.85
N VAL A 50 0.58 -10.31 21.91
CA VAL A 50 0.58 -8.84 21.84
C VAL A 50 -0.09 -8.31 20.57
N GLU A 51 -1.41 -8.43 20.51
CA GLU A 51 -2.19 -7.97 19.36
C GLU A 51 -2.23 -6.43 19.28
N SER A 52 -1.05 -5.84 19.08
CA SER A 52 -0.91 -4.37 18.98
C SER A 52 -1.49 -3.66 20.21
N ILE A 53 -1.36 -4.28 21.38
CA ILE A 53 -1.88 -3.72 22.63
C ILE A 53 -0.80 -2.92 23.38
N ASP A 54 0.44 -3.37 23.31
CA ASP A 54 1.55 -2.70 23.99
C ASP A 54 1.98 -1.45 23.23
N VAL A 55 2.57 -1.64 22.05
CA VAL A 55 3.02 -0.51 21.22
C VAL A 55 1.83 0.20 20.55
N ILE A 56 0.97 0.79 21.37
CA ILE A 56 -0.21 1.52 20.87
C ILE A 56 0.17 2.88 20.30
N ARG A 57 0.96 2.87 19.22
CA ARG A 57 1.39 4.11 18.57
C ARG A 57 1.00 4.14 17.09
N SER A 58 -0.31 4.08 16.84
CA SER A 58 -0.84 4.09 15.46
C SER A 58 -0.30 5.29 14.67
N ILE A 59 -0.43 6.49 15.23
CA ILE A 59 0.05 7.72 14.59
C ILE A 59 1.46 7.56 14.03
N PHE A 60 2.30 6.77 14.73
CA PHE A 60 3.68 6.54 14.29
C PHE A 60 3.75 6.06 12.84
N PHE A 61 2.71 5.33 12.41
CA PHE A 61 2.65 4.83 11.03
C PHE A 61 2.99 5.93 10.02
N GLY A 62 2.56 7.16 10.32
CA GLY A 62 2.84 8.29 9.43
C GLY A 62 4.28 8.32 8.95
N LEU A 63 5.22 8.01 9.84
CA LEU A 63 6.65 7.99 9.50
C LEU A 63 6.91 7.06 8.30
N LEU A 64 6.25 5.90 8.29
CA LEU A 64 6.39 4.93 7.21
C LEU A 64 6.07 5.56 5.85
N ILE A 65 5.25 6.63 5.85
CA ILE A 65 4.89 7.33 4.62
C ILE A 65 6.14 7.71 3.81
N THR A 66 7.24 8.02 4.50
CA THR A 66 8.50 8.39 3.84
C THR A 66 9.01 7.22 2.98
N PRO A 67 9.43 6.10 3.61
CA PRO A 67 9.93 4.93 2.87
C PRO A 67 8.86 4.38 1.93
N TRP A 68 7.61 4.38 2.40
CA TRP A 68 6.48 3.90 1.61
C TRP A 68 6.37 4.70 0.32
N ALA A 69 6.24 6.02 0.46
CA ALA A 69 6.13 6.90 -0.71
C ALA A 69 7.29 6.68 -1.68
N VAL A 70 8.51 6.74 -1.16
CA VAL A 70 9.71 6.55 -2.00
C VAL A 70 9.66 5.22 -2.79
N TYR A 71 9.58 4.10 -2.06
CA TYR A 71 9.54 2.78 -2.69
C TYR A 71 8.30 2.60 -3.55
N PHE A 72 7.12 2.80 -2.94
CA PHE A 72 5.84 2.66 -3.63
C PHE A 72 5.80 3.52 -4.90
N LEU A 73 6.09 4.81 -4.76
CA LEU A 73 6.08 5.72 -5.90
C LEU A 73 7.05 5.24 -6.99
N SER A 74 8.31 5.05 -6.63
CA SER A 74 9.32 4.57 -7.59
C SER A 74 8.89 3.27 -8.26
N VAL A 75 8.54 2.28 -7.44
CA VAL A 75 8.11 0.98 -7.96
C VAL A 75 6.83 1.09 -8.79
N VAL A 76 5.74 1.54 -8.17
CA VAL A 76 4.46 1.70 -8.87
C VAL A 76 4.63 2.49 -10.16
N VAL A 77 5.30 3.65 -10.09
CA VAL A 77 5.54 4.46 -11.28
C VAL A 77 6.26 3.64 -12.35
N GLU A 78 7.30 2.91 -11.93
CA GLU A 78 8.08 2.07 -12.83
C GLU A 78 7.59 0.60 -12.75
N GLN A 79 6.27 0.43 -12.67
CA GLN A 79 5.67 -0.89 -12.58
C GLN A 79 4.59 -1.10 -13.65
N LEU A 80 4.48 -2.33 -14.15
CA LEU A 80 3.47 -2.65 -15.17
C LEU A 80 2.23 -3.29 -14.54
N GLU A 81 2.41 -4.50 -13.99
CA GLU A 81 1.32 -5.22 -13.34
C GLU A 81 1.45 -5.13 -11.82
N GLU A 82 1.24 -3.93 -11.28
CA GLU A 82 1.34 -3.71 -9.84
C GLU A 82 0.35 -4.61 -9.09
N SER A 83 0.84 -5.27 -8.03
CA SER A 83 0.02 -6.18 -7.22
C SER A 83 0.84 -6.83 -6.11
N ARG A 84 2.05 -7.27 -6.44
CA ARG A 84 2.93 -7.91 -5.46
C ARG A 84 4.41 -7.62 -5.72
N GLN A 85 4.84 -7.67 -6.99
CA GLN A 85 6.24 -7.43 -7.34
C GLN A 85 6.39 -6.63 -8.65
N ARG A 86 5.72 -7.10 -9.71
CA ARG A 86 5.80 -6.44 -11.01
C ARG A 86 4.80 -7.02 -12.01
N LEU A 87 4.56 -8.33 -11.94
CA LEU A 87 3.62 -9.00 -12.84
C LEU A 87 2.43 -9.56 -12.06
N SER A 88 1.31 -9.76 -12.76
CA SER A 88 0.10 -10.32 -12.14
C SER A 88 0.38 -11.64 -11.44
N ARG A 89 0.57 -11.59 -10.12
CA ARG A 89 0.87 -12.79 -9.34
C ARG A 89 0.68 -12.53 -7.84
N MET A 15 1.20 20.97 -7.42
CA MET A 15 0.77 20.14 -8.59
C MET A 15 1.60 18.88 -8.71
N MET A 16 0.95 17.76 -9.02
CA MET A 16 1.64 16.47 -9.16
C MET A 16 1.20 15.73 -10.42
N LYS A 17 1.88 14.63 -10.72
CA LYS A 17 1.56 13.82 -11.91
C LYS A 17 2.23 12.45 -11.83
N LEU A 18 1.42 11.39 -11.80
CA LEU A 18 1.92 10.02 -11.73
C LEU A 18 0.84 9.02 -12.14
N GLY A 19 1.23 8.02 -12.94
CA GLY A 19 0.28 7.02 -13.40
C GLY A 19 -0.54 7.46 -14.59
N LEU A 20 0.15 7.95 -15.63
CA LEU A 20 -0.50 8.41 -16.86
C LEU A 20 -1.14 9.81 -16.66
N VAL A 21 -2.15 10.14 -17.49
CA VAL A 21 -2.82 11.43 -17.40
C VAL A 21 -3.74 11.52 -16.18
N ARG A 22 -4.86 10.80 -16.22
CA ARG A 22 -5.83 10.81 -15.13
C ARG A 22 -6.57 9.47 -15.01
N PHE A 23 -6.44 8.83 -13.85
CA PHE A 23 -7.09 7.53 -13.59
C PHE A 23 -6.47 6.41 -14.45
N SER A 24 -5.62 5.60 -13.83
CA SER A 24 -4.96 4.50 -14.52
C SER A 24 -4.23 3.59 -13.54
N MET A 25 -3.58 2.55 -14.07
CA MET A 25 -2.83 1.60 -13.24
C MET A 25 -3.73 0.96 -12.16
N LEU A 26 -4.82 0.33 -12.61
CA LEU A 26 -5.76 -0.32 -11.69
C LEU A 26 -5.03 -1.14 -10.62
N LEU A 27 -3.95 -1.82 -11.04
CA LEU A 27 -3.14 -2.64 -10.13
C LEU A 27 -2.92 -1.95 -8.78
N ALA A 28 -2.62 -0.65 -8.81
CA ALA A 28 -2.40 0.11 -7.58
C ALA A 28 -3.51 -0.15 -6.57
N LEU A 29 -4.76 -0.05 -7.03
CA LEU A 29 -5.93 -0.32 -6.16
C LEU A 29 -5.77 -1.68 -5.47
N ALA A 30 -5.26 -2.66 -6.22
CA ALA A 30 -5.03 -4.00 -5.69
C ALA A 30 -3.94 -3.97 -4.61
N LEU A 31 -2.94 -3.10 -4.80
CA LEU A 31 -1.85 -2.96 -3.84
C LEU A 31 -2.40 -2.44 -2.51
N VAL A 32 -3.20 -1.37 -2.59
CA VAL A 32 -3.81 -0.78 -1.41
C VAL A 32 -4.78 -1.77 -0.77
N VAL A 33 -5.69 -2.32 -1.59
CA VAL A 33 -6.68 -3.29 -1.12
C VAL A 33 -5.97 -4.46 -0.44
N LEU A 34 -4.96 -5.03 -1.11
CA LEU A 34 -4.20 -6.15 -0.55
C LEU A 34 -3.54 -5.74 0.76
N ALA A 35 -2.87 -4.58 0.76
CA ALA A 35 -2.22 -4.08 1.97
C ALA A 35 -3.23 -4.01 3.12
N ILE A 36 -4.40 -3.44 2.84
CA ILE A 36 -5.47 -3.34 3.84
C ILE A 36 -5.93 -4.74 4.27
N VAL A 37 -6.19 -5.60 3.30
CA VAL A 37 -6.60 -6.98 3.57
C VAL A 37 -5.61 -7.67 4.50
N VAL A 38 -4.32 -7.57 4.17
CA VAL A 38 -3.26 -8.17 4.98
C VAL A 38 -3.30 -7.63 6.41
N GLN A 39 -3.28 -6.31 6.55
CA GLN A 39 -3.33 -5.67 7.87
C GLN A 39 -4.57 -6.11 8.65
N MET A 40 -5.73 -6.09 7.99
CA MET A 40 -6.98 -6.50 8.61
C MET A 40 -6.93 -7.97 9.03
N ALA A 41 -6.49 -8.82 8.11
CA ALA A 41 -6.37 -10.26 8.37
C ALA A 41 -5.44 -10.51 9.56
N VAL A 42 -4.24 -9.93 9.49
CA VAL A 42 -3.26 -10.07 10.57
C VAL A 42 -3.84 -9.56 11.89
N THR A 43 -4.43 -8.36 11.84
CA THR A 43 -5.05 -7.76 13.03
C THR A 43 -6.09 -8.71 13.62
N MET A 44 -6.99 -9.21 12.76
CA MET A 44 -8.02 -10.15 13.19
C MET A 44 -7.39 -11.41 13.80
N VAL A 45 -6.41 -11.97 13.09
CA VAL A 45 -5.70 -13.17 13.56
C VAL A 45 -5.03 -12.92 14.91
N LEU A 46 -4.43 -11.74 15.07
CA LEU A 46 -3.77 -11.36 16.31
C LEU A 46 -4.73 -11.37 17.50
N HIS A 47 -5.80 -10.55 17.39
CA HIS A 47 -6.82 -10.46 18.43
C HIS A 47 -6.26 -9.85 19.73
N GLY A 48 -6.68 -8.61 20.03
CA GLY A 48 -6.22 -7.94 21.24
C GLY A 48 -6.74 -6.53 21.38
N GLN A 49 -5.98 -5.56 20.85
CA GLN A 49 -6.38 -4.15 20.91
C GLN A 49 -6.11 -3.45 19.59
N VAL A 50 -4.84 -3.35 19.21
CA VAL A 50 -4.44 -2.71 17.96
C VAL A 50 -3.31 -3.47 17.28
N GLU A 51 -3.20 -3.31 15.96
CA GLU A 51 -2.16 -3.98 15.17
C GLU A 51 -0.77 -3.57 15.66
N SER A 52 0.00 -4.53 16.16
CA SER A 52 1.35 -4.25 16.67
C SER A 52 2.09 -5.53 17.06
N ILE A 53 3.31 -5.69 16.57
CA ILE A 53 4.13 -6.87 16.87
C ILE A 53 5.12 -6.60 18.01
N ASP A 54 5.70 -5.41 18.01
CA ASP A 54 6.66 -5.02 19.05
C ASP A 54 6.03 -4.05 20.05
N VAL A 55 5.78 -2.82 19.60
CA VAL A 55 5.18 -1.80 20.47
C VAL A 55 3.87 -1.29 19.86
N ILE A 56 2.89 -1.02 20.72
CA ILE A 56 1.58 -0.52 20.27
C ILE A 56 1.67 0.95 19.85
N ARG A 57 1.96 1.19 18.58
CA ARG A 57 2.09 2.55 18.06
C ARG A 57 1.63 2.64 16.60
N SER A 58 0.31 2.64 16.39
CA SER A 58 -0.27 2.72 15.06
C SER A 58 0.12 4.02 14.35
N ILE A 59 -0.09 5.16 15.03
CA ILE A 59 0.25 6.46 14.46
C ILE A 59 1.67 6.49 13.90
N PHE A 60 2.60 5.81 14.59
CA PHE A 60 3.99 5.73 14.16
C PHE A 60 4.07 5.30 12.70
N PHE A 61 3.21 4.35 12.31
CA PHE A 61 3.16 3.85 10.93
C PHE A 61 3.22 5.01 9.93
N GLY A 62 2.51 6.09 10.25
CA GLY A 62 2.51 7.27 9.39
C GLY A 62 3.90 7.64 8.94
N LEU A 63 4.84 7.72 9.89
CA LEU A 63 6.23 8.06 9.57
C LEU A 63 6.79 7.05 8.56
N LEU A 64 6.43 5.78 8.74
CA LEU A 64 6.87 4.72 7.82
C LEU A 64 6.34 4.98 6.41
N ILE A 65 5.20 5.68 6.32
CA ILE A 65 4.60 5.99 5.03
C ILE A 65 5.53 6.89 4.20
N THR A 66 6.45 7.61 4.86
CA THR A 66 7.38 8.48 4.14
C THR A 66 8.29 7.64 3.23
N PRO A 67 9.15 6.76 3.80
CA PRO A 67 10.02 5.90 3.01
C PRO A 67 9.22 4.92 2.15
N TRP A 68 8.13 4.40 2.73
CA TRP A 68 7.25 3.47 2.03
C TRP A 68 6.64 4.15 0.80
N ALA A 69 6.19 5.39 0.97
CA ALA A 69 5.61 6.15 -0.13
C ALA A 69 6.65 6.36 -1.24
N VAL A 70 7.86 6.75 -0.83
CA VAL A 70 8.95 6.95 -1.79
C VAL A 70 9.20 5.66 -2.59
N TYR A 71 9.29 4.53 -1.87
CA TYR A 71 9.51 3.24 -2.51
C TYR A 71 8.32 2.86 -3.40
N PHE A 72 7.11 2.93 -2.84
CA PHE A 72 5.88 2.61 -3.57
C PHE A 72 5.75 3.47 -4.83
N LEU A 73 5.88 4.78 -4.67
CA LEU A 73 5.80 5.71 -5.79
C LEU A 73 6.83 5.32 -6.86
N SER A 74 8.05 5.05 -6.41
CA SER A 74 9.12 4.63 -7.32
C SER A 74 8.67 3.36 -8.05
N VAL A 75 8.23 2.37 -7.27
CA VAL A 75 7.74 1.12 -7.83
C VAL A 75 6.65 1.39 -8.88
N VAL A 76 5.74 2.32 -8.55
CA VAL A 76 4.68 2.71 -9.48
C VAL A 76 5.29 3.15 -10.82
N VAL A 77 6.28 4.03 -10.74
CA VAL A 77 6.97 4.52 -11.94
C VAL A 77 7.71 3.37 -12.64
N GLU A 78 8.30 2.48 -11.84
CA GLU A 78 9.04 1.33 -12.37
C GLU A 78 8.08 0.30 -12.98
N GLN A 79 7.01 -0.02 -12.25
CA GLN A 79 6.01 -0.99 -12.71
C GLN A 79 5.19 -0.42 -13.87
N LEU A 80 5.65 -0.68 -15.10
CA LEU A 80 4.96 -0.19 -16.30
C LEU A 80 3.46 -0.54 -16.24
N GLU A 81 2.62 0.49 -16.12
CA GLU A 81 1.18 0.29 -16.04
C GLU A 81 0.57 -0.06 -17.41
N GLU A 82 1.05 -1.13 -18.02
CA GLU A 82 0.56 -1.57 -19.33
C GLU A 82 0.65 -3.09 -19.48
N SER A 83 1.85 -3.60 -19.77
CA SER A 83 2.06 -5.03 -19.95
C SER A 83 2.59 -5.68 -18.67
N ARG A 84 2.13 -6.91 -18.40
CA ARG A 84 2.56 -7.64 -17.22
C ARG A 84 1.99 -7.04 -15.93
N GLN A 85 2.41 -7.57 -14.79
CA GLN A 85 1.95 -7.10 -13.49
C GLN A 85 3.08 -7.13 -12.44
N ARG A 86 2.73 -6.93 -11.17
CA ARG A 86 3.72 -6.94 -10.09
C ARG A 86 4.55 -8.24 -10.11
N LEU A 87 5.85 -8.10 -10.33
CA LEU A 87 6.76 -9.24 -10.38
C LEU A 87 8.17 -8.85 -9.92
N SER A 88 8.23 -8.11 -8.82
CA SER A 88 9.51 -7.66 -8.25
C SER A 88 9.67 -8.16 -6.82
N ARG A 89 8.67 -7.87 -5.98
CA ARG A 89 8.67 -8.30 -4.57
C ARG A 89 7.36 -7.92 -3.89
N MET A 15 0.57 8.72 -25.09
CA MET A 15 0.54 7.25 -25.34
C MET A 15 0.11 6.48 -24.08
N MET A 16 0.95 6.49 -23.05
CA MET A 16 0.65 5.81 -21.79
C MET A 16 0.59 6.79 -20.63
N LYS A 17 0.27 6.29 -19.44
CA LYS A 17 0.17 7.13 -18.24
C LYS A 17 1.56 7.58 -17.78
N LEU A 18 2.38 6.62 -17.32
CA LEU A 18 3.73 6.92 -16.84
C LEU A 18 3.71 8.06 -15.82
N GLY A 19 2.79 7.97 -14.85
CA GLY A 19 2.66 9.00 -13.84
C GLY A 19 1.86 10.18 -14.35
N LEU A 20 0.74 9.88 -15.01
CA LEU A 20 -0.13 10.92 -15.58
C LEU A 20 -0.90 11.68 -14.51
N VAL A 21 -1.06 12.97 -14.72
CA VAL A 21 -1.78 13.82 -13.77
C VAL A 21 -3.28 13.51 -13.80
N ARG A 22 -3.88 13.45 -12.62
CA ARG A 22 -5.32 13.16 -12.48
C ARG A 22 -5.64 11.70 -12.84
N PHE A 23 -5.37 10.80 -11.89
CA PHE A 23 -5.64 9.36 -12.06
C PHE A 23 -4.62 8.68 -12.98
N SER A 24 -3.61 8.06 -12.36
CA SER A 24 -2.57 7.35 -13.10
C SER A 24 -2.15 6.09 -12.36
N MET A 25 -1.75 5.07 -13.10
CA MET A 25 -1.32 3.79 -12.50
C MET A 25 -2.44 3.17 -11.68
N LEU A 26 -3.64 3.09 -12.28
CA LEU A 26 -4.82 2.51 -11.61
C LEU A 26 -4.47 1.23 -10.84
N LEU A 27 -3.61 0.40 -11.44
CA LEU A 27 -3.18 -0.85 -10.82
C LEU A 27 -2.76 -0.67 -9.36
N ALA A 28 -2.23 0.52 -9.02
CA ALA A 28 -1.81 0.82 -7.66
C ALA A 28 -2.88 0.38 -6.65
N LEU A 29 -4.14 0.57 -7.01
CA LEU A 29 -5.26 0.18 -6.14
C LEU A 29 -5.08 -1.26 -5.64
N ALA A 30 -4.61 -2.14 -6.52
CA ALA A 30 -4.36 -3.54 -6.16
C ALA A 30 -3.34 -3.62 -5.02
N LEU A 31 -2.30 -2.77 -5.08
CA LEU A 31 -1.29 -2.73 -4.04
C LEU A 31 -1.93 -2.29 -2.72
N VAL A 32 -2.77 -1.26 -2.79
CA VAL A 32 -3.48 -0.76 -1.61
C VAL A 32 -4.36 -1.86 -1.02
N VAL A 33 -5.19 -2.47 -1.89
CA VAL A 33 -6.08 -3.55 -1.47
C VAL A 33 -5.29 -4.69 -0.82
N LEU A 34 -4.29 -5.19 -1.54
CA LEU A 34 -3.44 -6.27 -1.03
C LEU A 34 -2.87 -5.88 0.34
N ALA A 35 -2.35 -4.65 0.44
CA ALA A 35 -1.79 -4.15 1.69
C ALA A 35 -2.85 -4.17 2.79
N ILE A 36 -4.02 -3.60 2.51
CA ILE A 36 -5.13 -3.57 3.47
C ILE A 36 -5.50 -4.98 3.92
N VAL A 37 -5.68 -5.88 2.95
CA VAL A 37 -6.02 -7.27 3.25
C VAL A 37 -4.95 -7.93 4.12
N VAL A 38 -3.70 -7.88 3.66
CA VAL A 38 -2.58 -8.45 4.40
C VAL A 38 -2.50 -7.87 5.81
N GLN A 39 -2.54 -6.53 5.90
CA GLN A 39 -2.50 -5.83 7.18
C GLN A 39 -3.64 -6.31 8.08
N MET A 40 -4.88 -6.16 7.61
CA MET A 40 -6.06 -6.59 8.36
C MET A 40 -5.90 -8.02 8.83
N ALA A 41 -5.54 -8.92 7.91
CA ALA A 41 -5.34 -10.33 8.23
C ALA A 41 -4.38 -10.47 9.42
N VAL A 42 -3.22 -9.81 9.32
CA VAL A 42 -2.22 -9.84 10.39
C VAL A 42 -2.81 -9.31 11.70
N THR A 43 -3.40 -8.10 11.64
CA THR A 43 -4.02 -7.48 12.80
C THR A 43 -5.07 -8.39 13.42
N MET A 44 -5.81 -9.12 12.57
CA MET A 44 -6.85 -10.03 13.03
C MET A 44 -6.26 -11.29 13.67
N VAL A 45 -5.38 -11.98 12.94
CA VAL A 45 -4.76 -13.21 13.45
C VAL A 45 -3.90 -12.96 14.69
N LEU A 46 -3.21 -11.81 14.72
CA LEU A 46 -2.38 -11.46 15.87
C LEU A 46 -3.24 -11.00 17.04
N HIS A 47 -3.20 -11.74 18.14
CA HIS A 47 -3.98 -11.41 19.32
C HIS A 47 -3.13 -11.46 20.60
N GLY A 48 -3.64 -10.84 21.67
CA GLY A 48 -2.91 -10.81 22.93
C GLY A 48 -2.00 -9.60 23.03
N GLN A 49 -2.53 -8.44 22.67
CA GLN A 49 -1.78 -7.19 22.70
C GLN A 49 -2.64 -6.03 23.21
N VAL A 50 -2.06 -4.83 23.26
CA VAL A 50 -2.78 -3.64 23.72
C VAL A 50 -3.74 -3.10 22.64
N GLU A 51 -4.10 -1.82 22.74
CA GLU A 51 -5.01 -1.19 21.76
C GLU A 51 -4.44 -1.28 20.34
N SER A 52 -4.96 -2.25 19.56
CA SER A 52 -4.53 -2.47 18.18
C SER A 52 -3.14 -3.11 18.14
N ILE A 53 -2.89 -3.92 17.11
CA ILE A 53 -1.59 -4.58 16.94
C ILE A 53 -0.54 -3.60 16.43
N ASP A 54 -0.23 -2.60 17.26
CA ASP A 54 0.76 -1.58 16.91
C ASP A 54 1.10 -0.71 18.14
N VAL A 55 1.86 0.36 17.91
CA VAL A 55 2.24 1.26 18.99
C VAL A 55 1.10 2.22 19.31
N ILE A 56 0.89 2.50 20.60
CA ILE A 56 -0.18 3.41 21.03
C ILE A 56 0.08 4.83 20.54
N ARG A 57 -0.06 5.03 19.23
CA ARG A 57 0.17 6.33 18.61
C ARG A 57 -0.18 6.27 17.11
N SER A 58 -1.43 6.56 16.77
CA SER A 58 -1.86 6.53 15.36
C SER A 58 -0.89 7.30 14.46
N ILE A 59 -0.58 8.54 14.86
CA ILE A 59 0.35 9.39 14.09
C ILE A 59 1.68 8.68 13.84
N PHE A 60 2.14 7.90 14.82
CA PHE A 60 3.39 7.15 14.69
C PHE A 60 3.36 6.27 13.43
N PHE A 61 2.18 5.73 13.11
CA PHE A 61 2.02 4.90 11.93
C PHE A 61 2.56 5.61 10.69
N GLY A 62 2.41 6.94 10.65
CA GLY A 62 2.91 7.73 9.54
C GLY A 62 4.35 7.41 9.21
N LEU A 63 5.14 7.04 10.22
CA LEU A 63 6.53 6.68 10.01
C LEU A 63 6.65 5.60 8.94
N LEU A 64 5.77 4.59 9.03
CA LEU A 64 5.74 3.50 8.06
C LEU A 64 5.41 4.03 6.66
N ILE A 65 4.69 5.15 6.59
CA ILE A 65 4.34 5.77 5.33
C ILE A 65 5.59 6.21 4.56
N THR A 66 6.70 6.45 5.26
CA THR A 66 7.94 6.86 4.59
C THR A 66 8.40 5.76 3.63
N PRO A 67 8.75 4.56 4.14
CA PRO A 67 9.18 3.43 3.30
C PRO A 67 8.03 2.98 2.37
N TRP A 68 6.81 2.97 2.91
CA TRP A 68 5.63 2.57 2.14
C TRP A 68 5.44 3.48 0.94
N ALA A 69 5.58 4.80 1.16
CA ALA A 69 5.44 5.77 0.09
C ALA A 69 6.55 5.58 -0.94
N VAL A 70 7.78 5.42 -0.45
CA VAL A 70 8.93 5.21 -1.33
C VAL A 70 8.70 3.97 -2.21
N TYR A 71 8.36 2.85 -1.56
CA TYR A 71 8.10 1.61 -2.28
C TYR A 71 6.90 1.76 -3.22
N PHE A 72 5.79 2.27 -2.68
CA PHE A 72 4.57 2.47 -3.48
C PHE A 72 4.87 3.33 -4.70
N LEU A 73 5.57 4.44 -4.51
CA LEU A 73 5.93 5.34 -5.60
C LEU A 73 6.76 4.61 -6.65
N SER A 74 7.81 3.91 -6.20
CA SER A 74 8.67 3.14 -7.09
C SER A 74 7.86 2.09 -7.85
N VAL A 75 7.16 1.24 -7.11
CA VAL A 75 6.32 0.20 -7.72
C VAL A 75 5.33 0.82 -8.71
N VAL A 76 4.62 1.86 -8.28
CA VAL A 76 3.66 2.54 -9.14
C VAL A 76 4.35 3.05 -10.41
N VAL A 77 5.44 3.80 -10.23
CA VAL A 77 6.20 4.33 -11.37
C VAL A 77 6.48 3.23 -12.39
N GLU A 78 6.91 2.07 -11.90
CA GLU A 78 7.21 0.93 -12.77
C GLU A 78 5.93 0.21 -13.20
N GLN A 79 4.97 0.10 -12.28
CA GLN A 79 3.69 -0.57 -12.56
C GLN A 79 3.00 0.01 -13.80
N LEU A 80 3.01 1.35 -13.93
CA LEU A 80 2.39 2.03 -15.07
C LEU A 80 0.95 1.54 -15.28
N GLU A 81 0.77 0.58 -16.20
CA GLU A 81 -0.55 0.01 -16.48
C GLU A 81 -0.42 -1.20 -17.42
N GLU A 82 0.62 -2.03 -17.17
CA GLU A 82 0.86 -3.21 -17.99
C GLU A 82 0.06 -4.41 -17.50
N SER A 83 -1.27 -4.31 -17.58
CA SER A 83 -2.15 -5.38 -17.14
C SER A 83 -1.89 -5.73 -15.67
N ARG A 84 -2.18 -6.96 -15.26
CA ARG A 84 -1.97 -7.37 -13.88
C ARG A 84 -0.52 -7.81 -13.65
N GLN A 85 0.22 -7.04 -12.84
CA GLN A 85 1.61 -7.34 -12.55
C GLN A 85 1.83 -8.84 -12.30
N ARG A 86 2.54 -9.50 -13.21
CA ARG A 86 2.80 -10.94 -13.11
C ARG A 86 3.87 -11.26 -12.06
N LEU A 87 4.71 -10.29 -11.72
CA LEU A 87 5.77 -10.51 -10.73
C LEU A 87 6.15 -9.20 -10.04
N SER A 88 5.33 -8.78 -9.09
CA SER A 88 5.56 -7.54 -8.33
C SER A 88 6.90 -7.59 -7.59
N ARG A 89 7.16 -8.70 -6.91
CA ARG A 89 8.40 -8.88 -6.15
C ARG A 89 8.39 -7.98 -4.90
#